data_8TJ4
#
_entry.id   8TJ4
#
_cell.length_a   100.655
_cell.length_b   100.655
_cell.length_c   687.903
_cell.angle_alpha   90.00
_cell.angle_beta   90.00
_cell.angle_gamma   120.00
#
_symmetry.space_group_name_H-M   'H 3'
#
loop_
_entity.id
_entity.type
_entity.pdbx_description
1 polymer 'Hemagglutinin HA1 chain'
2 polymer 'Hemagglutinin HA2 chain'
3 branched 2-acetamido-2-deoxy-beta-D-glucopyranose-(1-4)-2-acetamido-2-deoxy-beta-D-glucopyranose
4 branched beta-D-mannopyranose-(1-4)-2-acetamido-2-deoxy-beta-D-glucopyranose-(1-4)-2-acetamido-2-deoxy-beta-D-glucopyranose
5 branched alpha-D-mannopyranose-(1-3)-[alpha-D-mannopyranose-(1-6)]beta-D-mannopyranose-(1-4)-2-acetamido-2-deoxy-beta-D-glucopyranose-(1-4)-2-acetamido-2-deoxy-beta-D-glucopyranose
6 branched alpha-L-fucopyranose-(1-3)-[2-acetamido-2-deoxy-beta-D-glucopyranose-(1-4)][alpha-L-fucopyranose-(1-6)]2-acetamido-2-deoxy-beta-D-glucopyranose
7 branched alpha-D-mannopyranose-(1-3)-alpha-D-mannopyranose-(1-6)-[alpha-D-mannopyranose-(1-3)]beta-D-mannopyranose-(1-4)-2-acetamido-2-deoxy-beta-D-glucopyranose-(1-4)-2-acetamido-2-deoxy-beta-D-glucopyranose
8 branched 'N-acetyl-alpha-neuraminic acid-(2-6)-beta-D-galactopyranose-(1-4)-2-acetamido-2-deoxy-beta-D-glucopyranose'
9 branched 'N-acetyl-alpha-neuraminic acid-(2-6)-beta-D-galactopyranose'
10 non-polymer 2-acetamido-2-deoxy-beta-D-glucopyranose
11 non-polymer 'TETRAETHYLENE GLYCOL'
12 non-polymer 2-(2-METHOXYETHOXY)ETHANOL
13 non-polymer DI(HYDROXYETHYL)ETHER
14 water water
#
loop_
_entity_poly.entity_id
_entity_poly.type
_entity_poly.pdbx_seq_one_letter_code
_entity_poly.pdbx_strand_id
1 'polypeptide(L)'
;ADPGATLCLGHHAVPNGTLVKTITNDQIEVTNATELVQSSSTGRICDSPHRILDGKNCTLIDALLGDPHCDGFQNEKWDL
FVERSKAFSNCYPYDVPDYASLRSLVASSGTLEFINEGFNWTGVTQSGGSYACKRGSDNSFFSRLNWLYESESKYPVLNV
TMPNNGNFDKLYIWGVHHPSTDKEQTNLYVRASGRVTVSTKRSQQTIIPNIGSRPWVRGLSSRISIYWTIVKPGDILLIN
SNGNLIAPRGYFKIRTGKSSIMRSDAPIGTCSSECITPNGSIPNDKPFQNVNKITYGACPKYVKQNTLKLATGMRNVPEK
QTR
;
A,C,E,G
2 'polypeptide(L)'
;GIFGAIAGFIENGWEGMVDGWYGFRHQNSEGTGQAADLKSTQAAIDQINGKLNRVIEKTNEKFHQIEKEFSEVEGRIQDL
EKYVEDTKIDLWSYNAELLVALENQHTIDLTDSEMNKLFEKTRRQLRENAEDMGNGCFKIYHKCDNACIGSIRNGTYDHD
VYRDEALNNRFQIK
;
B,D,F,H
#
loop_
_chem_comp.id
_chem_comp.type
_chem_comp.name
_chem_comp.formula
BMA D-saccharide, beta linking beta-D-mannopyranose 'C6 H12 O6'
FUC L-saccharide, alpha linking alpha-L-fucopyranose 'C6 H12 O5'
GAL D-saccharide, beta linking beta-D-galactopyranose 'C6 H12 O6'
MAN D-saccharide, alpha linking alpha-D-mannopyranose 'C6 H12 O6'
NAG D-saccharide, beta linking 2-acetamido-2-deoxy-beta-D-glucopyranose 'C8 H15 N O6'
PEG non-polymer DI(HYDROXYETHYL)ETHER 'C4 H10 O3'
PG0 non-polymer 2-(2-METHOXYETHOXY)ETHANOL 'C5 H12 O3'
PG4 non-polymer 'TETRAETHYLENE GLYCOL' 'C8 H18 O5'
SIA D-saccharide, alpha linking 'N-acetyl-alpha-neuraminic acid' 'C11 H19 N O9'
#
# COMPACT_ATOMS: atom_id res chain seq x y z
N PRO A 3 -52.46 -96.68 59.68
CA PRO A 3 -51.63 -96.05 60.68
C PRO A 3 -50.26 -95.60 60.15
N GLY A 4 -50.24 -94.46 59.46
CA GLY A 4 -49.01 -93.96 58.88
C GLY A 4 -49.20 -92.59 58.29
N ALA A 5 -48.22 -92.17 57.49
CA ALA A 5 -48.25 -90.85 56.89
C ALA A 5 -47.63 -90.94 55.50
N THR A 6 -47.83 -89.89 54.72
CA THR A 6 -47.18 -89.72 53.43
C THR A 6 -46.44 -88.39 53.45
N LEU A 7 -45.19 -88.40 52.96
CA LEU A 7 -44.40 -87.18 52.88
C LEU A 7 -43.86 -87.05 51.47
N CYS A 8 -44.28 -86.01 50.75
CA CYS A 8 -43.93 -85.80 49.36
C CYS A 8 -42.97 -84.63 49.22
N LEU A 9 -41.90 -84.84 48.48
CA LEU A 9 -40.92 -83.81 48.17
C LEU A 9 -41.30 -83.17 46.85
N GLY A 10 -40.99 -81.89 46.69
CA GLY A 10 -41.40 -81.27 45.43
C GLY A 10 -40.83 -79.88 45.28
N HIS A 11 -41.22 -79.24 44.19
CA HIS A 11 -40.64 -77.96 43.81
C HIS A 11 -41.76 -77.06 43.31
N HIS A 12 -41.45 -75.77 43.19
CA HIS A 12 -42.50 -74.85 42.82
C HIS A 12 -42.67 -74.82 41.29
N ALA A 13 -43.71 -74.13 40.86
CA ALA A 13 -43.91 -73.80 39.45
C ALA A 13 -44.63 -72.46 39.39
N VAL A 14 -44.64 -71.87 38.21
CA VAL A 14 -45.38 -70.62 38.00
C VAL A 14 -46.36 -70.80 36.84
N PRO A 15 -47.48 -70.08 36.82
CA PRO A 15 -48.40 -70.21 35.68
C PRO A 15 -47.86 -69.57 34.40
N ASN A 16 -46.85 -68.69 34.50
CA ASN A 16 -46.36 -67.89 33.38
C ASN A 16 -44.85 -68.09 33.23
N GLY A 17 -44.44 -69.23 32.68
CA GLY A 17 -43.03 -69.51 32.50
C GLY A 17 -42.45 -68.75 31.31
N THR A 18 -41.15 -68.89 31.10
CA THR A 18 -40.51 -68.19 29.99
C THR A 18 -39.55 -69.13 29.26
N LEU A 19 -39.54 -69.05 27.92
CA LEU A 19 -38.76 -69.99 27.13
C LEU A 19 -37.32 -69.52 27.02
N VAL A 20 -36.38 -70.45 27.20
CA VAL A 20 -34.94 -70.17 27.04
C VAL A 20 -34.33 -71.23 26.13
N LYS A 21 -33.11 -70.95 25.66
CA LYS A 21 -32.31 -71.87 24.89
C LYS A 21 -31.28 -72.57 25.77
N THR A 22 -30.97 -73.81 25.44
CA THR A 22 -29.94 -74.56 26.13
C THR A 22 -29.04 -75.22 25.09
N ILE A 23 -28.09 -76.01 25.57
CA ILE A 23 -27.23 -76.77 24.66
C ILE A 23 -28.06 -77.73 23.83
N THR A 24 -29.06 -78.35 24.44
CA THR A 24 -29.86 -79.41 23.85
C THR A 24 -31.25 -78.99 23.38
N ASN A 25 -31.73 -77.79 23.71
CA ASN A 25 -33.11 -77.40 23.47
C ASN A 25 -33.17 -75.97 22.96
N ASP A 26 -33.75 -75.78 21.77
CA ASP A 26 -33.98 -74.44 21.26
C ASP A 26 -34.96 -73.66 22.13
N GLN A 27 -35.89 -74.34 22.77
CA GLN A 27 -36.93 -73.67 23.56
C GLN A 27 -37.35 -74.59 24.69
N ILE A 28 -37.02 -74.21 25.91
CA ILE A 28 -37.45 -74.95 27.08
C ILE A 28 -37.90 -73.94 28.13
N GLU A 29 -38.97 -74.27 28.84
CA GLU A 29 -39.60 -73.33 29.76
C GLU A 29 -39.01 -73.44 31.16
N VAL A 30 -38.56 -72.30 31.67
CA VAL A 30 -38.05 -72.18 33.03
C VAL A 30 -38.98 -71.22 33.77
N THR A 31 -38.82 -71.13 35.10
CA THR A 31 -39.75 -70.29 35.87
C THR A 31 -39.49 -68.81 35.67
N ASN A 32 -38.25 -68.42 35.40
CA ASN A 32 -37.93 -67.02 35.19
C ASN A 32 -36.64 -66.92 34.40
N ALA A 33 -36.40 -65.75 33.84
CA ALA A 33 -35.20 -65.49 33.06
C ALA A 33 -34.95 -63.99 33.10
N THR A 34 -33.73 -63.60 32.72
CA THR A 34 -33.41 -62.18 32.66
C THR A 34 -32.76 -61.88 31.31
N GLU A 35 -33.01 -60.66 30.81
CA GLU A 35 -32.57 -60.27 29.47
C GLU A 35 -31.12 -59.83 29.49
N LEU A 36 -30.29 -60.40 28.62
CA LEU A 36 -28.89 -60.03 28.56
C LEU A 36 -28.54 -59.06 27.42
N VAL A 37 -29.45 -58.75 26.50
CA VAL A 37 -29.14 -57.84 25.39
C VAL A 37 -29.92 -56.55 25.57
N GLN A 38 -29.19 -55.44 25.74
CA GLN A 38 -29.79 -54.11 25.78
C GLN A 38 -30.21 -53.70 24.38
N SER A 39 -31.51 -53.51 24.16
CA SER A 39 -32.04 -53.26 22.83
C SER A 39 -32.76 -51.93 22.70
N SER A 40 -32.83 -51.11 23.75
CA SER A 40 -33.53 -49.85 23.65
C SER A 40 -32.61 -48.71 24.10
N SER A 41 -32.98 -47.50 23.69
CA SER A 41 -32.34 -46.28 24.14
C SER A 41 -33.40 -45.23 24.41
N THR A 42 -33.15 -44.36 25.41
CA THR A 42 -34.02 -43.20 25.61
C THR A 42 -33.93 -42.19 24.47
N GLY A 43 -32.90 -42.25 23.63
CA GLY A 43 -32.77 -41.33 22.52
C GLY A 43 -32.04 -40.05 22.85
N ARG A 44 -31.53 -39.89 24.08
CA ARG A 44 -30.82 -38.71 24.52
C ARG A 44 -29.41 -39.09 24.90
N ILE A 45 -28.45 -38.23 24.56
CA ILE A 45 -27.08 -38.38 25.03
C ILE A 45 -26.96 -37.68 26.39
N CYS A 46 -26.76 -38.44 27.45
CA CYS A 46 -26.60 -37.88 28.79
C CYS A 46 -25.31 -37.04 28.89
N ASP A 47 -25.43 -35.85 29.50
CA ASP A 47 -24.31 -34.91 29.53
C ASP A 47 -23.34 -35.18 30.68
N SER A 48 -23.60 -36.20 31.49
CA SER A 48 -22.69 -36.70 32.50
C SER A 48 -22.49 -38.19 32.30
N PRO A 49 -21.35 -38.75 32.73
CA PRO A 49 -20.18 -38.11 33.35
C PRO A 49 -19.12 -37.60 32.34
N HIS A 50 -19.31 -37.84 31.05
CA HIS A 50 -18.33 -37.43 30.06
C HIS A 50 -18.60 -35.99 29.61
N ARG A 51 -17.52 -35.26 29.27
CA ARG A 51 -17.68 -33.90 28.76
C ARG A 51 -18.10 -33.96 27.29
N ILE A 52 -19.37 -33.64 27.03
CA ILE A 52 -19.94 -33.65 25.69
C ILE A 52 -19.79 -32.24 25.11
N LEU A 53 -19.24 -32.14 23.90
CA LEU A 53 -19.21 -30.89 23.16
C LEU A 53 -20.07 -31.07 21.90
N ASP A 54 -21.21 -30.39 21.86
CA ASP A 54 -22.09 -30.42 20.69
C ASP A 54 -21.50 -29.54 19.59
N GLY A 55 -21.11 -30.16 18.48
CA GLY A 55 -20.54 -29.41 17.36
C GLY A 55 -21.52 -28.52 16.64
N LYS A 56 -22.82 -28.82 16.75
CA LYS A 56 -23.89 -28.03 16.16
C LYS A 56 -23.68 -27.90 14.65
N ASN A 57 -23.47 -26.68 14.16
CA ASN A 57 -23.27 -26.48 12.74
C ASN A 57 -21.84 -26.75 12.28
N CYS A 58 -20.93 -27.13 13.18
CA CYS A 58 -19.51 -27.20 12.87
C CYS A 58 -19.01 -28.62 12.93
N THR A 59 -18.29 -29.04 11.90
CA THR A 59 -17.48 -30.23 12.02
C THR A 59 -16.25 -29.90 12.86
N LEU A 60 -15.57 -30.96 13.34
CA LEU A 60 -14.36 -30.74 14.11
C LEU A 60 -13.30 -30.01 13.29
N ILE A 61 -13.16 -30.37 12.00
CA ILE A 61 -12.09 -29.77 11.19
C ILE A 61 -12.37 -28.29 10.95
N ASP A 62 -13.63 -27.93 10.74
CA ASP A 62 -13.96 -26.53 10.55
C ASP A 62 -13.76 -25.71 11.83
N ALA A 63 -14.01 -26.32 13.00
CA ALA A 63 -13.69 -25.63 14.26
C ALA A 63 -12.19 -25.52 14.46
N LEU A 64 -11.44 -26.54 14.03
CA LEU A 64 -9.98 -26.51 14.10
C LEU A 64 -9.43 -25.36 13.25
N LEU A 65 -9.81 -25.32 11.98
CA LEU A 65 -9.25 -24.33 11.07
C LEU A 65 -9.68 -22.92 11.44
N GLY A 66 -10.90 -22.76 11.95
CA GLY A 66 -11.41 -21.47 12.36
C GLY A 66 -12.37 -20.83 11.37
N ASP A 67 -13.22 -21.65 10.78
CA ASP A 67 -14.33 -21.16 9.98
C ASP A 67 -15.17 -20.19 10.82
N PRO A 68 -15.43 -18.96 10.32
CA PRO A 68 -16.04 -17.92 11.18
C PRO A 68 -17.24 -18.36 12.00
N HIS A 69 -18.23 -19.05 11.42
CA HIS A 69 -19.36 -19.45 12.26
C HIS A 69 -18.97 -20.49 13.32
N CYS A 70 -17.71 -20.94 13.34
CA CYS A 70 -17.22 -21.86 14.35
C CYS A 70 -16.32 -21.16 15.37
N ASP A 71 -16.33 -19.81 15.41
CA ASP A 71 -15.42 -19.08 16.30
C ASP A 71 -15.66 -19.42 17.77
N GLY A 72 -16.89 -19.80 18.13
CA GLY A 72 -17.20 -20.14 19.51
C GLY A 72 -16.49 -21.38 20.02
N PHE A 73 -15.91 -22.19 19.13
CA PHE A 73 -15.20 -23.41 19.51
C PHE A 73 -13.72 -23.21 19.76
N GLN A 74 -13.22 -21.99 19.65
CA GLN A 74 -11.82 -21.72 19.91
C GLN A 74 -11.44 -22.23 21.29
N ASN A 75 -10.34 -22.99 21.35
CA ASN A 75 -9.75 -23.46 22.59
C ASN A 75 -10.68 -24.37 23.39
N GLU A 76 -11.63 -25.04 22.73
CA GLU A 76 -12.54 -25.93 23.45
C GLU A 76 -11.87 -27.27 23.77
N LYS A 77 -12.49 -27.97 24.74
CA LYS A 77 -12.11 -29.32 25.18
C LYS A 77 -13.33 -30.23 25.13
N TRP A 78 -13.08 -31.54 25.10
CA TRP A 78 -14.19 -32.49 25.12
C TRP A 78 -13.67 -33.87 25.47
N ASP A 79 -14.53 -34.66 26.10
CA ASP A 79 -14.37 -36.10 26.04
C ASP A 79 -14.95 -36.64 24.75
N LEU A 80 -16.16 -36.22 24.38
CA LEU A 80 -16.82 -36.69 23.16
C LEU A 80 -17.31 -35.50 22.36
N PHE A 81 -16.74 -35.30 21.17
CA PHE A 81 -17.20 -34.29 20.23
C PHE A 81 -18.30 -34.94 19.39
N VAL A 82 -19.47 -34.31 19.36
CA VAL A 82 -20.62 -34.85 18.63
C VAL A 82 -20.79 -34.04 17.35
N GLU A 83 -20.60 -34.70 16.20
CA GLU A 83 -20.81 -34.06 14.91
C GLU A 83 -22.24 -34.27 14.42
N ARG A 84 -22.90 -33.17 14.05
CA ARG A 84 -24.29 -33.21 13.60
C ARG A 84 -24.33 -33.31 12.08
N SER A 85 -25.35 -33.98 11.57
CA SER A 85 -25.47 -34.16 10.13
C SER A 85 -25.81 -32.87 9.42
N LYS A 86 -26.29 -31.85 10.13
CA LYS A 86 -26.58 -30.56 9.51
C LYS A 86 -25.36 -29.64 9.41
N ALA A 87 -24.18 -30.08 9.86
CA ALA A 87 -23.01 -29.22 9.85
C ALA A 87 -22.67 -28.78 8.43
N PHE A 88 -22.06 -27.61 8.31
CA PHE A 88 -21.71 -27.10 6.98
C PHE A 88 -20.48 -26.21 7.06
N SER A 89 -19.70 -26.21 5.99
CA SER A 89 -18.60 -25.28 5.86
C SER A 89 -19.11 -24.00 5.21
N ASN A 90 -18.56 -22.86 5.63
CA ASN A 90 -18.96 -21.54 5.14
C ASN A 90 -17.78 -20.59 5.07
N CYS A 91 -16.62 -21.10 4.62
CA CYS A 91 -15.41 -20.30 4.44
C CYS A 91 -14.79 -20.68 3.10
N TYR A 92 -13.48 -20.59 2.97
CA TYR A 92 -12.85 -20.83 1.69
C TYR A 92 -12.97 -22.31 1.34
N PRO A 93 -13.44 -22.66 0.13
CA PRO A 93 -13.55 -24.09 -0.21
C PRO A 93 -12.19 -24.77 -0.14
N TYR A 94 -12.17 -25.97 0.45
CA TYR A 94 -10.92 -26.62 0.80
C TYR A 94 -11.07 -28.13 0.73
N ASP A 95 -9.92 -28.79 0.75
CA ASP A 95 -9.84 -30.23 0.92
C ASP A 95 -8.71 -30.56 1.87
N VAL A 96 -8.83 -31.69 2.56
CA VAL A 96 -7.79 -32.22 3.41
C VAL A 96 -7.40 -33.60 2.88
N PRO A 97 -6.26 -33.73 2.22
CA PRO A 97 -5.74 -35.08 1.97
C PRO A 97 -5.61 -35.83 3.30
N ASP A 98 -6.19 -37.02 3.37
CA ASP A 98 -6.23 -37.75 4.64
C ASP A 98 -7.02 -36.98 5.70
N TYR A 99 -8.15 -36.40 5.27
CA TYR A 99 -9.13 -35.82 6.19
C TYR A 99 -9.41 -36.74 7.38
N ALA A 100 -9.65 -38.03 7.10
CA ALA A 100 -10.03 -38.97 8.16
C ALA A 100 -8.99 -39.03 9.25
N SER A 101 -7.70 -38.99 8.88
CA SER A 101 -6.64 -39.11 9.89
C SER A 101 -6.51 -37.85 10.73
N LEU A 102 -6.64 -36.67 10.11
CA LEU A 102 -6.53 -35.45 10.88
C LEU A 102 -7.73 -35.32 11.83
N ARG A 103 -8.93 -35.59 11.33
CA ARG A 103 -10.09 -35.63 12.20
C ARG A 103 -9.86 -36.57 13.38
N SER A 104 -9.26 -37.73 13.12
CA SER A 104 -9.07 -38.73 14.18
C SER A 104 -8.07 -38.27 15.21
N LEU A 105 -6.93 -37.73 14.76
CA LEU A 105 -5.89 -37.42 15.74
C LEU A 105 -6.28 -36.22 16.59
N VAL A 106 -7.03 -35.27 16.03
CA VAL A 106 -7.54 -34.15 16.81
C VAL A 106 -8.63 -34.62 17.77
N ALA A 107 -9.58 -35.41 17.26
CA ALA A 107 -10.63 -35.98 18.11
C ALA A 107 -10.04 -36.71 19.31
N SER A 108 -9.04 -37.56 19.06
CA SER A 108 -8.44 -38.34 20.14
C SER A 108 -7.64 -37.46 21.10
N SER A 109 -7.10 -36.35 20.60
CA SER A 109 -6.39 -35.39 21.45
C SER A 109 -7.34 -34.68 22.41
N GLY A 110 -8.55 -34.36 21.94
CA GLY A 110 -9.57 -33.83 22.82
C GLY A 110 -9.44 -32.36 23.17
N THR A 111 -8.73 -31.57 22.37
CA THR A 111 -8.59 -30.16 22.68
C THR A 111 -8.27 -29.39 21.41
N LEU A 112 -8.77 -28.16 21.35
CA LEU A 112 -8.42 -27.19 20.30
C LEU A 112 -7.57 -26.07 20.87
N GLU A 113 -6.98 -26.28 22.03
CA GLU A 113 -6.11 -25.29 22.67
C GLU A 113 -5.01 -24.83 21.71
N PHE A 114 -4.98 -23.53 21.43
CA PHE A 114 -4.14 -22.95 20.39
C PHE A 114 -3.27 -21.86 20.99
N ILE A 115 -1.96 -21.92 20.71
CA ILE A 115 -1.00 -20.94 21.20
C ILE A 115 -0.41 -20.21 19.98
N ASN A 116 -0.64 -18.89 19.92
CA ASN A 116 -0.06 -18.07 18.86
C ASN A 116 1.46 -18.06 18.95
N GLU A 117 2.11 -18.06 17.79
CA GLU A 117 3.57 -17.91 17.70
C GLU A 117 3.89 -16.83 16.67
N GLY A 118 4.92 -16.04 16.97
CA GLY A 118 5.34 -14.94 16.11
C GLY A 118 6.27 -15.36 14.99
N PHE A 119 5.69 -15.91 13.92
CA PHE A 119 6.47 -16.23 12.74
C PHE A 119 6.96 -14.95 12.07
N ASN A 120 8.17 -14.99 11.52
CA ASN A 120 8.80 -13.83 10.87
C ASN A 120 8.46 -13.82 9.39
N TRP A 121 7.37 -13.14 9.05
CA TRP A 121 6.91 -12.99 7.65
C TRP A 121 7.34 -11.67 7.07
N THR A 122 8.64 -11.35 7.18
CA THR A 122 9.17 -10.15 6.57
C THR A 122 9.21 -10.32 5.06
N GLY A 123 8.65 -9.37 4.33
CA GLY A 123 8.67 -9.38 2.88
C GLY A 123 7.38 -9.78 2.22
N VAL A 124 6.36 -10.18 2.98
CA VAL A 124 5.07 -10.55 2.42
C VAL A 124 3.98 -9.81 3.18
N THR A 125 2.82 -9.70 2.54
CA THR A 125 1.61 -9.22 3.18
C THR A 125 0.90 -10.39 3.86
N GLN A 126 0.28 -10.14 5.00
CA GLN A 126 -0.37 -11.17 5.80
C GLN A 126 -1.88 -10.98 5.79
N SER A 127 -2.58 -12.02 6.24
CA SER A 127 -4.02 -11.96 6.50
C SER A 127 -4.82 -11.68 5.22
N GLY A 128 -4.49 -12.41 4.16
CA GLY A 128 -5.35 -12.40 2.98
C GLY A 128 -6.75 -12.85 3.33
N GLY A 129 -7.73 -12.30 2.62
CA GLY A 129 -9.12 -12.62 2.87
C GLY A 129 -9.88 -12.90 1.58
N SER A 130 -11.14 -13.29 1.75
CA SER A 130 -11.99 -13.64 0.62
C SER A 130 -13.44 -13.42 0.99
N TYR A 131 -14.25 -13.06 -0.02
CA TYR A 131 -15.68 -12.89 0.22
C TYR A 131 -16.40 -14.22 0.42
N ALA A 132 -15.73 -15.34 0.13
CA ALA A 132 -16.28 -16.65 0.44
C ALA A 132 -16.25 -16.95 1.93
N CYS A 133 -15.57 -16.12 2.74
CA CYS A 133 -15.30 -16.42 4.14
C CYS A 133 -15.50 -15.15 4.97
N LYS A 134 -16.72 -14.62 4.98
CA LYS A 134 -17.01 -13.35 5.63
C LYS A 134 -17.05 -13.52 7.15
N ARG A 135 -16.53 -12.54 7.87
CA ARG A 135 -16.64 -12.48 9.32
C ARG A 135 -17.30 -11.15 9.68
N GLY A 136 -18.60 -11.21 9.98
CA GLY A 136 -19.37 -9.98 10.05
C GLY A 136 -19.35 -9.30 8.69
N SER A 137 -18.95 -8.03 8.69
CA SER A 137 -19.03 -7.19 7.51
C SER A 137 -17.85 -7.36 6.57
N ASP A 138 -16.77 -7.99 7.00
CA ASP A 138 -15.49 -7.95 6.30
C ASP A 138 -15.14 -9.29 5.65
N ASN A 139 -14.49 -9.20 4.51
CA ASN A 139 -13.84 -10.38 3.94
C ASN A 139 -12.81 -10.88 4.94
N SER A 140 -12.72 -12.20 5.09
CA SER A 140 -11.87 -12.76 6.13
C SER A 140 -11.38 -14.13 5.67
N PHE A 141 -10.97 -14.95 6.62
CA PHE A 141 -10.28 -16.21 6.34
C PHE A 141 -10.33 -17.06 7.60
N PHE A 142 -9.85 -18.31 7.47
CA PHE A 142 -9.75 -19.21 8.61
C PHE A 142 -8.92 -18.56 9.72
N SER A 143 -9.45 -18.58 10.95
CA SER A 143 -8.86 -17.78 12.03
C SER A 143 -7.48 -18.27 12.41
N ARG A 144 -7.21 -19.56 12.23
CA ARG A 144 -5.95 -20.14 12.65
C ARG A 144 -4.94 -20.21 11.51
N LEU A 145 -5.32 -19.75 10.32
CA LEU A 145 -4.44 -19.78 9.16
C LEU A 145 -4.16 -18.36 8.71
N ASN A 146 -3.04 -18.19 8.00
CA ASN A 146 -2.53 -16.87 7.66
C ASN A 146 -2.22 -16.84 6.16
N TRP A 147 -3.09 -16.21 5.38
CA TRP A 147 -2.94 -16.20 3.92
C TRP A 147 -1.92 -15.13 3.54
N LEU A 148 -0.73 -15.57 3.11
CA LEU A 148 0.37 -14.71 2.74
C LEU A 148 0.34 -14.41 1.24
N TYR A 149 0.74 -13.19 0.89
CA TYR A 149 0.81 -12.83 -0.52
C TYR A 149 1.79 -11.68 -0.71
N GLU A 150 2.00 -11.33 -1.99
CA GLU A 150 3.05 -10.38 -2.36
C GLU A 150 2.95 -9.10 -1.57
N SER A 151 4.10 -8.47 -1.34
CA SER A 151 4.18 -7.14 -0.77
C SER A 151 5.01 -6.30 -1.73
N GLU A 152 4.43 -5.19 -2.20
CA GLU A 152 5.10 -4.29 -3.15
C GLU A 152 5.58 -5.07 -4.38
N SER A 153 4.72 -5.96 -4.87
CA SER A 153 4.91 -6.70 -6.12
C SER A 153 6.07 -7.69 -6.09
N LYS A 154 6.54 -8.09 -4.90
CA LYS A 154 7.51 -9.17 -4.78
C LYS A 154 7.03 -10.20 -3.77
N TYR A 155 7.55 -11.42 -3.93
CA TYR A 155 7.32 -12.53 -2.99
C TYR A 155 8.65 -13.24 -2.84
N PRO A 156 9.42 -12.92 -1.79
CA PRO A 156 10.73 -13.55 -1.64
C PRO A 156 10.61 -14.98 -1.17
N VAL A 157 11.70 -15.73 -1.31
CA VAL A 157 11.74 -17.09 -0.83
C VAL A 157 11.60 -17.05 0.69
N LEU A 158 10.45 -17.48 1.19
CA LEU A 158 10.23 -17.52 2.63
C LEU A 158 10.98 -18.71 3.24
N ASN A 159 11.64 -18.46 4.36
CA ASN A 159 12.48 -19.46 5.01
C ASN A 159 12.48 -19.10 6.50
N VAL A 160 11.53 -19.67 7.24
CA VAL A 160 11.30 -19.30 8.63
C VAL A 160 11.30 -20.54 9.50
N THR A 161 11.61 -20.34 10.77
CA THR A 161 11.80 -21.47 11.67
C THR A 161 11.08 -21.22 12.99
N MET A 162 10.71 -22.31 13.67
CA MET A 162 10.02 -22.20 14.96
C MET A 162 10.44 -23.40 15.76
N PRO A 163 11.35 -23.24 16.72
CA PRO A 163 11.83 -24.38 17.49
C PRO A 163 10.82 -24.78 18.54
N ASN A 164 10.82 -26.07 18.90
CA ASN A 164 10.02 -26.57 20.01
C ASN A 164 10.97 -26.70 21.20
N ASN A 165 11.04 -25.65 22.00
CA ASN A 165 11.89 -25.63 23.19
C ASN A 165 11.13 -26.02 24.45
N GLY A 166 9.83 -26.31 24.33
CA GLY A 166 9.05 -26.76 25.46
C GLY A 166 9.21 -28.25 25.67
N ASN A 167 8.30 -28.82 26.46
CA ASN A 167 8.37 -30.23 26.83
C ASN A 167 7.15 -31.02 26.36
N PHE A 168 6.39 -30.49 25.40
CA PHE A 168 5.21 -31.16 24.89
C PHE A 168 5.17 -30.99 23.37
N ASP A 169 4.36 -31.82 22.72
CA ASP A 169 4.25 -31.84 21.27
C ASP A 169 3.39 -30.70 20.75
N LYS A 170 3.71 -30.26 19.53
CA LYS A 170 3.01 -29.18 18.87
C LYS A 170 2.41 -29.70 17.57
N LEU A 171 1.13 -29.42 17.36
CA LEU A 171 0.48 -29.72 16.09
C LEU A 171 0.35 -28.44 15.29
N TYR A 172 0.90 -28.44 14.08
CA TYR A 172 0.79 -27.31 13.18
C TYR A 172 -0.12 -27.67 12.01
N ILE A 173 -1.11 -26.82 11.77
CA ILE A 173 -1.99 -26.94 10.61
C ILE A 173 -1.59 -25.85 9.61
N TRP A 174 -1.36 -26.25 8.37
CA TRP A 174 -0.94 -25.32 7.34
C TRP A 174 -1.61 -25.74 6.04
N GLY A 175 -1.33 -24.99 4.98
CA GLY A 175 -2.08 -25.20 3.75
C GLY A 175 -1.36 -24.69 2.52
N VAL A 176 -1.98 -24.98 1.38
CA VAL A 176 -1.48 -24.55 0.08
C VAL A 176 -2.64 -23.99 -0.71
N HIS A 177 -2.44 -22.85 -1.36
CA HIS A 177 -3.51 -22.23 -2.14
C HIS A 177 -3.41 -22.66 -3.61
N HIS A 178 -4.53 -23.13 -4.16
CA HIS A 178 -4.63 -23.48 -5.58
C HIS A 178 -5.41 -22.38 -6.28
N PRO A 179 -4.76 -21.44 -6.97
CA PRO A 179 -5.51 -20.44 -7.72
C PRO A 179 -6.22 -21.05 -8.93
N SER A 180 -7.27 -20.37 -9.37
CA SER A 180 -8.04 -20.87 -10.50
C SER A 180 -7.49 -20.43 -11.86
N THR A 181 -6.66 -19.37 -11.92
CA THR A 181 -6.10 -18.88 -13.19
C THR A 181 -4.67 -18.39 -13.01
N ASP A 182 -3.95 -18.27 -14.14
CA ASP A 182 -2.57 -17.78 -14.10
C ASP A 182 -2.50 -16.33 -13.63
N LYS A 183 -3.52 -15.53 -13.95
CA LYS A 183 -3.53 -14.14 -13.49
C LYS A 183 -3.59 -14.07 -11.98
N GLU A 184 -4.41 -14.92 -11.36
CA GLU A 184 -4.43 -14.99 -9.90
C GLU A 184 -3.05 -15.33 -9.35
N GLN A 185 -2.41 -16.35 -9.94
CA GLN A 185 -1.12 -16.82 -9.46
C GLN A 185 -0.09 -15.68 -9.46
N THR A 186 0.09 -15.03 -10.61
CA THR A 186 1.08 -13.97 -10.69
C THR A 186 0.67 -12.76 -9.87
N ASN A 187 -0.63 -12.44 -9.83
CA ASN A 187 -1.09 -11.31 -9.03
C ASN A 187 -0.77 -11.53 -7.55
N LEU A 188 -0.92 -12.76 -7.05
CA LEU A 188 -0.75 -13.00 -5.63
C LEU A 188 0.70 -13.34 -5.26
N TYR A 189 1.40 -14.07 -6.13
CA TYR A 189 2.71 -14.64 -5.77
C TYR A 189 3.80 -14.33 -6.78
N VAL A 190 3.54 -13.47 -7.76
CA VAL A 190 4.50 -13.04 -8.79
C VAL A 190 4.95 -14.18 -9.69
N ARG A 191 5.50 -15.24 -9.09
CA ARG A 191 6.07 -16.35 -9.83
C ARG A 191 4.96 -17.18 -10.50
N ALA A 192 5.33 -17.85 -11.60
CA ALA A 192 4.34 -18.59 -12.37
C ALA A 192 3.87 -19.85 -11.67
N SER A 193 4.59 -20.31 -10.65
CA SER A 193 4.18 -21.48 -9.88
C SER A 193 4.87 -21.43 -8.54
N GLY A 194 4.16 -21.90 -7.50
CA GLY A 194 4.66 -21.88 -6.15
C GLY A 194 5.17 -23.22 -5.69
N ARG A 195 5.57 -23.26 -4.42
CA ARG A 195 6.07 -24.46 -3.77
C ARG A 195 6.01 -24.23 -2.27
N VAL A 196 5.54 -25.23 -1.54
CA VAL A 196 5.50 -25.17 -0.08
C VAL A 196 6.21 -26.40 0.46
N THR A 197 7.24 -26.20 1.27
CA THR A 197 7.97 -27.28 1.91
C THR A 197 7.96 -27.04 3.41
N VAL A 198 7.43 -28.00 4.17
CA VAL A 198 7.42 -27.95 5.62
C VAL A 198 8.19 -29.16 6.14
N SER A 199 9.23 -28.91 6.93
CA SER A 199 10.15 -29.96 7.32
C SER A 199 10.43 -29.90 8.81
N THR A 200 10.87 -31.04 9.34
CA THR A 200 11.48 -31.15 10.65
C THR A 200 12.85 -31.79 10.47
N LYS A 201 13.54 -32.02 11.59
CA LYS A 201 14.80 -32.76 11.54
C LYS A 201 14.63 -34.10 10.84
N ARG A 202 13.49 -34.75 11.04
CA ARG A 202 13.32 -36.12 10.61
C ARG A 202 12.31 -36.32 9.49
N SER A 203 11.53 -35.31 9.13
CA SER A 203 10.46 -35.48 8.15
C SER A 203 10.34 -34.23 7.29
N GLN A 204 9.74 -34.41 6.11
CA GLN A 204 9.54 -33.28 5.19
C GLN A 204 8.31 -33.55 4.32
N GLN A 205 7.63 -32.47 3.95
CA GLN A 205 6.50 -32.51 3.03
C GLN A 205 6.65 -31.37 2.04
N THR A 206 6.61 -31.67 0.75
CA THR A 206 6.56 -30.64 -0.29
C THR A 206 5.28 -30.80 -1.10
N ILE A 207 4.55 -29.69 -1.25
CA ILE A 207 3.32 -29.66 -2.02
C ILE A 207 3.47 -28.60 -3.11
N ILE A 208 3.20 -28.98 -4.35
CA ILE A 208 3.23 -28.06 -5.49
C ILE A 208 1.79 -27.70 -5.84
N PRO A 209 1.42 -26.42 -5.81
CA PRO A 209 0.03 -26.06 -6.12
C PRO A 209 -0.27 -26.31 -7.59
N ASN A 210 -1.56 -26.42 -7.90
CA ASN A 210 -2.03 -26.69 -9.24
C ASN A 210 -3.05 -25.64 -9.63
N ILE A 211 -2.76 -24.91 -10.71
CA ILE A 211 -3.61 -23.83 -11.22
C ILE A 211 -4.66 -24.42 -12.14
N GLY A 212 -5.90 -23.98 -11.98
CA GLY A 212 -6.98 -24.44 -12.84
C GLY A 212 -8.32 -24.30 -12.15
N SER A 213 -9.37 -24.44 -12.94
CA SER A 213 -10.72 -24.30 -12.41
C SER A 213 -11.16 -25.59 -11.70
N ARG A 214 -11.79 -25.41 -10.54
CA ARG A 214 -12.60 -26.41 -9.86
C ARG A 214 -14.05 -25.96 -9.85
N PRO A 215 -15.02 -26.84 -9.58
CA PRO A 215 -16.42 -26.41 -9.55
C PRO A 215 -16.63 -25.28 -8.56
N TRP A 216 -17.42 -24.31 -8.99
CA TRP A 216 -17.78 -23.15 -8.18
C TRP A 216 -18.34 -23.60 -6.84
N VAL A 217 -17.73 -23.13 -5.74
CA VAL A 217 -18.22 -23.43 -4.39
C VAL A 217 -18.11 -22.14 -3.59
N ARG A 218 -19.24 -21.68 -3.04
CA ARG A 218 -19.28 -20.48 -2.20
C ARG A 218 -18.57 -19.29 -2.85
N GLY A 219 -18.66 -19.17 -4.16
CA GLY A 219 -18.14 -18.00 -4.85
C GLY A 219 -16.86 -18.19 -5.62
N LEU A 220 -16.25 -19.38 -5.55
CA LEU A 220 -14.87 -19.54 -5.98
C LEU A 220 -14.68 -20.85 -6.74
N SER A 221 -13.78 -20.81 -7.72
CA SER A 221 -13.30 -22.00 -8.41
C SER A 221 -11.90 -22.39 -7.97
N SER A 222 -11.28 -21.61 -7.09
CA SER A 222 -9.98 -21.95 -6.54
C SER A 222 -10.20 -22.81 -5.28
N ARG A 223 -9.10 -23.28 -4.68
CA ARG A 223 -9.21 -24.11 -3.49
C ARG A 223 -8.01 -23.84 -2.58
N ILE A 224 -8.10 -24.34 -1.35
CA ILE A 224 -6.92 -24.51 -0.52
C ILE A 224 -6.87 -25.97 -0.06
N SER A 225 -5.65 -26.47 0.13
CA SER A 225 -5.41 -27.84 0.61
C SER A 225 -4.72 -27.78 1.96
N ILE A 226 -5.23 -28.58 2.91
CA ILE A 226 -4.81 -28.54 4.31
C ILE A 226 -3.89 -29.71 4.61
N TYR A 227 -2.82 -29.45 5.35
CA TYR A 227 -1.81 -30.42 5.72
C TYR A 227 -1.46 -30.20 7.18
N TRP A 228 -0.69 -31.11 7.77
CA TRP A 228 -0.37 -30.97 9.18
C TRP A 228 0.98 -31.60 9.45
N THR A 229 1.64 -31.13 10.51
CA THR A 229 2.99 -31.50 10.88
C THR A 229 3.05 -31.48 12.39
N ILE A 230 3.53 -32.55 13.02
CA ILE A 230 3.73 -32.57 14.46
C ILE A 230 5.21 -32.39 14.75
N VAL A 231 5.53 -31.60 15.78
CA VAL A 231 6.91 -31.27 16.13
C VAL A 231 7.14 -31.64 17.61
N LYS A 232 8.04 -32.59 17.84
CA LYS A 232 8.30 -33.08 19.19
C LYS A 232 9.30 -32.17 19.91
N PRO A 233 9.39 -32.28 21.24
CA PRO A 233 10.34 -31.44 21.98
C PRO A 233 11.76 -31.68 21.49
N GLY A 234 12.50 -30.58 21.32
CA GLY A 234 13.84 -30.64 20.78
C GLY A 234 13.91 -30.63 19.27
N ASP A 235 12.78 -30.79 18.58
CA ASP A 235 12.73 -30.73 17.13
C ASP A 235 12.37 -29.31 16.70
N ILE A 236 12.48 -29.03 15.40
CA ILE A 236 12.27 -27.69 14.88
C ILE A 236 11.41 -27.74 13.63
N LEU A 237 10.45 -26.82 13.54
CA LEU A 237 9.67 -26.60 12.34
C LEU A 237 10.40 -25.61 11.44
N LEU A 238 10.50 -25.93 10.14
CA LEU A 238 11.07 -25.02 9.14
C LEU A 238 10.11 -24.95 7.96
N ILE A 239 9.62 -23.75 7.66
CA ILE A 239 8.67 -23.53 6.58
C ILE A 239 9.41 -22.78 5.47
N ASN A 240 9.41 -23.36 4.27
CA ASN A 240 10.16 -22.85 3.12
C ASN A 240 9.21 -22.77 1.93
N SER A 241 9.02 -21.57 1.41
CA SER A 241 8.09 -21.39 0.29
C SER A 241 8.47 -20.22 -0.58
N ASN A 242 8.24 -20.38 -1.88
CA ASN A 242 8.33 -19.29 -2.86
C ASN A 242 6.96 -18.94 -3.45
N GLY A 243 5.88 -19.34 -2.79
CA GLY A 243 4.55 -18.91 -3.19
C GLY A 243 3.47 -19.92 -2.79
N ASN A 244 2.24 -19.41 -2.66
CA ASN A 244 1.02 -20.20 -2.41
C ASN A 244 0.96 -20.79 -0.99
N LEU A 245 1.75 -20.28 -0.06
CA LEU A 245 1.75 -20.77 1.31
C LEU A 245 0.55 -20.24 2.09
N ILE A 246 -0.14 -21.13 2.81
CA ILE A 246 -1.18 -20.75 3.75
C ILE A 246 -0.62 -21.09 5.13
N ALA A 247 -0.11 -20.10 5.81
CA ALA A 247 0.76 -20.34 6.95
C ALA A 247 -0.03 -20.58 8.23
N PRO A 248 0.54 -21.34 9.16
CA PRO A 248 -0.04 -21.43 10.50
C PRO A 248 0.23 -20.16 11.30
N ARG A 249 -0.67 -19.88 12.25
CA ARG A 249 -0.50 -18.76 13.17
C ARG A 249 0.08 -19.18 14.50
N GLY A 250 0.36 -20.47 14.67
CA GLY A 250 0.78 -21.01 15.94
C GLY A 250 0.51 -22.51 15.93
N TYR A 251 0.41 -23.09 17.13
CA TYR A 251 0.27 -24.53 17.23
C TYR A 251 -0.90 -24.90 18.13
N PHE A 252 -1.36 -26.13 17.96
CA PHE A 252 -2.35 -26.75 18.82
C PHE A 252 -1.62 -27.66 19.78
N LYS A 253 -2.02 -27.61 21.04
CA LYS A 253 -1.43 -28.52 22.01
C LYS A 253 -2.02 -29.92 21.78
N ILE A 254 -1.17 -30.91 21.55
CA ILE A 254 -1.60 -32.31 21.45
C ILE A 254 -1.56 -32.96 22.82
N ARG A 255 -2.67 -33.61 23.20
CA ARG A 255 -2.75 -34.40 24.41
C ARG A 255 -3.07 -35.85 24.06
N THR A 256 -2.83 -36.74 25.02
CA THR A 256 -3.31 -38.10 24.95
C THR A 256 -4.34 -38.32 26.05
N GLY A 257 -5.24 -39.26 25.82
CA GLY A 257 -6.31 -39.49 26.80
C GLY A 257 -7.48 -40.19 26.14
N LYS A 258 -8.66 -39.99 26.74
CA LYS A 258 -9.84 -40.78 26.38
C LYS A 258 -10.82 -40.06 25.46
N SER A 259 -10.39 -38.98 24.78
CA SER A 259 -11.36 -38.23 23.99
C SER A 259 -11.63 -38.90 22.65
N SER A 260 -12.78 -38.59 22.08
CA SER A 260 -13.14 -39.17 20.80
C SER A 260 -14.22 -38.32 20.16
N ILE A 261 -14.79 -38.82 19.07
CA ILE A 261 -15.76 -38.08 18.28
C ILE A 261 -16.79 -39.08 17.78
N MET A 262 -18.02 -38.60 17.64
CA MET A 262 -19.16 -39.42 17.27
C MET A 262 -20.08 -38.63 16.34
N ARG A 263 -20.54 -39.29 15.28
CA ARG A 263 -21.59 -38.76 14.41
C ARG A 263 -22.94 -39.15 14.99
N SER A 264 -23.74 -38.14 15.35
CA SER A 264 -25.04 -38.38 15.95
C SER A 264 -25.91 -37.14 15.84
N ASP A 265 -27.22 -37.34 15.60
CA ASP A 265 -28.20 -36.27 15.70
C ASP A 265 -29.03 -36.34 16.98
N ALA A 266 -28.65 -37.16 17.94
CA ALA A 266 -29.44 -37.28 19.16
C ALA A 266 -29.25 -36.03 20.04
N PRO A 267 -30.33 -35.55 20.66
CA PRO A 267 -30.19 -34.38 21.55
C PRO A 267 -29.49 -34.75 22.84
N ILE A 268 -28.90 -33.73 23.48
CA ILE A 268 -28.17 -33.90 24.74
C ILE A 268 -29.11 -33.56 25.89
N GLY A 269 -29.15 -34.43 26.91
CA GLY A 269 -30.01 -34.23 28.05
C GLY A 269 -29.23 -34.20 29.37
N THR A 270 -29.91 -33.76 30.41
CA THR A 270 -29.38 -33.73 31.78
C THR A 270 -29.69 -35.08 32.42
N CYS A 271 -28.69 -35.97 32.40
CA CYS A 271 -28.73 -37.28 33.04
C CYS A 271 -27.29 -37.78 33.07
N SER A 272 -27.07 -38.91 33.72
CA SER A 272 -25.74 -39.51 33.78
C SER A 272 -25.80 -40.89 33.13
N SER A 273 -24.84 -41.18 32.23
CA SER A 273 -24.78 -42.51 31.63
C SER A 273 -23.36 -42.78 31.15
N GLU A 274 -22.81 -43.93 31.56
CA GLU A 274 -21.44 -44.27 31.16
C GLU A 274 -21.32 -44.57 29.67
N CYS A 275 -22.36 -45.12 29.05
CA CYS A 275 -22.28 -45.63 27.68
C CYS A 275 -23.06 -44.74 26.71
N ILE A 276 -22.41 -44.28 25.64
CA ILE A 276 -23.02 -43.41 24.64
C ILE A 276 -23.01 -44.13 23.29
N THR A 277 -24.17 -44.11 22.62
CA THR A 277 -24.24 -44.55 21.23
C THR A 277 -24.78 -43.40 20.39
N PRO A 278 -24.65 -43.48 19.06
CA PRO A 278 -25.25 -42.43 18.22
C PRO A 278 -26.76 -42.37 18.34
N ASN A 279 -27.40 -43.43 18.81
CA ASN A 279 -28.84 -43.43 19.07
C ASN A 279 -29.19 -42.73 20.37
N GLY A 280 -28.20 -42.42 21.19
CA GLY A 280 -28.42 -41.97 22.55
C GLY A 280 -27.67 -42.84 23.55
N SER A 281 -27.68 -42.37 24.79
CA SER A 281 -27.06 -43.16 25.85
C SER A 281 -27.88 -44.42 26.11
N ILE A 282 -27.20 -45.47 26.56
CA ILE A 282 -27.87 -46.71 26.95
C ILE A 282 -27.38 -47.16 28.33
N PRO A 283 -28.21 -47.84 29.11
CA PRO A 283 -27.73 -48.42 30.36
C PRO A 283 -26.68 -49.48 30.07
N ASN A 284 -25.84 -49.73 31.07
CA ASN A 284 -24.80 -50.75 30.92
C ASN A 284 -24.90 -51.84 31.98
N ASP A 285 -26.11 -52.15 32.47
CA ASP A 285 -26.29 -53.26 33.40
C ASP A 285 -26.29 -54.63 32.72
N LYS A 286 -26.53 -54.69 31.43
CA LYS A 286 -26.48 -55.93 30.68
C LYS A 286 -25.13 -56.11 30.00
N PRO A 287 -24.67 -57.35 29.81
CA PRO A 287 -23.36 -57.58 29.18
C PRO A 287 -23.32 -57.33 27.66
N PHE A 288 -24.45 -57.38 26.96
CA PHE A 288 -24.49 -57.23 25.51
C PHE A 288 -25.51 -56.17 25.13
N GLN A 289 -25.41 -55.71 23.88
CA GLN A 289 -26.35 -54.72 23.37
C GLN A 289 -26.46 -54.87 21.85
N ASN A 290 -27.62 -54.50 21.36
CA ASN A 290 -27.92 -54.59 19.94
C ASN A 290 -28.34 -53.21 19.40
N VAL A 291 -27.96 -52.13 20.09
CA VAL A 291 -28.40 -50.80 19.69
C VAL A 291 -27.52 -50.27 18.56
N ASN A 292 -26.20 -50.29 18.74
CA ASN A 292 -25.30 -49.74 17.74
C ASN A 292 -23.89 -50.28 17.99
N LYS A 293 -23.22 -50.73 16.92
CA LYS A 293 -21.82 -51.11 17.00
C LYS A 293 -20.92 -49.92 17.30
N ILE A 294 -21.38 -48.70 17.05
CA ILE A 294 -20.64 -47.51 17.44
C ILE A 294 -20.97 -47.16 18.88
N THR A 295 -19.95 -47.10 19.74
CA THR A 295 -20.18 -46.76 21.14
C THR A 295 -18.98 -46.01 21.70
N TYR A 296 -19.19 -45.39 22.86
CA TYR A 296 -18.15 -44.68 23.59
C TYR A 296 -18.40 -44.84 25.09
N GLY A 297 -17.36 -45.19 25.85
CA GLY A 297 -17.49 -45.30 27.29
C GLY A 297 -17.59 -46.74 27.75
N ALA A 298 -18.08 -46.92 28.98
CA ALA A 298 -18.21 -48.25 29.58
C ALA A 298 -19.52 -48.88 29.08
N CYS A 299 -19.42 -49.72 28.05
CA CYS A 299 -20.56 -50.16 27.26
C CYS A 299 -20.69 -51.67 27.24
N PRO A 300 -21.91 -52.19 27.12
CA PRO A 300 -22.06 -53.60 26.79
C PRO A 300 -21.46 -53.88 25.42
N LYS A 301 -21.17 -55.15 25.16
CA LYS A 301 -20.59 -55.54 23.88
C LYS A 301 -21.68 -55.70 22.83
N TYR A 302 -21.41 -55.19 21.63
CA TYR A 302 -22.39 -55.28 20.55
C TYR A 302 -22.44 -56.70 19.98
N VAL A 303 -23.66 -57.19 19.79
CA VAL A 303 -23.91 -58.52 19.23
C VAL A 303 -25.07 -58.41 18.25
N LYS A 304 -25.19 -59.42 17.38
CA LYS A 304 -26.23 -59.43 16.36
C LYS A 304 -27.59 -59.78 16.91
N GLN A 305 -27.64 -60.54 18.01
CA GLN A 305 -28.91 -60.97 18.58
C GLN A 305 -29.64 -59.81 19.23
N ASN A 306 -30.95 -59.77 19.05
CA ASN A 306 -31.74 -58.74 19.73
C ASN A 306 -32.34 -59.22 21.06
N THR A 307 -32.19 -60.50 21.39
CA THR A 307 -32.61 -61.00 22.70
C THR A 307 -31.78 -62.25 23.05
N LEU A 308 -31.37 -62.33 24.32
CA LEU A 308 -30.72 -63.51 24.88
C LEU A 308 -31.19 -63.65 26.31
N LYS A 309 -31.96 -64.71 26.60
CA LYS A 309 -32.57 -64.91 27.91
C LYS A 309 -31.73 -65.86 28.75
N LEU A 310 -31.23 -65.37 29.89
CA LEU A 310 -30.50 -66.17 30.86
C LEU A 310 -31.49 -66.71 31.89
N ALA A 311 -31.59 -68.03 32.01
CA ALA A 311 -32.48 -68.61 33.02
C ALA A 311 -32.05 -68.21 34.42
N THR A 312 -33.02 -67.83 35.25
CA THR A 312 -32.79 -67.51 36.65
C THR A 312 -33.65 -68.38 37.54
N GLY A 313 -34.14 -69.49 37.01
CA GLY A 313 -34.97 -70.41 37.77
C GLY A 313 -34.94 -71.76 37.10
N MET A 314 -35.48 -72.72 37.83
CA MET A 314 -35.68 -74.10 37.41
C MET A 314 -36.67 -74.24 36.24
N ARG A 315 -36.57 -75.39 35.58
CA ARG A 315 -37.58 -75.84 34.64
C ARG A 315 -38.98 -75.66 35.20
N ASN A 316 -39.90 -75.13 34.37
CA ASN A 316 -41.28 -74.92 34.78
C ASN A 316 -42.14 -76.10 34.37
N VAL A 317 -42.69 -76.81 35.35
CA VAL A 317 -43.45 -78.02 35.09
C VAL A 317 -44.82 -77.84 35.72
N PRO A 318 -45.77 -77.23 35.04
CA PRO A 318 -47.07 -76.95 35.65
C PRO A 318 -47.94 -78.20 35.72
N GLU A 319 -49.02 -78.09 36.48
CA GLU A 319 -50.14 -79.00 36.33
C GLU A 319 -51.40 -78.19 36.04
N GLY B 1 -32.41 -81.71 34.35
CA GLY B 1 -32.91 -82.98 33.86
C GLY B 1 -31.95 -84.13 34.09
N ILE B 2 -30.69 -83.82 34.40
CA ILE B 2 -29.68 -84.87 34.41
C ILE B 2 -29.78 -85.77 35.64
N PHE B 3 -30.44 -85.34 36.73
CA PHE B 3 -30.70 -86.21 37.87
C PHE B 3 -32.06 -86.88 37.84
N GLY B 4 -32.99 -86.41 37.00
CA GLY B 4 -34.23 -87.10 36.83
C GLY B 4 -35.28 -86.84 37.88
N ALA B 5 -35.07 -85.81 38.72
CA ALA B 5 -36.06 -85.39 39.71
C ALA B 5 -37.07 -84.43 39.08
N ILE B 6 -36.67 -83.17 38.86
CA ILE B 6 -37.56 -82.19 38.23
C ILE B 6 -37.83 -82.61 36.80
N ALA B 7 -39.11 -82.66 36.43
CA ALA B 7 -39.58 -83.13 35.12
C ALA B 7 -39.27 -84.60 34.91
N GLY B 8 -39.04 -85.32 36.00
CA GLY B 8 -38.70 -86.74 35.99
C GLY B 8 -39.54 -87.48 37.00
N PHE B 9 -38.94 -88.04 38.06
CA PHE B 9 -39.79 -88.84 38.94
C PHE B 9 -40.71 -87.99 39.80
N ILE B 10 -40.45 -86.69 39.91
CA ILE B 10 -41.43 -85.75 40.45
C ILE B 10 -42.29 -85.29 39.28
N GLU B 11 -43.58 -85.64 39.29
CA GLU B 11 -44.41 -85.47 38.11
C GLU B 11 -44.53 -84.01 37.70
N ASN B 12 -44.77 -83.10 38.64
CA ASN B 12 -44.90 -81.70 38.27
C ASN B 12 -44.57 -80.82 39.45
N GLY B 13 -44.45 -79.51 39.18
CA GLY B 13 -44.24 -78.52 40.21
C GLY B 13 -45.53 -78.12 40.91
N TRP B 14 -45.37 -77.34 41.97
CA TRP B 14 -46.47 -76.89 42.82
C TRP B 14 -46.65 -75.39 42.65
N GLU B 15 -47.67 -74.99 41.89
CA GLU B 15 -47.91 -73.56 41.73
C GLU B 15 -48.28 -72.89 43.05
N GLY B 16 -48.94 -73.62 43.96
CA GLY B 16 -49.30 -73.10 45.26
C GLY B 16 -48.16 -72.97 46.26
N MET B 17 -46.96 -73.45 45.96
CA MET B 17 -45.81 -73.18 46.81
C MET B 17 -45.24 -71.82 46.45
N VAL B 18 -45.57 -70.77 47.22
CA VAL B 18 -45.12 -69.41 46.90
C VAL B 18 -44.03 -68.89 47.80
N ASP B 19 -43.64 -69.62 48.85
CA ASP B 19 -42.63 -69.11 49.76
C ASP B 19 -41.33 -69.92 49.70
N GLY B 20 -41.12 -70.66 48.63
CA GLY B 20 -39.87 -71.37 48.46
C GLY B 20 -39.83 -72.09 47.14
N TRP B 21 -38.64 -72.50 46.76
CA TRP B 21 -38.43 -73.23 45.52
C TRP B 21 -38.63 -74.74 45.68
N TYR B 22 -38.28 -75.27 46.84
CA TYR B 22 -38.40 -76.68 47.17
C TYR B 22 -39.12 -76.79 48.49
N GLY B 23 -39.73 -77.95 48.72
CA GLY B 23 -40.36 -78.16 50.02
C GLY B 23 -41.09 -79.49 50.11
N PHE B 24 -41.95 -79.57 51.12
CA PHE B 24 -42.57 -80.81 51.59
C PHE B 24 -44.09 -80.64 51.59
N ARG B 25 -44.80 -81.67 51.12
CA ARG B 25 -46.23 -81.82 51.37
C ARG B 25 -46.46 -83.11 52.13
N HIS B 26 -47.41 -83.10 53.06
CA HIS B 26 -47.60 -84.28 53.88
C HIS B 26 -49.09 -84.56 54.04
N GLN B 27 -49.38 -85.81 54.36
CA GLN B 27 -50.70 -86.22 54.82
C GLN B 27 -50.49 -87.12 56.03
N ASN B 28 -51.19 -86.83 57.12
CA ASN B 28 -51.06 -87.64 58.34
C ASN B 28 -52.41 -87.64 59.04
N SER B 29 -52.41 -88.05 60.32
CA SER B 29 -53.63 -88.15 61.11
C SER B 29 -54.31 -86.80 61.34
N GLU B 30 -53.55 -85.71 61.34
CA GLU B 30 -54.10 -84.39 61.64
C GLU B 30 -54.47 -83.60 60.40
N GLY B 31 -54.26 -84.14 59.19
CA GLY B 31 -54.58 -83.39 57.99
C GLY B 31 -53.48 -83.42 56.95
N THR B 32 -53.39 -82.35 56.16
CA THR B 32 -52.38 -82.22 55.13
C THR B 32 -51.68 -80.87 55.28
N GLY B 33 -50.48 -80.77 54.73
CA GLY B 33 -49.77 -79.51 54.86
C GLY B 33 -48.70 -79.38 53.80
N GLN B 34 -48.17 -78.16 53.73
CA GLN B 34 -47.13 -77.81 52.77
C GLN B 34 -46.16 -76.90 53.49
N ALA B 35 -44.85 -77.12 53.30
CA ALA B 35 -43.89 -76.20 53.88
C ALA B 35 -42.66 -76.11 53.00
N ALA B 36 -42.19 -74.87 52.78
CA ALA B 36 -40.99 -74.65 51.97
C ALA B 36 -39.75 -75.01 52.76
N ASP B 37 -38.76 -75.58 52.05
CA ASP B 37 -37.44 -75.83 52.61
C ASP B 37 -36.52 -74.67 52.23
N LEU B 38 -36.09 -73.90 53.23
CA LEU B 38 -35.35 -72.67 52.92
C LEU B 38 -33.90 -72.95 52.53
N LYS B 39 -33.26 -73.95 53.13
CA LYS B 39 -31.85 -74.20 52.86
C LYS B 39 -31.61 -74.62 51.40
N SER B 40 -32.43 -75.54 50.89
CA SER B 40 -32.29 -75.95 49.50
C SER B 40 -32.67 -74.82 48.54
N THR B 41 -33.78 -74.14 48.83
CA THR B 41 -34.17 -72.94 48.10
C THR B 41 -33.01 -71.94 48.02
N GLN B 42 -32.44 -71.60 49.18
CA GLN B 42 -31.35 -70.63 49.22
C GLN B 42 -30.10 -71.15 48.49
N ALA B 43 -29.81 -72.45 48.56
CA ALA B 43 -28.64 -72.97 47.87
C ALA B 43 -28.74 -72.79 46.36
N ALA B 44 -29.93 -73.01 45.80
CA ALA B 44 -30.08 -72.83 44.36
C ALA B 44 -30.05 -71.34 43.99
N ILE B 45 -30.67 -70.50 44.82
CA ILE B 45 -30.69 -69.06 44.54
C ILE B 45 -29.28 -68.48 44.62
N ASP B 46 -28.52 -68.86 45.65
CA ASP B 46 -27.13 -68.39 45.76
C ASP B 46 -26.32 -68.75 44.52
N GLN B 47 -26.50 -69.95 43.99
CA GLN B 47 -25.73 -70.35 42.82
C GLN B 47 -26.14 -69.53 41.59
N ILE B 48 -27.44 -69.34 41.40
CA ILE B 48 -27.92 -68.57 40.26
C ILE B 48 -27.47 -67.11 40.37
N ASN B 49 -27.53 -66.54 41.58
CA ASN B 49 -27.04 -65.17 41.75
C ASN B 49 -25.54 -65.08 41.55
N GLY B 50 -24.81 -66.16 41.84
CA GLY B 50 -23.38 -66.16 41.58
C GLY B 50 -23.09 -66.11 40.08
N LYS B 51 -23.83 -66.93 39.31
CA LYS B 51 -23.59 -66.93 37.87
C LYS B 51 -24.06 -65.64 37.24
N LEU B 52 -25.15 -65.06 37.75
CA LEU B 52 -25.62 -63.76 37.26
C LEU B 52 -24.61 -62.67 37.54
N ASN B 53 -24.00 -62.65 38.74
CA ASN B 53 -22.99 -61.66 39.05
C ASN B 53 -21.77 -61.80 38.18
N ARG B 54 -21.41 -63.03 37.80
CA ARG B 54 -20.25 -63.22 36.93
C ARG B 54 -20.55 -62.74 35.52
N VAL B 55 -21.75 -63.00 35.01
CA VAL B 55 -22.07 -62.64 33.64
C VAL B 55 -22.08 -61.13 33.47
N ILE B 56 -22.46 -60.39 34.51
CA ILE B 56 -22.51 -58.94 34.45
C ILE B 56 -21.29 -58.28 35.11
N GLU B 57 -20.23 -59.07 35.40
CA GLU B 57 -19.07 -58.65 36.18
C GLU B 57 -18.51 -57.27 35.85
N LYS B 58 -17.95 -57.12 34.67
CA LYS B 58 -17.26 -55.87 34.37
C LYS B 58 -17.57 -55.44 32.95
N THR B 59 -17.81 -54.15 32.78
CA THR B 59 -18.07 -53.55 31.49
C THR B 59 -16.75 -53.07 30.93
N ASN B 60 -16.33 -53.64 29.79
CA ASN B 60 -15.23 -53.05 29.03
C ASN B 60 -15.52 -51.57 28.79
N GLU B 61 -14.50 -50.76 28.94
CA GLU B 61 -14.58 -49.34 28.71
C GLU B 61 -13.67 -49.07 27.52
N LYS B 62 -14.26 -48.58 26.42
CA LYS B 62 -13.53 -48.22 25.21
C LYS B 62 -13.77 -46.75 24.88
N PHE B 63 -12.73 -46.11 24.33
CA PHE B 63 -12.84 -44.70 24.03
C PHE B 63 -12.70 -44.47 22.52
N HIS B 64 -11.63 -43.85 22.05
CA HIS B 64 -11.45 -43.69 20.61
C HIS B 64 -11.15 -45.03 19.94
N GLN B 65 -11.87 -45.33 18.86
CA GLN B 65 -11.77 -46.63 18.20
C GLN B 65 -11.44 -46.45 16.72
N ILE B 66 -12.13 -47.20 15.86
CA ILE B 66 -12.09 -46.99 14.41
C ILE B 66 -13.46 -46.53 13.96
N GLU B 67 -13.52 -45.96 12.75
CA GLU B 67 -14.81 -45.64 12.17
C GLU B 67 -15.50 -46.92 11.69
N LYS B 68 -16.83 -46.91 11.74
CA LYS B 68 -17.61 -48.09 11.40
C LYS B 68 -18.72 -47.85 10.39
N GLU B 69 -18.96 -46.61 9.99
CA GLU B 69 -19.89 -46.26 8.95
C GLU B 69 -19.18 -45.25 8.05
N PHE B 70 -19.50 -45.26 6.76
CA PHE B 70 -18.71 -44.54 5.76
C PHE B 70 -19.63 -43.93 4.71
N SER B 71 -19.39 -42.68 4.33
CA SER B 71 -20.24 -42.06 3.33
C SER B 71 -19.66 -42.11 1.93
N GLU B 72 -18.40 -42.52 1.77
CA GLU B 72 -17.75 -42.53 0.47
C GLU B 72 -17.16 -43.92 0.22
N VAL B 73 -17.22 -44.35 -1.03
CA VAL B 73 -16.51 -45.56 -1.45
C VAL B 73 -15.01 -45.27 -1.48
N GLU B 74 -14.21 -46.19 -0.93
CA GLU B 74 -12.76 -45.98 -0.86
C GLU B 74 -11.93 -47.19 -1.25
N GLY B 75 -12.43 -48.40 -1.08
CA GLY B 75 -11.69 -49.59 -1.46
C GLY B 75 -10.94 -50.21 -0.29
N ARG B 76 -9.64 -50.50 -0.49
CA ARG B 76 -8.88 -51.46 0.32
C ARG B 76 -8.97 -51.19 1.82
N ILE B 77 -8.63 -49.98 2.26
CA ILE B 77 -8.57 -49.70 3.69
C ILE B 77 -9.95 -49.75 4.30
N GLN B 78 -10.97 -49.27 3.59
CA GLN B 78 -12.32 -49.36 4.12
C GLN B 78 -12.81 -50.81 4.15
N ASP B 79 -12.43 -51.62 3.16
CA ASP B 79 -12.75 -53.05 3.21
C ASP B 79 -12.22 -53.68 4.49
N LEU B 80 -10.99 -53.35 4.85
CA LEU B 80 -10.35 -53.93 6.02
C LEU B 80 -10.99 -53.43 7.32
N GLU B 81 -11.27 -52.13 7.42
CA GLU B 81 -11.99 -51.61 8.59
C GLU B 81 -13.32 -52.32 8.79
N LYS B 82 -14.09 -52.50 7.70
CA LYS B 82 -15.38 -53.18 7.80
C LYS B 82 -15.22 -54.64 8.20
N TYR B 83 -14.23 -55.32 7.60
CA TYR B 83 -13.99 -56.73 7.87
C TYR B 83 -13.58 -56.97 9.32
N VAL B 84 -12.74 -56.09 9.86
CA VAL B 84 -12.29 -56.20 11.25
C VAL B 84 -13.48 -56.11 12.19
N GLU B 85 -14.37 -55.15 11.94
CA GLU B 85 -15.52 -54.97 12.82
C GLU B 85 -16.51 -56.12 12.68
N ASP B 86 -16.79 -56.54 11.45
CA ASP B 86 -17.68 -57.66 11.23
C ASP B 86 -17.12 -58.93 11.85
N THR B 87 -15.80 -59.13 11.75
CA THR B 87 -15.18 -60.28 12.39
C THR B 87 -15.39 -60.25 13.90
N LYS B 88 -15.17 -59.08 14.51
CA LYS B 88 -15.31 -58.91 15.96
C LYS B 88 -16.74 -59.19 16.40
N ILE B 89 -17.72 -58.60 15.71
CA ILE B 89 -19.12 -58.75 16.08
C ILE B 89 -19.56 -60.21 16.01
N ASP B 90 -19.15 -60.92 14.95
CA ASP B 90 -19.52 -62.34 14.82
C ASP B 90 -18.95 -63.18 15.95
N LEU B 91 -17.73 -62.88 16.39
CA LEU B 91 -17.15 -63.66 17.48
C LEU B 91 -17.81 -63.36 18.82
N TRP B 92 -18.11 -62.08 19.08
CA TRP B 92 -18.81 -61.76 20.33
C TRP B 92 -20.22 -62.32 20.31
N SER B 93 -20.89 -62.27 19.16
CA SER B 93 -22.21 -62.88 19.06
C SER B 93 -22.12 -64.38 19.33
N TYR B 94 -21.08 -65.05 18.82
CA TYR B 94 -20.90 -66.46 19.15
C TYR B 94 -20.70 -66.67 20.66
N ASN B 95 -19.83 -65.85 21.28
CA ASN B 95 -19.59 -65.98 22.72
C ASN B 95 -20.89 -65.82 23.51
N ALA B 96 -21.71 -64.82 23.15
CA ALA B 96 -22.98 -64.57 23.84
C ALA B 96 -23.96 -65.73 23.69
N GLU B 97 -24.09 -66.26 22.47
CA GLU B 97 -25.00 -67.38 22.23
C GLU B 97 -24.57 -68.63 23.01
N LEU B 98 -23.28 -68.96 22.97
CA LEU B 98 -22.76 -70.11 23.71
C LEU B 98 -22.87 -69.94 25.22
N LEU B 99 -22.51 -68.76 25.71
CA LEU B 99 -22.60 -68.50 27.14
C LEU B 99 -24.00 -68.77 27.67
N VAL B 100 -25.03 -68.22 27.03
CA VAL B 100 -26.39 -68.42 27.51
C VAL B 100 -26.81 -69.89 27.41
N ALA B 101 -26.42 -70.58 26.32
CA ALA B 101 -26.78 -71.99 26.19
C ALA B 101 -26.16 -72.84 27.29
N LEU B 102 -24.86 -72.66 27.54
CA LEU B 102 -24.16 -73.37 28.61
C LEU B 102 -24.72 -73.03 29.97
N GLU B 103 -24.90 -71.75 30.25
CA GLU B 103 -25.41 -71.35 31.57
C GLU B 103 -26.80 -71.94 31.80
N ASN B 104 -27.67 -71.89 30.78
CA ASN B 104 -29.05 -72.35 30.97
C ASN B 104 -29.11 -73.86 31.14
N GLN B 105 -28.30 -74.59 30.37
CA GLN B 105 -28.17 -76.04 30.59
C GLN B 105 -27.72 -76.33 32.02
N HIS B 106 -26.74 -75.56 32.52
CA HIS B 106 -26.21 -75.77 33.87
C HIS B 106 -27.22 -75.38 34.95
N THR B 107 -27.94 -74.27 34.75
CA THR B 107 -28.96 -73.86 35.72
C THR B 107 -30.07 -74.90 35.84
N ILE B 108 -30.52 -75.47 34.73
CA ILE B 108 -31.55 -76.52 34.80
C ILE B 108 -31.01 -77.74 35.54
N ASP B 109 -29.76 -78.15 35.24
CA ASP B 109 -29.18 -79.27 35.96
C ASP B 109 -28.91 -78.98 37.45
N LEU B 110 -28.43 -77.78 37.81
CA LEU B 110 -28.17 -77.54 39.23
C LEU B 110 -29.47 -77.49 40.03
N THR B 111 -30.55 -76.97 39.45
CA THR B 111 -31.80 -76.91 40.23
C THR B 111 -32.40 -78.31 40.39
N ASP B 112 -32.30 -79.14 39.35
CA ASP B 112 -32.63 -80.56 39.44
C ASP B 112 -31.81 -81.25 40.53
N SER B 113 -30.50 -80.97 40.55
CA SER B 113 -29.62 -81.50 41.58
C SER B 113 -30.08 -81.14 42.99
N GLU B 114 -30.40 -79.86 43.23
CA GLU B 114 -30.82 -79.47 44.58
C GLU B 114 -32.10 -80.19 45.00
N MET B 115 -33.01 -80.43 44.06
CA MET B 115 -34.21 -81.20 44.38
C MET B 115 -33.85 -82.62 44.78
N ASN B 116 -32.99 -83.26 43.98
CA ASN B 116 -32.53 -84.59 44.32
C ASN B 116 -31.83 -84.63 45.67
N LYS B 117 -31.02 -83.61 45.98
CA LYS B 117 -30.28 -83.63 47.24
C LYS B 117 -31.23 -83.60 48.44
N LEU B 118 -32.30 -82.80 48.33
CA LEU B 118 -33.27 -82.72 49.43
C LEU B 118 -33.99 -84.06 49.59
N PHE B 119 -34.34 -84.69 48.48
CA PHE B 119 -34.97 -86.00 48.54
C PHE B 119 -34.05 -87.01 49.19
N GLU B 120 -32.77 -87.03 48.79
CA GLU B 120 -31.83 -87.99 49.36
C GLU B 120 -31.59 -87.71 50.83
N LYS B 121 -31.52 -86.44 51.21
CA LYS B 121 -31.39 -86.10 52.63
C LYS B 121 -32.57 -86.62 53.43
N THR B 122 -33.78 -86.50 52.89
CA THR B 122 -34.97 -86.95 53.62
C THR B 122 -35.00 -88.47 53.73
N ARG B 123 -34.71 -89.16 52.63
CA ARG B 123 -34.61 -90.62 52.62
C ARG B 123 -33.68 -91.11 53.71
N ARG B 124 -32.49 -90.49 53.80
CA ARG B 124 -31.50 -90.92 54.79
C ARG B 124 -31.99 -90.69 56.22
N GLN B 125 -32.71 -89.59 56.47
CA GLN B 125 -33.26 -89.38 57.80
C GLN B 125 -34.19 -90.52 58.20
N LEU B 126 -35.01 -90.98 57.26
CA LEU B 126 -36.10 -91.89 57.60
C LEU B 126 -35.62 -93.33 57.85
N ARG B 127 -34.42 -93.68 57.40
CA ARG B 127 -33.82 -94.99 57.69
C ARG B 127 -34.77 -96.12 57.32
N GLU B 128 -35.11 -96.98 58.27
CA GLU B 128 -35.98 -98.11 57.95
C GLU B 128 -37.45 -97.82 58.23
N ASN B 129 -37.83 -96.56 58.44
CA ASN B 129 -39.19 -96.25 58.85
C ASN B 129 -40.10 -95.85 57.71
N ALA B 130 -39.57 -95.74 56.48
CA ALA B 130 -40.38 -95.33 55.33
C ALA B 130 -39.85 -96.02 54.08
N GLU B 131 -40.68 -96.02 53.04
CA GLU B 131 -40.32 -96.56 51.74
C GLU B 131 -40.63 -95.52 50.67
N ASP B 132 -39.76 -95.47 49.66
CA ASP B 132 -39.86 -94.56 48.52
C ASP B 132 -40.94 -95.05 47.56
N MET B 133 -42.00 -94.27 47.39
CA MET B 133 -43.09 -94.71 46.54
C MET B 133 -42.82 -94.49 45.05
N GLY B 134 -41.71 -93.85 44.67
CA GLY B 134 -41.32 -93.75 43.27
C GLY B 134 -41.73 -92.47 42.56
N ASN B 135 -42.45 -91.58 43.25
CA ASN B 135 -42.96 -90.34 42.68
C ASN B 135 -42.55 -89.14 43.54
N GLY B 136 -41.46 -89.26 44.28
CA GLY B 136 -41.03 -88.22 45.18
C GLY B 136 -41.66 -88.27 46.57
N CYS B 137 -42.51 -89.26 46.84
CA CYS B 137 -43.19 -89.38 48.12
C CYS B 137 -42.66 -90.58 48.90
N PHE B 138 -42.59 -90.41 50.21
CA PHE B 138 -42.27 -91.48 51.13
C PHE B 138 -43.56 -91.93 51.81
N LYS B 139 -43.77 -93.23 51.88
CA LYS B 139 -44.80 -93.78 52.74
C LYS B 139 -44.17 -94.05 54.10
N ILE B 140 -44.67 -93.36 55.12
CA ILE B 140 -44.10 -93.45 56.46
C ILE B 140 -44.97 -94.41 57.25
N TYR B 141 -44.37 -95.51 57.73
CA TYR B 141 -45.07 -96.66 58.29
C TYR B 141 -45.29 -96.55 59.79
N HIS B 142 -45.54 -95.34 60.29
CA HIS B 142 -45.85 -95.18 61.70
C HIS B 142 -46.64 -93.89 61.85
N LYS B 143 -47.34 -93.77 62.96
CA LYS B 143 -48.05 -92.54 63.26
C LYS B 143 -47.06 -91.39 63.31
N CYS B 144 -47.32 -90.35 62.54
CA CYS B 144 -46.37 -89.24 62.41
C CYS B 144 -47.21 -87.97 62.35
N ASP B 145 -47.52 -87.42 63.53
CA ASP B 145 -48.33 -86.23 63.66
C ASP B 145 -47.52 -84.99 63.23
N ASN B 146 -48.11 -83.80 63.45
CA ASN B 146 -47.54 -82.58 62.89
C ASN B 146 -46.15 -82.28 63.44
N ALA B 147 -45.92 -82.49 64.73
CA ALA B 147 -44.60 -82.29 65.31
C ALA B 147 -43.58 -83.27 64.71
N CYS B 148 -44.00 -84.51 64.52
CA CYS B 148 -43.13 -85.53 63.91
C CYS B 148 -42.75 -85.12 62.49
N ILE B 149 -43.74 -84.73 61.67
CA ILE B 149 -43.44 -84.22 60.33
C ILE B 149 -42.51 -83.03 60.42
N GLY B 150 -42.78 -82.13 61.38
CA GLY B 150 -41.90 -80.99 61.58
C GLY B 150 -40.48 -81.39 61.90
N SER B 151 -40.32 -82.45 62.70
CA SER B 151 -38.98 -82.93 63.05
C SER B 151 -38.22 -83.40 61.81
N ILE B 152 -38.94 -84.02 60.87
CA ILE B 152 -38.32 -84.43 59.61
C ILE B 152 -37.91 -83.20 58.80
N ARG B 153 -38.77 -82.19 58.74
CA ARG B 153 -38.44 -81.01 57.94
C ARG B 153 -37.25 -80.24 58.51
N ASN B 154 -37.03 -80.26 59.83
CA ASN B 154 -35.92 -79.49 60.39
C ASN B 154 -34.74 -80.36 60.80
N GLY B 155 -34.69 -81.61 60.34
CA GLY B 155 -33.51 -82.44 60.51
C GLY B 155 -33.29 -83.01 61.90
N THR B 156 -34.31 -83.05 62.76
CA THR B 156 -34.17 -83.59 64.11
C THR B 156 -34.94 -84.89 64.31
N TYR B 157 -35.54 -85.44 63.26
CA TYR B 157 -36.29 -86.69 63.39
C TYR B 157 -35.37 -87.78 63.94
N ASP B 158 -35.87 -88.50 64.96
CA ASP B 158 -35.14 -89.56 65.64
C ASP B 158 -35.75 -90.88 65.17
N HIS B 159 -35.08 -91.56 64.25
CA HIS B 159 -35.68 -92.77 63.68
C HIS B 159 -35.83 -93.88 64.71
N ASP B 160 -34.99 -93.89 65.75
CA ASP B 160 -35.07 -94.98 66.73
C ASP B 160 -36.39 -94.97 67.50
N VAL B 161 -36.99 -93.79 67.70
CA VAL B 161 -38.23 -93.69 68.46
C VAL B 161 -39.36 -94.50 67.81
N TYR B 162 -39.35 -94.59 66.48
CA TYR B 162 -40.46 -95.18 65.74
C TYR B 162 -40.11 -96.49 65.06
N ARG B 163 -38.85 -96.93 65.14
CA ARG B 163 -38.39 -98.05 64.32
C ARG B 163 -39.21 -99.31 64.58
N ASP B 164 -39.44 -99.65 65.86
CA ASP B 164 -40.20 -100.86 66.19
C ASP B 164 -41.59 -100.82 65.56
N GLU B 165 -42.32 -99.72 65.77
CA GLU B 165 -43.62 -99.55 65.13
C GLU B 165 -43.55 -99.63 63.61
N ALA B 166 -42.53 -99.00 63.00
CA ALA B 166 -42.44 -99.00 61.54
C ALA B 166 -42.10 -100.39 61.00
N LEU B 167 -41.11 -101.07 61.60
CA LEU B 167 -40.77 -102.40 61.12
C LEU B 167 -41.97 -103.33 61.17
N ASN B 168 -42.73 -103.27 62.26
CA ASN B 168 -43.91 -104.12 62.40
C ASN B 168 -44.91 -103.88 61.26
N ASN B 169 -45.17 -102.62 60.91
CA ASN B 169 -46.10 -102.33 59.82
C ASN B 169 -45.51 -102.69 58.45
N ARG B 170 -44.20 -102.50 58.27
CA ARG B 170 -43.62 -102.75 56.95
C ARG B 170 -43.65 -104.22 56.59
N PHE B 171 -43.31 -105.09 57.53
CA PHE B 171 -43.09 -106.51 57.26
C PHE B 171 -44.24 -107.35 57.83
N GLN B 172 -45.43 -107.05 57.25
CA GLN B 172 -46.74 -107.65 57.50
C GLN B 172 -47.40 -107.02 58.74
N PRO C 3 -22.82 4.38 17.86
CA PRO C 3 -23.06 3.24 16.97
C PRO C 3 -23.25 3.71 15.52
N GLY C 4 -22.47 4.72 15.14
CA GLY C 4 -22.50 5.22 13.80
C GLY C 4 -21.32 6.13 13.54
N ALA C 5 -21.47 6.97 12.51
CA ALA C 5 -20.36 7.83 12.09
C ALA C 5 -20.94 9.05 11.39
N THR C 6 -20.10 10.05 11.22
CA THR C 6 -20.41 11.25 10.44
C THR C 6 -19.34 11.41 9.35
N LEU C 7 -19.78 11.71 8.12
CA LEU C 7 -18.88 11.96 6.99
C LEU C 7 -19.25 13.28 6.35
N CYS C 8 -18.36 14.27 6.45
CA CYS C 8 -18.62 15.63 6.02
C CYS C 8 -17.85 15.93 4.75
N LEU C 9 -18.54 16.46 3.74
CA LEU C 9 -17.89 16.88 2.51
C LEU C 9 -17.47 18.35 2.63
N GLY C 10 -16.35 18.69 2.02
CA GLY C 10 -15.99 20.10 2.08
C GLY C 10 -14.95 20.47 1.05
N HIS C 11 -14.48 21.71 1.16
CA HIS C 11 -13.52 22.29 0.24
C HIS C 11 -12.50 23.10 1.02
N HIS C 12 -11.40 23.44 0.35
CA HIS C 12 -10.36 24.20 1.03
C HIS C 12 -10.71 25.68 1.08
N ALA C 13 -9.91 26.40 1.87
CA ALA C 13 -9.93 27.86 1.93
C ALA C 13 -8.51 28.31 2.26
N VAL C 14 -8.25 29.59 2.04
CA VAL C 14 -6.93 30.15 2.32
C VAL C 14 -7.09 31.35 3.25
N PRO C 15 -6.07 31.70 4.05
CA PRO C 15 -6.16 32.90 4.87
C PRO C 15 -5.99 34.19 4.10
N ASN C 16 -5.50 34.14 2.85
CA ASN C 16 -5.11 35.34 2.10
C ASN C 16 -5.77 35.29 0.72
N GLY C 17 -7.10 35.43 0.67
CA GLY C 17 -7.80 35.43 -0.60
C GLY C 17 -7.64 36.73 -1.37
N THR C 18 -8.15 36.76 -2.61
CA THR C 18 -8.07 37.93 -3.48
C THR C 18 -9.44 38.26 -4.07
N LEU C 19 -9.69 39.55 -4.23
CA LEU C 19 -10.95 40.03 -4.79
C LEU C 19 -10.88 40.02 -6.30
N VAL C 20 -11.94 39.52 -6.95
CA VAL C 20 -12.09 39.56 -8.40
C VAL C 20 -13.49 40.06 -8.75
N LYS C 21 -13.63 40.44 -10.01
CA LYS C 21 -14.89 40.91 -10.59
C LYS C 21 -15.55 39.77 -11.34
N THR C 22 -16.87 39.68 -11.25
CA THR C 22 -17.67 38.75 -12.02
C THR C 22 -18.77 39.53 -12.73
N ILE C 23 -19.63 38.78 -13.44
CA ILE C 23 -20.84 39.31 -14.05
C ILE C 23 -21.78 39.90 -13.01
N THR C 24 -21.85 39.31 -11.82
CA THR C 24 -22.83 39.71 -10.82
C THR C 24 -22.26 40.45 -9.62
N ASN C 25 -20.94 40.41 -9.43
CA ASN C 25 -20.30 40.99 -8.25
C ASN C 25 -19.11 41.83 -8.66
N ASP C 26 -19.07 43.07 -8.18
CA ASP C 26 -17.92 43.93 -8.44
C ASP C 26 -16.65 43.39 -7.78
N GLN C 27 -16.79 42.74 -6.62
CA GLN C 27 -15.66 42.29 -5.82
C GLN C 27 -16.09 41.08 -5.01
N ILE C 28 -15.56 39.92 -5.35
CA ILE C 28 -15.85 38.69 -4.65
C ILE C 28 -14.53 37.96 -4.43
N GLU C 29 -14.38 37.34 -3.26
CA GLU C 29 -13.08 36.79 -2.86
C GLU C 29 -12.94 35.35 -3.34
N VAL C 30 -11.83 35.07 -4.01
CA VAL C 30 -11.49 33.72 -4.46
C VAL C 30 -10.17 33.34 -3.80
N THR C 31 -9.81 32.06 -3.88
CA THR C 31 -8.60 31.60 -3.19
C THR C 31 -7.33 32.05 -3.88
N ASN C 32 -7.40 32.34 -5.17
CA ASN C 32 -6.20 32.64 -5.93
C ASN C 32 -6.64 33.31 -7.22
N ALA C 33 -5.73 34.10 -7.80
CA ALA C 33 -6.02 34.79 -9.03
C ALA C 33 -4.71 35.16 -9.71
N THR C 34 -4.81 35.54 -10.99
CA THR C 34 -3.61 35.91 -11.73
C THR C 34 -3.88 37.18 -12.53
N GLU C 35 -2.84 38.01 -12.65
CA GLU C 35 -2.96 39.32 -13.30
C GLU C 35 -2.86 39.17 -14.82
N LEU C 36 -3.80 39.78 -15.54
CA LEU C 36 -3.80 39.70 -16.99
C LEU C 36 -3.24 40.95 -17.67
N VAL C 37 -3.02 42.04 -16.93
CA VAL C 37 -2.52 43.30 -17.49
C VAL C 37 -1.07 43.49 -17.08
N GLN C 38 -0.19 43.60 -18.07
CA GLN C 38 1.21 43.96 -17.85
C GLN C 38 1.28 45.47 -17.64
N SER C 39 1.66 45.90 -16.44
CA SER C 39 1.64 47.32 -16.13
C SER C 39 3.01 47.89 -15.78
N SER C 40 4.07 47.09 -15.90
CA SER C 40 5.40 47.57 -15.56
C SER C 40 6.38 47.25 -16.68
N SER C 41 7.47 48.03 -16.73
CA SER C 41 8.58 47.77 -17.62
C SER C 41 9.87 47.88 -16.83
N THR C 42 10.89 47.12 -17.23
CA THR C 42 12.21 47.35 -16.65
C THR C 42 12.80 48.71 -17.02
N GLY C 43 12.29 49.34 -18.07
CA GLY C 43 12.83 50.61 -18.54
C GLY C 43 13.96 50.49 -19.54
N ARG C 44 14.30 49.28 -19.99
CA ARG C 44 15.38 49.06 -20.94
C ARG C 44 14.84 48.36 -22.18
N ILE C 45 15.30 48.79 -23.34
CA ILE C 45 15.02 48.12 -24.59
C ILE C 45 16.03 46.99 -24.73
N CYS C 46 15.54 45.76 -24.66
CA CYS C 46 16.42 44.60 -24.78
C CYS C 46 16.91 44.50 -26.23
N ASP C 47 18.22 44.29 -26.41
CA ASP C 47 18.81 44.27 -27.75
C ASP C 47 18.65 42.92 -28.47
N SER C 48 17.91 41.98 -27.90
CA SER C 48 17.58 40.71 -28.52
C SER C 48 16.09 40.42 -28.31
N PRO C 49 15.43 39.69 -29.23
CA PRO C 49 15.90 39.11 -30.49
C PRO C 49 15.81 40.05 -31.70
N HIS C 50 15.36 41.29 -31.55
CA HIS C 50 15.25 42.20 -32.69
C HIS C 50 16.54 43.03 -32.80
N ARG C 51 16.97 43.31 -34.03
CA ARG C 51 18.15 44.15 -34.25
C ARG C 51 17.78 45.61 -33.99
N ILE C 52 18.29 46.17 -32.91
CA ILE C 52 17.98 47.54 -32.50
C ILE C 52 19.07 48.46 -33.04
N LEU C 53 18.68 49.52 -33.76
CA LEU C 53 19.62 50.56 -34.17
C LEU C 53 19.30 51.83 -33.40
N ASP C 54 20.20 52.22 -32.52
CA ASP C 54 20.06 53.45 -31.75
C ASP C 54 20.47 54.64 -32.61
N GLY C 55 19.52 55.52 -32.95
CA GLY C 55 19.85 56.65 -33.80
C GLY C 55 20.73 57.69 -33.11
N LYS C 56 20.78 57.67 -31.79
CA LYS C 56 21.59 58.61 -31.00
C LYS C 56 21.24 60.04 -31.39
N ASN C 57 22.21 60.81 -31.92
CA ASN C 57 21.94 62.18 -32.33
C ASN C 57 21.25 62.33 -33.68
N CYS C 58 20.91 61.24 -34.36
CA CYS C 58 20.43 61.26 -35.73
C CYS C 58 18.99 60.77 -35.84
N THR C 59 18.17 61.55 -36.54
CA THR C 59 16.91 61.04 -37.05
C THR C 59 17.18 60.10 -38.22
N LEU C 60 16.20 59.24 -38.52
CA LEU C 60 16.35 58.37 -39.68
C LEU C 60 16.52 59.18 -40.97
N ILE C 61 15.78 60.28 -41.11
CA ILE C 61 15.86 61.05 -42.36
C ILE C 61 17.25 61.66 -42.54
N ASP C 62 17.84 62.19 -41.47
CA ASP C 62 19.20 62.73 -41.58
C ASP C 62 20.22 61.64 -41.86
N ALA C 63 20.01 60.43 -41.32
CA ALA C 63 20.85 59.30 -41.67
C ALA C 63 20.67 58.90 -43.13
N LEU C 64 19.45 59.03 -43.65
CA LEU C 64 19.17 58.75 -45.05
C LEU C 64 19.89 59.76 -45.95
N LEU C 65 19.70 61.05 -45.69
CA LEU C 65 20.29 62.09 -46.54
C LEU C 65 21.81 62.09 -46.45
N GLY C 66 22.35 61.76 -45.28
CA GLY C 66 23.80 61.76 -45.11
C GLY C 66 24.35 63.03 -44.48
N ASP C 67 23.60 63.59 -43.53
CA ASP C 67 24.10 64.65 -42.67
C ASP C 67 25.44 64.21 -42.07
N PRO C 68 26.50 65.04 -42.14
CA PRO C 68 27.85 64.57 -41.75
C PRO C 68 27.95 63.88 -40.39
N HIS C 69 27.30 64.38 -39.33
CA HIS C 69 27.42 63.72 -38.04
C HIS C 69 26.64 62.39 -37.98
N CYS C 70 25.94 62.04 -39.06
CA CYS C 70 25.23 60.77 -39.22
C CYS C 70 25.93 59.82 -40.17
N ASP C 71 27.19 60.10 -40.53
CA ASP C 71 27.89 59.26 -41.51
C ASP C 71 28.08 57.83 -41.00
N GLY C 72 28.09 57.64 -39.68
CA GLY C 72 28.23 56.30 -39.13
C GLY C 72 27.05 55.38 -39.40
N PHE C 73 25.93 55.88 -39.92
CA PHE C 73 24.76 55.05 -40.21
C PHE C 73 24.69 54.61 -41.66
N GLN C 74 25.72 54.91 -42.46
CA GLN C 74 25.72 54.51 -43.86
C GLN C 74 25.53 53.01 -43.99
N ASN C 75 24.59 52.62 -44.85
CA ASN C 75 24.31 51.23 -45.19
C ASN C 75 23.86 50.39 -44.00
N GLU C 76 23.36 51.04 -42.97
CA GLU C 76 22.94 50.34 -41.76
C GLU C 76 21.59 49.66 -41.96
N LYS C 77 21.26 48.80 -41.02
CA LYS C 77 20.12 47.90 -41.14
C LYS C 77 19.56 47.72 -39.75
N TRP C 78 18.24 47.51 -39.66
CA TRP C 78 17.57 47.47 -38.37
C TRP C 78 16.27 46.70 -38.49
N ASP C 79 15.90 46.02 -37.39
CA ASP C 79 14.51 45.67 -37.20
C ASP C 79 13.76 46.86 -36.62
N LEU C 80 14.33 47.50 -35.60
CA LEU C 80 13.72 48.68 -34.99
C LEU C 80 14.74 49.79 -34.91
N PHE C 81 14.46 50.91 -35.58
CA PHE C 81 15.23 52.14 -35.46
C PHE C 81 14.65 52.96 -34.31
N VAL C 82 15.50 53.34 -33.36
CA VAL C 82 15.07 54.10 -32.18
C VAL C 82 15.52 55.55 -32.36
N GLU C 83 14.57 56.46 -32.48
CA GLU C 83 14.86 57.88 -32.61
C GLU C 83 14.83 58.54 -31.24
N ARG C 84 15.89 59.29 -30.92
CA ARG C 84 16.03 59.95 -29.63
C ARG C 84 15.56 61.39 -29.67
N SER C 85 14.98 61.85 -28.57
CA SER C 85 14.46 63.21 -28.50
C SER C 85 15.58 64.25 -28.59
N LYS C 86 16.82 63.88 -28.28
CA LYS C 86 17.96 64.80 -28.37
C LYS C 86 18.49 64.93 -29.79
N ALA C 87 17.96 64.21 -30.77
CA ALA C 87 18.49 64.25 -32.12
C ALA C 87 18.45 65.68 -32.68
N PHE C 88 19.38 65.97 -33.59
CA PHE C 88 19.43 67.30 -34.20
C PHE C 88 20.02 67.20 -35.59
N SER C 89 19.56 68.10 -36.47
CA SER C 89 20.13 68.27 -37.80
C SER C 89 21.29 69.27 -37.75
N ASN C 90 22.32 69.02 -38.54
CA ASN C 90 23.51 69.86 -38.52
C ASN C 90 24.09 70.06 -39.92
N CYS C 91 23.22 70.17 -40.92
CA CYS C 91 23.65 70.34 -42.31
C CYS C 91 22.83 71.45 -42.96
N TYR C 92 22.64 71.40 -44.26
CA TYR C 92 21.90 72.48 -44.94
C TYR C 92 20.45 72.46 -44.47
N PRO C 93 19.86 73.62 -44.16
CA PRO C 93 18.45 73.64 -43.72
C PRO C 93 17.54 73.11 -44.83
N TYR C 94 16.61 72.26 -44.44
CA TYR C 94 15.80 71.53 -45.42
C TYR C 94 14.40 71.27 -44.87
N ASP C 95 13.51 70.94 -45.78
CA ASP C 95 12.19 70.43 -45.43
C ASP C 95 11.85 69.27 -46.36
N VAL C 96 11.05 68.34 -45.85
CA VAL C 96 10.53 67.25 -46.68
C VAL C 96 9.02 67.39 -46.77
N PRO C 97 8.46 67.87 -47.87
CA PRO C 97 7.01 67.77 -48.05
C PRO C 97 6.60 66.30 -47.86
N ASP C 98 5.65 66.07 -46.96
CA ASP C 98 5.25 64.69 -46.59
C ASP C 98 6.44 63.92 -45.99
N TYR C 99 7.17 64.61 -45.10
CA TYR C 99 8.17 64.00 -44.23
C TYR C 99 7.68 62.67 -43.62
N ALA C 100 6.45 62.67 -43.09
CA ALA C 100 5.96 61.49 -42.37
C ALA C 100 5.93 60.25 -43.26
N SER C 101 5.56 60.40 -44.54
CA SER C 101 5.52 59.24 -45.41
C SER C 101 6.92 58.74 -45.76
N LEU C 102 7.87 59.66 -46.01
CA LEU C 102 9.22 59.19 -46.34
C LEU C 102 9.84 58.47 -45.14
N ARG C 103 9.69 59.05 -43.95
CA ARG C 103 10.17 58.40 -42.73
C ARG C 103 9.54 57.01 -42.57
N SER C 104 8.25 56.89 -42.86
CA SER C 104 7.56 55.62 -42.70
C SER C 104 8.06 54.59 -43.69
N LEU C 105 8.22 54.97 -44.96
CA LEU C 105 8.55 53.94 -45.93
C LEU C 105 10.00 53.49 -45.81
N VAL C 106 10.90 54.39 -45.38
CA VAL C 106 12.27 54.00 -45.12
C VAL C 106 12.33 53.09 -43.89
N ALA C 107 11.67 53.50 -42.81
CA ALA C 107 11.65 52.70 -41.58
C ALA C 107 11.14 51.30 -41.84
N SER C 108 10.09 51.19 -42.65
CA SER C 108 9.48 49.90 -42.95
C SER C 108 10.37 49.07 -43.86
N SER C 109 11.11 49.72 -44.77
CA SER C 109 12.08 49.00 -45.59
C SER C 109 13.20 48.42 -44.74
N GLY C 110 13.58 49.10 -43.67
CA GLY C 110 14.56 48.57 -42.73
C GLY C 110 16.02 48.58 -43.16
N THR C 111 16.41 49.42 -44.13
CA THR C 111 17.79 49.41 -44.56
C THR C 111 18.17 50.79 -45.10
N LEU C 112 19.45 51.15 -44.93
CA LEU C 112 20.01 52.33 -45.60
C LEU C 112 20.99 51.97 -46.71
N GLU C 113 20.95 50.72 -47.17
CA GLU C 113 21.87 50.25 -48.19
C GLU C 113 21.76 51.11 -49.44
N PHE C 114 22.87 51.75 -49.80
CA PHE C 114 22.90 52.75 -50.85
C PHE C 114 23.89 52.29 -51.92
N ILE C 115 23.47 52.34 -53.18
CA ILE C 115 24.31 51.93 -54.29
C ILE C 115 24.56 53.15 -55.17
N ASN C 116 25.83 53.48 -55.38
CA ASN C 116 26.19 54.60 -56.23
C ASN C 116 25.89 54.30 -57.69
N GLU C 117 25.35 55.29 -58.40
CA GLU C 117 25.18 55.17 -59.83
C GLU C 117 25.89 56.32 -60.52
N GLY C 118 26.47 56.05 -61.68
CA GLY C 118 27.19 57.08 -62.40
C GLY C 118 26.30 57.91 -63.31
N PHE C 119 25.62 58.89 -62.75
CA PHE C 119 24.86 59.84 -63.57
C PHE C 119 25.82 60.70 -64.38
N ASN C 120 25.41 61.07 -65.60
CA ASN C 120 26.27 61.85 -66.49
C ASN C 120 25.93 63.32 -66.33
N TRP C 121 26.72 64.05 -65.52
CA TRP C 121 26.46 65.47 -65.28
C TRP C 121 27.46 66.33 -66.06
N THR C 122 27.49 66.14 -67.38
CA THR C 122 28.37 66.94 -68.23
C THR C 122 27.80 68.34 -68.41
N GLY C 123 28.62 69.35 -68.12
CA GLY C 123 28.21 70.73 -68.30
C GLY C 123 27.86 71.48 -67.03
N VAL C 124 27.97 70.84 -65.85
CA VAL C 124 27.72 71.50 -64.58
C VAL C 124 28.84 71.14 -63.62
N THR C 125 28.96 71.92 -62.55
CA THR C 125 29.88 71.60 -61.47
C THR C 125 29.18 70.77 -60.41
N GLN C 126 29.87 69.75 -59.90
CA GLN C 126 29.28 68.81 -58.94
C GLN C 126 29.71 69.15 -57.52
N SER C 127 29.01 68.55 -56.55
CA SER C 127 29.46 68.53 -55.16
C SER C 127 29.59 69.94 -54.56
N GLY C 128 28.62 70.80 -54.84
CA GLY C 128 28.56 72.07 -54.13
C GLY C 128 28.43 71.86 -52.63
N GLY C 129 29.04 72.76 -51.86
CA GLY C 129 29.04 72.66 -50.40
C GLY C 129 28.58 73.94 -49.75
N SER C 130 28.57 73.92 -48.41
CA SER C 130 28.10 75.05 -47.63
C SER C 130 28.74 75.04 -46.26
N TYR C 131 28.94 76.24 -45.68
CA TYR C 131 29.43 76.32 -44.31
C TYR C 131 28.35 75.96 -43.30
N ALA C 132 27.09 75.81 -43.73
CA ALA C 132 26.09 75.24 -42.84
C ALA C 132 26.27 73.74 -42.64
N CYS C 133 27.10 73.09 -43.46
CA CYS C 133 27.22 71.65 -43.46
C CYS C 133 28.70 71.26 -43.52
N LYS C 134 29.43 71.60 -42.47
CA LYS C 134 30.87 71.39 -42.43
C LYS C 134 31.20 69.93 -42.18
N ARG C 135 32.23 69.43 -42.86
CA ARG C 135 32.75 68.08 -42.67
C ARG C 135 34.21 68.24 -42.28
N GLY C 136 34.47 68.27 -40.98
CA GLY C 136 35.76 68.71 -40.50
C GLY C 136 35.87 70.21 -40.66
N SER C 137 36.87 70.66 -41.40
CA SER C 137 37.05 72.08 -41.69
C SER C 137 36.47 72.50 -43.04
N ASP C 138 36.14 71.53 -43.89
CA ASP C 138 35.69 71.81 -45.25
C ASP C 138 34.20 72.06 -45.29
N ASN C 139 33.78 73.04 -46.09
CA ASN C 139 32.38 73.15 -46.47
C ASN C 139 31.93 71.86 -47.18
N SER C 140 30.74 71.38 -46.83
CA SER C 140 30.30 70.11 -47.40
C SER C 140 28.79 70.12 -47.55
N PHE C 141 28.19 68.93 -47.64
CA PHE C 141 26.81 68.75 -48.04
C PHE C 141 26.40 67.32 -47.70
N PHE C 142 25.10 67.05 -47.80
CA PHE C 142 24.56 65.71 -47.59
C PHE C 142 25.33 64.69 -48.45
N SER C 143 25.76 63.59 -47.83
CA SER C 143 26.65 62.66 -48.52
C SER C 143 25.95 61.91 -49.66
N ARG C 144 24.63 61.74 -49.60
CA ARG C 144 23.93 61.03 -50.65
C ARG C 144 23.35 61.95 -51.72
N LEU C 145 23.54 63.26 -51.59
CA LEU C 145 23.00 64.24 -52.52
C LEU C 145 24.13 64.98 -53.21
N ASN C 146 23.86 65.46 -54.42
CA ASN C 146 24.88 66.03 -55.29
C ASN C 146 24.41 67.40 -55.76
N TRP C 147 24.98 68.46 -55.18
CA TRP C 147 24.57 69.83 -55.45
C TRP C 147 25.23 70.29 -56.75
N LEU C 148 24.46 70.33 -57.83
CA LEU C 148 24.97 70.78 -59.12
C LEU C 148 24.81 72.29 -59.28
N TYR C 149 25.83 72.92 -59.87
CA TYR C 149 25.75 74.34 -60.18
C TYR C 149 26.58 74.60 -61.44
N GLU C 150 26.51 75.85 -61.90
CA GLU C 150 27.05 76.23 -63.20
C GLU C 150 28.51 75.80 -63.36
N SER C 151 28.90 75.56 -64.61
CA SER C 151 30.29 75.35 -64.98
C SER C 151 30.63 76.33 -66.09
N GLU C 152 31.71 77.09 -65.88
CA GLU C 152 32.14 78.13 -66.83
C GLU C 152 31.01 79.12 -67.14
N SER C 153 30.22 79.44 -66.13
CA SER C 153 29.12 80.40 -66.19
C SER C 153 27.99 79.97 -67.12
N LYS C 154 27.85 78.66 -67.41
CA LYS C 154 26.64 78.15 -68.05
C LYS C 154 26.02 77.03 -67.22
N TYR C 155 24.72 76.81 -67.45
CA TYR C 155 23.98 75.70 -66.86
C TYR C 155 23.05 75.15 -67.95
N PRO C 156 23.46 74.13 -68.68
CA PRO C 156 22.61 73.61 -69.76
C PRO C 156 21.39 72.87 -69.22
N VAL C 157 20.43 72.65 -70.11
CA VAL C 157 19.22 71.91 -69.73
C VAL C 157 19.63 70.46 -69.50
N LEU C 158 19.64 70.03 -68.24
CA LEU C 158 20.08 68.69 -67.90
C LEU C 158 18.97 67.69 -68.23
N ASN C 159 19.38 66.55 -68.76
CA ASN C 159 18.42 65.55 -69.25
C ASN C 159 19.11 64.19 -69.16
N VAL C 160 18.99 63.55 -68.00
CA VAL C 160 19.77 62.36 -67.65
C VAL C 160 18.82 61.19 -67.37
N THR C 161 19.25 59.99 -67.75
CA THR C 161 18.44 58.80 -67.62
C THR C 161 19.15 57.74 -66.79
N MET C 162 18.36 56.86 -66.16
CA MET C 162 18.91 55.78 -65.35
C MET C 162 17.89 54.65 -65.29
N PRO C 163 18.09 53.59 -66.06
CA PRO C 163 17.11 52.49 -66.08
C PRO C 163 17.25 51.58 -64.88
N ASN C 164 16.19 50.85 -64.60
CA ASN C 164 16.21 49.80 -63.59
C ASN C 164 16.23 48.47 -64.34
N ASN C 165 17.43 47.93 -64.55
CA ASN C 165 17.60 46.64 -65.21
C ASN C 165 17.80 45.49 -64.25
N GLY C 166 17.62 45.73 -62.94
CA GLY C 166 17.63 44.67 -61.95
C GLY C 166 16.23 44.13 -61.72
N ASN C 167 16.08 43.42 -60.61
CA ASN C 167 14.82 42.77 -60.27
C ASN C 167 14.32 43.20 -58.89
N PHE C 168 14.67 44.41 -58.47
CA PHE C 168 14.21 44.98 -57.21
C PHE C 168 13.92 46.46 -57.43
N ASP C 169 13.22 47.05 -56.46
CA ASP C 169 12.84 48.45 -56.52
C ASP C 169 13.98 49.34 -56.07
N LYS C 170 14.10 50.50 -56.69
CA LYS C 170 15.08 51.50 -56.32
C LYS C 170 14.37 52.72 -55.74
N LEU C 171 14.86 53.21 -54.60
CA LEU C 171 14.39 54.46 -54.01
C LEU C 171 15.41 55.56 -54.29
N TYR C 172 14.97 56.62 -54.99
CA TYR C 172 15.78 57.79 -55.26
C TYR C 172 15.33 58.94 -54.38
N ILE C 173 16.27 59.54 -53.67
CA ILE C 173 16.04 60.75 -52.88
C ILE C 173 16.71 61.89 -53.62
N TRP C 174 15.95 62.95 -53.91
CA TRP C 174 16.50 64.10 -54.63
C TRP C 174 15.91 65.36 -54.03
N GLY C 175 16.35 66.52 -54.54
CA GLY C 175 15.95 67.77 -53.91
C GLY C 175 15.93 68.95 -54.87
N VAL C 176 15.46 70.07 -54.34
CA VAL C 176 15.42 71.35 -55.05
C VAL C 176 16.03 72.39 -54.13
N HIS C 177 16.89 73.23 -54.67
CA HIS C 177 17.48 74.30 -53.90
C HIS C 177 16.64 75.57 -54.06
N HIS C 178 16.28 76.18 -52.92
CA HIS C 178 15.59 77.46 -52.88
C HIS C 178 16.58 78.53 -52.49
N PRO C 179 17.15 79.29 -53.44
CA PRO C 179 18.07 80.36 -53.06
C PRO C 179 17.33 81.45 -52.30
N SER C 180 18.08 82.19 -51.49
CA SER C 180 17.49 83.29 -50.74
C SER C 180 17.42 84.59 -51.55
N THR C 181 18.21 84.73 -52.61
CA THR C 181 18.25 85.96 -53.39
C THR C 181 18.38 85.67 -54.88
N ASP C 182 18.00 86.66 -55.70
CA ASP C 182 18.17 86.52 -57.14
C ASP C 182 19.65 86.49 -57.52
N LYS C 183 20.48 87.18 -56.76
CA LYS C 183 21.92 87.12 -56.97
C LYS C 183 22.42 85.69 -56.83
N GLU C 184 21.96 84.98 -55.80
CA GLU C 184 22.33 83.57 -55.65
C GLU C 184 21.84 82.75 -56.83
N GLN C 185 20.57 82.93 -57.20
CA GLN C 185 19.99 82.16 -58.30
C GLN C 185 20.83 82.27 -59.57
N THR C 186 21.11 83.49 -60.03
CA THR C 186 21.87 83.65 -61.26
C THR C 186 23.32 83.23 -61.10
N ASN C 187 23.93 83.54 -59.94
CA ASN C 187 25.31 83.12 -59.70
C ASN C 187 25.47 81.61 -59.77
N LEU C 188 24.46 80.85 -59.34
CA LEU C 188 24.54 79.40 -59.32
C LEU C 188 23.97 78.76 -60.57
N TYR C 189 22.83 79.24 -61.09
CA TYR C 189 22.12 78.57 -62.17
C TYR C 189 21.92 79.42 -63.41
N VAL C 190 22.51 80.62 -63.47
CA VAL C 190 22.52 81.51 -64.64
C VAL C 190 21.13 82.05 -64.95
N ARG C 191 20.17 81.16 -65.10
CA ARG C 191 18.79 81.52 -65.40
C ARG C 191 18.13 82.19 -64.20
N ALA C 192 17.08 82.97 -64.48
CA ALA C 192 16.39 83.70 -63.43
C ALA C 192 15.54 82.79 -62.54
N SER C 193 15.24 81.57 -63.00
CA SER C 193 14.49 80.62 -62.18
C SER C 193 14.71 79.23 -62.75
N GLY C 194 14.66 78.24 -61.87
CA GLY C 194 14.93 76.87 -62.24
C GLY C 194 13.68 76.02 -62.33
N ARG C 195 13.91 74.74 -62.60
CA ARG C 195 12.82 73.76 -62.68
C ARG C 195 13.44 72.37 -62.56
N VAL C 196 12.78 71.52 -61.78
CA VAL C 196 13.21 70.14 -61.61
C VAL C 196 12.02 69.24 -61.90
N THR C 197 12.16 68.37 -62.89
CA THR C 197 11.14 67.40 -63.26
C THR C 197 11.76 66.02 -63.20
N VAL C 198 11.19 65.13 -62.38
CA VAL C 198 11.66 63.77 -62.21
C VAL C 198 10.51 62.85 -62.58
N SER C 199 10.73 61.94 -63.53
CA SER C 199 9.63 61.19 -64.11
C SER C 199 10.01 59.73 -64.32
N THR C 200 8.98 58.89 -64.40
CA THR C 200 9.10 57.50 -64.84
C THR C 200 8.10 57.28 -65.97
N LYS C 201 7.96 56.04 -66.45
CA LYS C 201 6.95 55.78 -67.47
C LYS C 201 5.54 56.17 -67.00
N ARG C 202 5.23 55.96 -65.72
CA ARG C 202 3.86 56.18 -65.28
C ARG C 202 3.68 57.34 -64.30
N SER C 203 4.75 57.94 -63.80
CA SER C 203 4.62 59.00 -62.81
C SER C 203 5.54 60.15 -63.16
N GLN C 204 5.18 61.35 -62.71
CA GLN C 204 6.03 62.52 -62.89
C GLN C 204 5.86 63.45 -61.71
N GLN C 205 6.92 64.18 -61.39
CA GLN C 205 6.91 65.26 -60.40
C GLN C 205 7.70 66.42 -60.95
N THR C 206 7.13 67.64 -60.87
CA THR C 206 7.83 68.86 -61.24
C THR C 206 7.74 69.84 -60.07
N ILE C 207 8.89 70.35 -59.66
CA ILE C 207 8.98 71.32 -58.58
C ILE C 207 9.62 72.59 -59.12
N ILE C 208 9.05 73.73 -58.77
CA ILE C 208 9.57 75.03 -59.15
C ILE C 208 10.18 75.65 -57.89
N PRO C 209 11.47 76.03 -57.91
CA PRO C 209 12.05 76.70 -56.74
C PRO C 209 11.40 78.04 -56.49
N ASN C 210 11.53 78.51 -55.24
CA ASN C 210 10.99 79.79 -54.81
C ASN C 210 12.09 80.59 -54.13
N ILE C 211 12.41 81.75 -54.67
CA ILE C 211 13.51 82.57 -54.18
C ILE C 211 12.98 83.55 -53.14
N GLY C 212 13.66 83.63 -52.02
CA GLY C 212 13.24 84.52 -50.96
C GLY C 212 13.89 84.14 -49.65
N SER C 213 13.73 85.02 -48.67
CA SER C 213 14.33 84.81 -47.36
C SER C 213 13.45 83.91 -46.52
N ARG C 214 14.04 82.84 -45.98
CA ARG C 214 13.50 82.05 -44.87
C ARG C 214 14.30 82.36 -43.62
N PRO C 215 13.75 82.09 -42.44
CA PRO C 215 14.47 82.41 -41.21
C PRO C 215 15.86 81.80 -41.20
N TRP C 216 16.82 82.60 -40.72
CA TRP C 216 18.19 82.15 -40.49
C TRP C 216 18.19 80.83 -39.73
N VAL C 217 18.81 79.80 -40.32
CA VAL C 217 19.01 78.51 -39.66
C VAL C 217 20.40 78.02 -40.02
N ARG C 218 21.25 77.82 -39.01
CA ARG C 218 22.60 77.28 -39.22
C ARG C 218 23.38 78.06 -40.26
N GLY C 219 23.16 79.37 -40.31
CA GLY C 219 23.93 80.24 -41.18
C GLY C 219 23.22 80.72 -42.42
N LEU C 220 22.02 80.20 -42.72
CA LEU C 220 21.43 80.39 -44.04
C LEU C 220 19.97 80.81 -43.95
N SER C 221 19.57 81.61 -44.93
CA SER C 221 18.17 81.92 -45.21
C SER C 221 17.62 81.16 -46.40
N SER C 222 18.46 80.44 -47.14
CA SER C 222 17.97 79.59 -48.21
C SER C 222 17.60 78.21 -47.64
N ARG C 223 17.02 77.37 -48.50
CA ARG C 223 16.51 76.06 -48.08
C ARG C 223 16.74 75.03 -49.18
N ILE C 224 16.56 73.77 -48.81
CA ILE C 224 16.40 72.68 -49.77
C ILE C 224 15.15 71.90 -49.41
N SER C 225 14.43 71.46 -50.42
CA SER C 225 13.24 70.64 -50.26
C SER C 225 13.53 69.26 -50.84
N ILE C 226 13.13 68.23 -50.11
CA ILE C 226 13.51 66.84 -50.39
C ILE C 226 12.29 66.09 -50.92
N TYR C 227 12.51 65.29 -51.96
CA TYR C 227 11.46 64.54 -52.67
C TYR C 227 12.00 63.15 -52.93
N TRP C 228 11.11 62.22 -53.27
CA TRP C 228 11.54 60.84 -53.48
C TRP C 228 10.78 60.23 -54.64
N THR C 229 11.40 59.22 -55.24
CA THR C 229 10.82 58.56 -56.42
C THR C 229 11.24 57.10 -56.38
N ILE C 230 10.29 56.20 -56.56
CA ILE C 230 10.55 54.77 -56.60
C ILE C 230 10.49 54.30 -58.04
N VAL C 231 11.49 53.52 -58.46
CA VAL C 231 11.59 53.03 -59.83
C VAL C 231 11.57 51.51 -59.75
N LYS C 232 10.52 50.91 -60.32
CA LYS C 232 10.35 49.46 -60.30
C LYS C 232 11.14 48.81 -61.44
N PRO C 233 11.40 47.50 -61.35
CA PRO C 233 12.10 46.82 -62.44
C PRO C 233 11.36 47.01 -63.75
N GLY C 234 12.13 47.23 -64.82
CA GLY C 234 11.57 47.51 -66.12
C GLY C 234 11.25 48.97 -66.37
N ASP C 235 11.22 49.80 -65.32
CA ASP C 235 10.97 51.23 -65.43
C ASP C 235 12.29 51.99 -65.51
N ILE C 236 12.19 53.29 -65.78
CA ILE C 236 13.35 54.14 -66.04
C ILE C 236 13.17 55.48 -65.33
N LEU C 237 14.21 55.93 -64.64
CA LEU C 237 14.21 57.25 -64.02
C LEU C 237 14.73 58.28 -65.03
N LEU C 238 14.06 59.42 -65.12
CA LEU C 238 14.50 60.52 -65.96
C LEU C 238 14.48 61.81 -65.15
N ILE C 239 15.60 62.51 -65.14
CA ILE C 239 15.76 63.76 -64.41
C ILE C 239 16.03 64.85 -65.44
N ASN C 240 15.12 65.82 -65.53
CA ASN C 240 15.23 66.95 -66.44
C ASN C 240 15.23 68.22 -65.60
N SER C 241 16.28 69.03 -65.72
CA SER C 241 16.38 70.26 -64.95
C SER C 241 17.11 71.35 -65.71
N ASN C 242 16.65 72.59 -65.54
CA ASN C 242 17.36 73.75 -66.04
C ASN C 242 17.88 74.65 -64.90
N GLY C 243 18.08 74.08 -63.71
CA GLY C 243 18.63 74.81 -62.58
C GLY C 243 17.96 74.35 -61.29
N ASN C 244 18.71 74.47 -60.18
CA ASN C 244 18.25 74.24 -58.80
C ASN C 244 18.06 72.76 -58.46
N LEU C 245 18.59 71.86 -59.28
CA LEU C 245 18.51 70.42 -59.02
C LEU C 245 19.54 70.02 -57.96
N ILE C 246 19.06 69.35 -56.91
CA ILE C 246 19.91 68.66 -55.95
C ILE C 246 19.82 67.18 -56.31
N ALA C 247 20.86 66.68 -56.97
CA ALA C 247 20.76 65.41 -57.68
C ALA C 247 21.03 64.24 -56.73
N PRO C 248 20.50 63.07 -57.04
CA PRO C 248 20.85 61.86 -56.29
C PRO C 248 22.16 61.27 -56.80
N ARG C 249 22.89 60.65 -55.87
CA ARG C 249 24.13 59.97 -56.20
C ARG C 249 23.91 58.52 -56.59
N GLY C 250 22.67 58.04 -56.49
CA GLY C 250 22.36 56.63 -56.66
C GLY C 250 21.02 56.34 -56.00
N TYR C 251 20.85 55.08 -55.60
CA TYR C 251 19.57 54.66 -55.03
C TYR C 251 19.76 53.85 -53.75
N PHE C 252 18.71 53.85 -52.94
CA PHE C 252 18.57 52.99 -51.77
C PHE C 252 17.79 51.74 -52.17
N LYS C 253 18.24 50.60 -51.65
CA LYS C 253 17.55 49.35 -51.88
C LYS C 253 16.32 49.32 -50.99
N ILE C 254 15.15 49.13 -51.56
CA ILE C 254 13.93 49.01 -50.77
C ILE C 254 13.66 47.54 -50.50
N ARG C 255 13.29 47.23 -49.25
CA ARG C 255 12.90 45.89 -48.89
C ARG C 255 11.48 45.91 -48.32
N THR C 256 10.90 44.72 -48.26
CA THR C 256 9.67 44.48 -47.50
C THR C 256 9.99 43.56 -46.34
N GLY C 257 9.36 43.81 -45.20
CA GLY C 257 9.62 42.97 -44.03
C GLY C 257 9.12 43.62 -42.77
N LYS C 258 9.76 43.26 -41.66
CA LYS C 258 9.22 43.51 -40.33
C LYS C 258 9.76 44.78 -39.68
N SER C 259 10.44 45.64 -40.43
CA SER C 259 11.17 46.72 -39.77
C SER C 259 10.24 47.88 -39.48
N SER C 260 10.64 48.69 -38.51
CA SER C 260 9.84 49.84 -38.12
C SER C 260 10.73 50.83 -37.37
N ILE C 261 10.09 51.82 -36.75
CA ILE C 261 10.78 52.93 -36.11
C ILE C 261 9.99 53.32 -34.87
N MET C 262 10.70 53.71 -33.82
CA MET C 262 10.02 54.12 -32.60
C MET C 262 10.77 55.28 -31.96
N ARG C 263 10.01 56.27 -31.48
CA ARG C 263 10.55 57.37 -30.67
C ARG C 263 10.63 56.91 -29.21
N SER C 264 11.84 56.88 -28.66
CA SER C 264 12.03 56.49 -27.25
C SER C 264 13.35 57.06 -26.75
N ASP C 265 13.37 57.43 -25.47
CA ASP C 265 14.62 57.74 -24.78
C ASP C 265 15.08 56.63 -23.85
N ALA C 266 14.46 55.46 -23.91
CA ALA C 266 14.86 54.37 -23.03
C ALA C 266 16.23 53.85 -23.43
N PRO C 267 17.09 53.54 -22.48
CA PRO C 267 18.40 52.98 -22.82
C PRO C 267 18.28 51.55 -23.29
N ILE C 268 19.23 51.14 -24.12
CA ILE C 268 19.28 49.80 -24.70
C ILE C 268 20.14 48.93 -23.80
N GLY C 269 19.71 47.68 -23.58
CA GLY C 269 20.41 46.79 -22.68
C GLY C 269 20.58 45.41 -23.28
N THR C 270 21.44 44.62 -22.64
CA THR C 270 21.75 43.27 -23.09
C THR C 270 20.80 42.32 -22.38
N CYS C 271 19.66 42.08 -23.00
CA CYS C 271 18.66 41.13 -22.53
C CYS C 271 17.84 40.72 -23.74
N SER C 272 16.92 39.80 -23.53
CA SER C 272 16.06 39.32 -24.60
C SER C 272 14.62 39.59 -24.21
N SER C 273 13.84 40.15 -25.14
CA SER C 273 12.43 40.35 -24.90
C SER C 273 11.73 40.61 -26.24
N GLU C 274 10.65 39.88 -26.49
CA GLU C 274 9.98 39.96 -27.79
C GLU C 274 9.23 41.28 -27.98
N CYS C 275 8.80 41.93 -26.90
CA CYS C 275 7.92 43.08 -27.01
C CYS C 275 8.65 44.34 -26.58
N ILE C 276 8.62 45.36 -27.44
CA ILE C 276 9.24 46.65 -27.16
C ILE C 276 8.17 47.73 -27.10
N THR C 277 8.25 48.59 -26.08
CA THR C 277 7.47 49.82 -26.02
C THR C 277 8.45 50.97 -25.83
N PRO C 278 8.01 52.23 -26.01
CA PRO C 278 8.93 53.36 -25.77
C PRO C 278 9.38 53.46 -24.34
N ASN C 279 8.65 52.89 -23.40
CA ASN C 279 9.06 52.88 -22.01
C ASN C 279 10.15 51.85 -21.74
N GLY C 280 10.45 50.98 -22.70
CA GLY C 280 11.24 49.79 -22.43
C GLY C 280 10.53 48.53 -22.91
N SER C 281 11.30 47.45 -22.96
CA SER C 281 10.70 46.15 -23.26
C SER C 281 9.79 45.73 -22.12
N ILE C 282 8.77 44.93 -22.46
CA ILE C 282 7.87 44.38 -21.44
C ILE C 282 7.73 42.87 -21.64
N PRO C 283 7.46 42.10 -20.58
CA PRO C 283 7.15 40.68 -20.78
C PRO C 283 5.86 40.53 -21.57
N ASN C 284 5.75 39.43 -22.29
CA ASN C 284 4.54 39.13 -23.04
C ASN C 284 3.86 37.84 -22.58
N ASP C 285 4.07 37.43 -21.33
CA ASP C 285 3.29 36.30 -20.82
C ASP C 285 1.83 36.65 -20.52
N LYS C 286 1.47 37.94 -20.44
CA LYS C 286 0.08 38.29 -20.14
C LYS C 286 -0.63 38.74 -21.43
N PRO C 287 -1.94 38.55 -21.53
CA PRO C 287 -2.63 38.89 -22.80
C PRO C 287 -2.79 40.39 -23.02
N PHE C 288 -2.85 41.20 -21.95
CA PHE C 288 -3.09 42.63 -22.07
C PHE C 288 -1.97 43.42 -21.41
N GLN C 289 -1.85 44.69 -21.75
CA GLN C 289 -0.83 45.56 -21.19
C GLN C 289 -1.35 46.98 -21.15
N ASN C 290 -0.85 47.75 -20.18
CA ASN C 290 -1.28 49.12 -19.95
C ASN C 290 -0.07 50.06 -19.96
N VAL C 291 1.05 49.58 -20.52
CA VAL C 291 2.29 50.34 -20.49
C VAL C 291 2.32 51.39 -21.59
N ASN C 292 2.01 51.00 -22.84
CA ASN C 292 2.00 51.99 -23.94
C ASN C 292 1.22 51.48 -25.15
N LYS C 293 0.38 52.32 -25.74
CA LYS C 293 -0.25 51.91 -26.99
C LYS C 293 0.74 51.74 -28.13
N ILE C 294 1.93 52.35 -28.05
CA ILE C 294 2.97 52.14 -29.06
C ILE C 294 3.79 50.90 -28.69
N THR C 295 3.83 49.91 -29.59
CA THR C 295 4.55 48.67 -29.33
C THR C 295 5.15 48.16 -30.64
N TYR C 296 6.09 47.23 -30.49
CA TYR C 296 6.70 46.53 -31.61
C TYR C 296 7.04 45.11 -31.17
N GLY C 297 6.67 44.14 -31.99
CA GLY C 297 6.99 42.74 -31.71
C GLY C 297 5.78 41.96 -31.24
N ALA C 298 6.05 40.81 -30.63
CA ALA C 298 4.99 39.94 -30.10
C ALA C 298 4.54 40.48 -28.74
N CYS C 299 3.47 41.27 -28.74
CA CYS C 299 3.12 42.08 -27.58
C CYS C 299 1.73 41.76 -27.03
N PRO C 300 1.51 41.94 -25.72
CA PRO C 300 0.13 41.96 -25.22
C PRO C 300 -0.63 43.12 -25.86
N LYS C 301 -1.95 42.98 -25.90
CA LYS C 301 -2.81 44.02 -26.46
C LYS C 301 -3.00 45.14 -25.45
N TYR C 302 -2.89 46.38 -25.93
CA TYR C 302 -3.03 47.54 -25.04
C TYR C 302 -4.49 47.75 -24.63
N VAL C 303 -4.71 47.99 -23.34
CA VAL C 303 -6.01 48.28 -22.78
C VAL C 303 -5.90 49.44 -21.81
N LYS C 304 -7.05 50.04 -21.49
CA LYS C 304 -7.08 51.20 -20.60
C LYS C 304 -6.98 50.82 -19.13
N GLN C 305 -7.32 49.59 -18.75
CA GLN C 305 -7.29 49.15 -17.36
C GLN C 305 -5.85 48.90 -16.90
N ASN C 306 -5.53 49.27 -15.67
CA ASN C 306 -4.22 48.93 -15.14
C ASN C 306 -4.20 47.58 -14.42
N THR C 307 -5.35 46.95 -14.21
CA THR C 307 -5.40 45.64 -13.55
C THR C 307 -6.67 44.90 -13.93
N LEU C 308 -6.53 43.60 -14.19
CA LEU C 308 -7.66 42.70 -14.44
C LEU C 308 -7.29 41.33 -13.90
N LYS C 309 -7.95 40.90 -12.83
CA LYS C 309 -7.57 39.67 -12.14
C LYS C 309 -8.46 38.53 -12.60
N LEU C 310 -7.83 37.46 -13.10
CA LEU C 310 -8.53 36.25 -13.52
C LEU C 310 -8.50 35.26 -12.36
N ALA C 311 -9.69 34.87 -11.88
CA ALA C 311 -9.72 33.88 -10.82
C ALA C 311 -9.09 32.56 -11.27
N THR C 312 -8.28 31.97 -10.40
CA THR C 312 -7.73 30.65 -10.66
C THR C 312 -8.07 29.68 -9.53
N GLY C 313 -9.12 29.98 -8.75
CA GLY C 313 -9.53 29.11 -7.65
C GLY C 313 -10.96 29.41 -7.28
N MET C 314 -11.52 28.58 -6.38
CA MET C 314 -12.92 28.72 -6.00
C MET C 314 -13.13 29.94 -5.11
N ARG C 315 -14.39 30.23 -4.83
CA ARG C 315 -14.72 31.21 -3.82
C ARG C 315 -14.04 30.86 -2.51
N ASN C 316 -13.51 31.89 -1.86
CA ASN C 316 -12.84 31.72 -0.54
C ASN C 316 -13.84 31.97 0.59
N VAL C 317 -14.16 30.94 1.35
CA VAL C 317 -15.15 31.05 2.45
C VAL C 317 -14.40 30.71 3.74
N PRO C 318 -13.66 31.69 4.30
CA PRO C 318 -12.79 31.44 5.45
C PRO C 318 -13.46 30.87 6.71
N GLU C 319 -12.65 30.11 7.45
CA GLU C 319 -12.87 29.50 8.79
C GLU C 319 -12.47 28.01 8.77
N GLY D 1 -21.63 29.37 -7.22
CA GLY D 1 -22.76 29.76 -6.39
C GLY D 1 -24.06 29.18 -6.94
N ILE D 2 -24.05 28.81 -8.21
CA ILE D 2 -25.30 28.41 -8.85
C ILE D 2 -25.78 27.02 -8.38
N PHE D 3 -24.89 26.17 -7.86
CA PHE D 3 -25.35 24.91 -7.26
C PHE D 3 -25.61 25.03 -5.77
N GLY D 4 -25.10 26.07 -5.13
CA GLY D 4 -25.43 26.28 -3.75
C GLY D 4 -24.68 25.40 -2.77
N ALA D 5 -23.58 24.75 -3.19
CA ALA D 5 -22.72 24.01 -2.26
C ALA D 5 -21.70 24.94 -1.61
N ILE D 6 -20.76 25.48 -2.39
CA ILE D 6 -19.76 26.38 -1.82
C ILE D 6 -20.41 27.72 -1.50
N ALA D 7 -20.14 28.23 -0.29
CA ALA D 7 -20.85 29.41 0.23
C ALA D 7 -22.36 29.17 0.28
N GLY D 8 -22.76 27.92 0.46
CA GLY D 8 -24.16 27.55 0.46
C GLY D 8 -24.45 26.58 1.57
N PHE D 9 -24.91 25.37 1.24
CA PHE D 9 -25.17 24.42 2.31
C PHE D 9 -23.88 23.93 2.98
N ILE D 10 -22.73 24.09 2.34
CA ILE D 10 -21.45 23.92 3.01
C ILE D 10 -21.05 25.27 3.58
N GLU D 11 -21.12 25.38 4.91
CA GLU D 11 -21.04 26.67 5.60
C GLU D 11 -19.73 27.42 5.32
N ASN D 12 -18.60 26.71 5.35
CA ASN D 12 -17.34 27.39 5.08
C ASN D 12 -16.29 26.37 4.64
N GLY D 13 -15.18 26.91 4.12
CA GLY D 13 -14.08 26.09 3.68
C GLY D 13 -13.16 25.69 4.80
N TRP D 14 -12.19 24.84 4.48
CA TRP D 14 -11.28 24.27 5.47
C TRP D 14 -9.88 24.78 5.18
N GLU D 15 -9.46 25.79 5.93
CA GLU D 15 -8.09 26.28 5.77
C GLU D 15 -7.09 25.18 6.09
N GLY D 16 -7.46 24.26 7.00
CA GLY D 16 -6.60 23.14 7.33
C GLY D 16 -6.40 22.10 6.25
N MET D 17 -7.18 22.15 5.16
CA MET D 17 -7.01 21.18 4.08
C MET D 17 -6.06 21.78 3.07
N VAL D 18 -4.80 21.34 3.08
CA VAL D 18 -3.77 21.94 2.26
C VAL D 18 -3.30 21.03 1.15
N ASP D 19 -3.78 19.79 1.09
CA ASP D 19 -3.32 18.88 0.04
C ASP D 19 -4.37 18.62 -1.04
N GLY D 20 -5.42 19.43 -1.09
CA GLY D 20 -6.38 19.34 -2.17
C GLY D 20 -7.45 20.41 -2.05
N TRP D 21 -8.30 20.45 -3.07
CA TRP D 21 -9.34 21.47 -3.08
C TRP D 21 -10.63 20.98 -2.46
N TYR D 22 -10.88 19.67 -2.55
CA TYR D 22 -12.09 19.06 -2.04
C TYR D 22 -11.69 17.82 -1.23
N GLY D 23 -12.51 17.48 -0.26
CA GLY D 23 -12.33 16.19 0.40
C GLY D 23 -13.34 15.93 1.49
N PHE D 24 -12.93 15.07 2.42
CA PHE D 24 -13.79 14.44 3.41
C PHE D 24 -13.23 14.67 4.81
N ARG D 25 -14.10 15.01 5.73
CA ARG D 25 -13.81 14.87 7.16
C ARG D 25 -14.78 13.87 7.75
N HIS D 26 -14.33 13.10 8.74
CA HIS D 26 -15.16 12.06 9.33
C HIS D 26 -14.96 12.02 10.83
N GLN D 27 -16.00 11.54 11.53
CA GLN D 27 -15.93 11.18 12.93
C GLN D 27 -16.51 9.78 13.07
N ASN D 28 -15.74 8.86 13.65
CA ASN D 28 -16.24 7.51 13.89
C ASN D 28 -15.72 7.01 15.23
N SER D 29 -15.77 5.68 15.42
CA SER D 29 -15.41 5.07 16.68
C SER D 29 -13.92 5.18 16.96
N GLU D 30 -13.10 5.30 15.94
CA GLU D 30 -11.66 5.39 16.10
C GLU D 30 -11.14 6.82 16.13
N GLY D 31 -12.01 7.83 16.13
CA GLY D 31 -11.50 9.18 16.03
C GLY D 31 -12.05 10.02 14.88
N THR D 32 -11.25 10.97 14.40
CA THR D 32 -11.68 11.93 13.39
C THR D 32 -10.58 12.03 12.35
N GLY D 33 -10.94 12.44 11.14
CA GLY D 33 -9.91 12.43 10.11
C GLY D 33 -10.28 13.33 8.94
N GLN D 34 -9.28 13.63 8.14
CA GLN D 34 -9.46 14.48 6.99
C GLN D 34 -8.68 13.86 5.85
N ALA D 35 -9.26 13.89 4.65
CA ALA D 35 -8.53 13.39 3.49
C ALA D 35 -9.01 14.11 2.24
N ALA D 36 -8.06 14.51 1.39
CA ALA D 36 -8.38 15.17 0.16
C ALA D 36 -8.89 14.18 -0.87
N ASP D 37 -9.78 14.65 -1.74
CA ASP D 37 -10.23 13.87 -2.89
C ASP D 37 -9.47 14.35 -4.12
N LEU D 38 -8.64 13.48 -4.71
CA LEU D 38 -7.73 13.97 -5.74
C LEU D 38 -8.42 14.09 -7.09
N LYS D 39 -9.40 13.24 -7.38
CA LYS D 39 -10.07 13.31 -8.68
C LYS D 39 -10.87 14.60 -8.83
N SER D 40 -11.72 14.93 -7.85
CA SER D 40 -12.46 16.19 -7.97
C SER D 40 -11.50 17.37 -8.01
N THR D 41 -10.47 17.36 -7.16
CA THR D 41 -9.47 18.44 -7.14
C THR D 41 -8.84 18.63 -8.50
N GLN D 42 -8.47 17.51 -9.14
CA GLN D 42 -7.80 17.55 -10.44
C GLN D 42 -8.77 17.94 -11.55
N ALA D 43 -10.04 17.61 -11.39
CA ALA D 43 -11.00 18.00 -12.41
C ALA D 43 -11.17 19.52 -12.42
N ALA D 44 -11.23 20.16 -11.26
CA ALA D 44 -11.36 21.62 -11.24
C ALA D 44 -10.09 22.29 -11.74
N ILE D 45 -8.93 21.83 -11.26
CA ILE D 45 -7.64 22.37 -11.71
C ILE D 45 -7.46 22.23 -13.21
N ASP D 46 -7.83 21.07 -13.78
CA ASP D 46 -7.67 20.88 -15.22
C ASP D 46 -8.53 21.87 -16.01
N GLN D 47 -9.75 22.14 -15.52
CA GLN D 47 -10.63 23.08 -16.21
C GLN D 47 -10.10 24.51 -16.14
N ILE D 48 -9.59 24.91 -14.96
CA ILE D 48 -9.06 26.26 -14.80
C ILE D 48 -7.77 26.44 -15.60
N ASN D 49 -6.93 25.39 -15.67
CA ASN D 49 -5.75 25.45 -16.53
C ASN D 49 -6.13 25.49 -18.00
N GLY D 50 -7.15 24.73 -18.39
CA GLY D 50 -7.69 24.85 -19.74
C GLY D 50 -8.01 26.29 -20.09
N LYS D 51 -8.80 26.97 -19.25
CA LYS D 51 -9.17 28.33 -19.60
C LYS D 51 -7.99 29.28 -19.47
N LEU D 52 -7.04 28.98 -18.58
CA LEU D 52 -5.87 29.83 -18.47
C LEU D 52 -5.01 29.73 -19.72
N ASN D 53 -4.92 28.53 -20.28
CA ASN D 53 -4.13 28.32 -21.50
C ASN D 53 -4.76 28.99 -22.69
N ARG D 54 -6.09 29.07 -22.72
CA ARG D 54 -6.79 29.75 -23.81
C ARG D 54 -6.59 31.25 -23.70
N VAL D 55 -6.71 31.83 -22.50
CA VAL D 55 -6.59 33.27 -22.34
C VAL D 55 -5.22 33.80 -22.75
N ILE D 56 -4.22 32.92 -22.85
CA ILE D 56 -2.87 33.27 -23.31
C ILE D 56 -2.41 32.45 -24.53
N GLU D 57 -3.35 32.00 -25.39
CA GLU D 57 -3.07 30.97 -26.41
C GLU D 57 -1.96 31.33 -27.40
N LYS D 58 -2.03 32.51 -28.00
CA LYS D 58 -0.95 32.93 -28.89
C LYS D 58 -0.70 34.39 -28.54
N THR D 59 -0.10 35.14 -29.44
CA THR D 59 -0.07 36.58 -29.20
C THR D 59 0.10 37.23 -30.56
N ASN D 60 -0.76 38.19 -30.85
CA ASN D 60 -0.65 38.92 -32.10
C ASN D 60 0.75 39.50 -32.22
N GLU D 61 1.33 39.36 -33.38
CA GLU D 61 2.65 39.90 -33.65
C GLU D 61 2.46 41.05 -34.62
N LYS D 62 2.79 42.27 -34.20
CA LYS D 62 2.65 43.42 -35.11
C LYS D 62 3.98 44.14 -35.27
N PHE D 63 4.18 44.75 -36.44
CA PHE D 63 5.48 45.31 -36.78
C PHE D 63 5.32 46.80 -37.07
N HIS D 64 5.43 47.22 -38.33
CA HIS D 64 5.16 48.62 -38.69
C HIS D 64 3.66 48.91 -38.63
N GLN D 65 3.30 50.01 -37.98
CA GLN D 65 1.89 50.31 -37.77
C GLN D 65 1.57 51.74 -38.20
N ILE D 66 0.79 52.46 -37.42
CA ILE D 66 0.60 53.89 -37.64
C ILE D 66 1.26 54.63 -36.48
N GLU D 67 1.53 55.90 -36.71
CA GLU D 67 1.97 56.74 -35.61
C GLU D 67 0.79 57.01 -34.68
N LYS D 68 1.10 57.18 -33.39
CA LYS D 68 0.08 57.36 -32.38
C LYS D 68 0.34 58.54 -31.45
N GLU D 69 1.47 59.23 -31.58
CA GLU D 69 1.75 60.46 -30.83
C GLU D 69 2.27 61.48 -31.84
N PHE D 70 1.91 62.77 -31.67
CA PHE D 70 2.15 63.77 -32.71
C PHE D 70 2.64 65.08 -32.10
N SER D 71 3.72 65.64 -32.66
CA SER D 71 4.31 66.87 -32.11
C SER D 71 3.74 68.12 -32.74
N GLU D 72 3.02 67.99 -33.84
CA GLU D 72 2.55 69.15 -34.60
C GLU D 72 1.05 69.00 -34.81
N VAL D 73 0.35 70.13 -34.71
CA VAL D 73 -1.06 70.19 -35.09
C VAL D 73 -1.22 70.09 -36.60
N GLU D 74 -2.10 69.18 -37.05
CA GLU D 74 -2.22 68.91 -38.49
C GLU D 74 -3.66 68.82 -39.01
N GLY D 75 -4.62 68.45 -38.18
CA GLY D 75 -6.02 68.43 -38.60
C GLY D 75 -6.49 67.05 -39.08
N ARG D 76 -7.08 67.02 -40.30
CA ARG D 76 -7.97 65.96 -40.75
C ARG D 76 -7.37 64.56 -40.67
N ILE D 77 -6.21 64.38 -41.28
CA ILE D 77 -5.57 63.06 -41.28
C ILE D 77 -5.17 62.66 -39.87
N GLN D 78 -4.67 63.61 -39.08
CA GLN D 78 -4.29 63.25 -37.73
C GLN D 78 -5.51 62.92 -36.90
N ASP D 79 -6.62 63.66 -37.09
CA ASP D 79 -7.85 63.30 -36.39
C ASP D 79 -8.23 61.85 -36.64
N LEU D 80 -8.09 61.40 -37.90
CA LEU D 80 -8.50 60.06 -38.25
C LEU D 80 -7.54 59.04 -37.66
N GLU D 81 -6.23 59.34 -37.66
CA GLU D 81 -5.28 58.43 -37.06
C GLU D 81 -5.56 58.25 -35.57
N LYS D 82 -5.89 59.34 -34.87
CA LYS D 82 -6.16 59.26 -33.45
C LYS D 82 -7.48 58.55 -33.18
N TYR D 83 -8.48 58.73 -34.05
CA TYR D 83 -9.80 58.13 -33.82
C TYR D 83 -9.76 56.63 -34.08
N VAL D 84 -8.93 56.22 -35.05
CA VAL D 84 -8.76 54.80 -35.35
C VAL D 84 -8.11 54.09 -34.17
N GLU D 85 -7.12 54.72 -33.55
CA GLU D 85 -6.48 54.08 -32.41
C GLU D 85 -7.37 54.11 -31.18
N ASP D 86 -8.04 55.25 -30.92
CA ASP D 86 -8.98 55.30 -29.79
C ASP D 86 -10.09 54.28 -29.92
N THR D 87 -10.63 54.11 -31.13
CA THR D 87 -11.66 53.10 -31.37
C THR D 87 -11.15 51.72 -31.05
N LYS D 88 -9.93 51.40 -31.51
CA LYS D 88 -9.32 50.09 -31.28
C LYS D 88 -9.13 49.82 -29.80
N ILE D 89 -8.55 50.79 -29.07
CA ILE D 89 -8.30 50.60 -27.64
C ILE D 89 -9.59 50.38 -26.87
N ASP D 90 -10.64 51.15 -27.18
CA ASP D 90 -11.90 50.98 -26.46
C ASP D 90 -12.52 49.61 -26.71
N LEU D 91 -12.44 49.11 -27.96
CA LEU D 91 -12.99 47.78 -28.24
C LEU D 91 -12.18 46.68 -27.55
N TRP D 92 -10.85 46.81 -27.50
CA TRP D 92 -10.06 45.79 -26.80
C TRP D 92 -10.22 45.89 -25.28
N SER D 93 -10.35 47.11 -24.74
CA SER D 93 -10.62 47.26 -23.30
C SER D 93 -11.96 46.64 -22.93
N TYR D 94 -12.98 46.81 -23.78
CA TYR D 94 -14.28 46.17 -23.58
C TYR D 94 -14.14 44.64 -23.58
N ASN D 95 -13.44 44.11 -24.59
CA ASN D 95 -13.16 42.67 -24.62
C ASN D 95 -12.49 42.18 -23.36
N ALA D 96 -11.46 42.90 -22.89
CA ALA D 96 -10.69 42.42 -21.75
C ALA D 96 -11.57 42.36 -20.50
N GLU D 97 -12.33 43.43 -20.26
CA GLU D 97 -13.23 43.50 -19.10
C GLU D 97 -14.29 42.39 -19.14
N LEU D 98 -14.95 42.22 -20.30
CA LEU D 98 -15.98 41.19 -20.41
C LEU D 98 -15.40 39.79 -20.27
N LEU D 99 -14.20 39.56 -20.82
CA LEU D 99 -13.60 38.24 -20.74
C LEU D 99 -13.36 37.85 -19.29
N VAL D 100 -12.84 38.78 -18.48
CA VAL D 100 -12.52 38.45 -17.10
C VAL D 100 -13.79 38.26 -16.26
N ALA D 101 -14.82 39.07 -16.52
CA ALA D 101 -16.09 38.94 -15.83
C ALA D 101 -16.74 37.60 -16.12
N LEU D 102 -16.82 37.22 -17.41
CA LEU D 102 -17.44 35.95 -17.79
C LEU D 102 -16.65 34.77 -17.24
N GLU D 103 -15.33 34.78 -17.46
CA GLU D 103 -14.52 33.66 -17.00
C GLU D 103 -14.59 33.47 -15.49
N ASN D 104 -14.58 34.58 -14.72
CA ASN D 104 -14.60 34.47 -13.27
C ASN D 104 -15.92 33.93 -12.77
N GLN D 105 -17.03 34.39 -13.33
CA GLN D 105 -18.33 33.83 -13.00
C GLN D 105 -18.35 32.33 -13.24
N HIS D 106 -17.80 31.90 -14.37
CA HIS D 106 -17.78 30.49 -14.74
C HIS D 106 -16.87 29.68 -13.83
N THR D 107 -15.70 30.24 -13.47
CA THR D 107 -14.80 29.58 -12.52
C THR D 107 -15.47 29.33 -11.17
N ILE D 108 -16.16 30.35 -10.64
CA ILE D 108 -16.91 30.18 -9.41
C ILE D 108 -17.98 29.10 -9.56
N ASP D 109 -18.70 29.07 -10.69
CA ASP D 109 -19.78 28.08 -10.84
C ASP D 109 -19.23 26.67 -11.08
N LEU D 110 -18.12 26.54 -11.83
CA LEU D 110 -17.56 25.22 -12.08
C LEU D 110 -16.95 24.63 -10.83
N THR D 111 -16.36 25.46 -9.96
CA THR D 111 -15.79 24.89 -8.74
C THR D 111 -16.90 24.52 -7.75
N ASP D 112 -18.00 25.29 -7.75
CA ASP D 112 -19.20 24.90 -6.99
C ASP D 112 -19.75 23.58 -7.50
N SER D 113 -19.87 23.46 -8.83
CA SER D 113 -20.31 22.20 -9.44
C SER D 113 -19.45 21.01 -9.01
N GLU D 114 -18.12 21.15 -9.01
CA GLU D 114 -17.29 19.99 -8.66
C GLU D 114 -17.54 19.56 -7.21
N MET D 115 -17.78 20.52 -6.32
CA MET D 115 -18.12 20.17 -4.93
C MET D 115 -19.43 19.42 -4.86
N ASN D 116 -20.46 19.97 -5.51
CA ASN D 116 -21.75 19.30 -5.58
C ASN D 116 -21.65 17.91 -6.17
N LYS D 117 -20.91 17.76 -7.27
CA LYS D 117 -20.80 16.42 -7.86
C LYS D 117 -20.19 15.42 -6.87
N LEU D 118 -19.16 15.83 -6.14
CA LEU D 118 -18.56 14.94 -5.16
C LEU D 118 -19.53 14.62 -4.03
N PHE D 119 -20.31 15.62 -3.59
CA PHE D 119 -21.34 15.34 -2.61
C PHE D 119 -22.34 14.31 -3.14
N GLU D 120 -22.81 14.52 -4.37
CA GLU D 120 -23.84 13.63 -4.93
C GLU D 120 -23.30 12.21 -5.14
N LYS D 121 -22.07 12.10 -5.62
CA LYS D 121 -21.46 10.79 -5.76
C LYS D 121 -21.45 10.05 -4.43
N THR D 122 -21.05 10.75 -3.36
CA THR D 122 -21.02 10.13 -2.03
C THR D 122 -22.39 9.71 -1.57
N ARG D 123 -23.38 10.62 -1.67
CA ARG D 123 -24.77 10.28 -1.36
C ARG D 123 -25.21 9.01 -2.07
N ARG D 124 -24.84 8.86 -3.33
CA ARG D 124 -25.33 7.70 -4.07
C ARG D 124 -24.69 6.42 -3.58
N GLN D 125 -23.41 6.48 -3.18
CA GLN D 125 -22.75 5.31 -2.61
C GLN D 125 -23.46 4.84 -1.36
N LEU D 126 -23.90 5.76 -0.50
CA LEU D 126 -24.40 5.37 0.80
C LEU D 126 -25.79 4.75 0.74
N ARG D 127 -26.54 4.94 -0.35
CA ARG D 127 -27.86 4.30 -0.55
C ARG D 127 -28.75 4.57 0.66
N GLU D 128 -29.24 3.53 1.34
CA GLU D 128 -30.13 3.73 2.49
C GLU D 128 -29.42 3.70 3.83
N ASN D 129 -28.08 3.73 3.85
CA ASN D 129 -27.32 3.56 5.09
C ASN D 129 -26.98 4.87 5.79
N ALA D 130 -27.41 6.00 5.26
CA ALA D 130 -26.99 7.31 5.74
C ALA D 130 -28.03 8.35 5.34
N GLU D 131 -28.07 9.47 6.05
CA GLU D 131 -29.00 10.56 5.75
C GLU D 131 -28.26 11.88 5.67
N ASP D 132 -28.68 12.72 4.71
CA ASP D 132 -28.10 14.05 4.51
C ASP D 132 -28.53 14.95 5.66
N MET D 133 -27.55 15.44 6.42
CA MET D 133 -27.85 16.31 7.56
C MET D 133 -28.12 17.76 7.17
N GLY D 134 -27.87 18.16 5.92
CA GLY D 134 -28.26 19.50 5.47
C GLY D 134 -27.12 20.48 5.36
N ASN D 135 -25.97 20.15 5.94
CA ASN D 135 -24.76 20.96 5.99
C ASN D 135 -23.58 20.29 5.28
N GLY D 136 -23.82 19.47 4.27
CA GLY D 136 -22.74 18.75 3.63
C GLY D 136 -22.23 17.52 4.38
N CYS D 137 -22.86 17.14 5.47
CA CYS D 137 -22.47 15.97 6.23
C CYS D 137 -23.55 14.89 6.15
N PHE D 138 -23.10 13.64 6.16
CA PHE D 138 -23.95 12.47 6.20
C PHE D 138 -23.84 11.83 7.57
N LYS D 139 -24.99 11.52 8.16
CA LYS D 139 -25.03 10.71 9.37
C LYS D 139 -25.08 9.26 8.91
N ILE D 140 -24.06 8.49 9.24
CA ILE D 140 -23.98 7.09 8.83
C ILE D 140 -24.53 6.25 9.97
N TYR D 141 -25.54 5.42 9.68
CA TYR D 141 -26.31 4.73 10.72
C TYR D 141 -25.77 3.32 10.99
N HIS D 142 -24.44 3.17 10.92
CA HIS D 142 -23.84 1.89 11.28
C HIS D 142 -22.40 2.15 11.67
N LYS D 143 -21.83 1.20 12.40
CA LYS D 143 -20.41 1.27 12.71
C LYS D 143 -19.62 1.29 11.43
N CYS D 144 -18.75 2.28 11.31
CA CYS D 144 -18.01 2.52 10.08
C CYS D 144 -16.64 2.98 10.55
N ASP D 145 -15.71 2.02 10.63
CA ASP D 145 -14.37 2.28 11.13
C ASP D 145 -13.52 2.89 10.01
N ASN D 146 -12.23 3.07 10.28
CA ASN D 146 -11.38 3.82 9.35
C ASN D 146 -11.37 3.17 7.98
N ALA D 147 -11.30 1.82 7.93
CA ALA D 147 -11.28 1.13 6.65
C ALA D 147 -12.60 1.30 5.91
N CYS D 148 -13.72 1.33 6.64
CA CYS D 148 -15.02 1.57 6.01
C CYS D 148 -15.09 2.97 5.42
N ILE D 149 -14.76 3.99 6.23
CA ILE D 149 -14.69 5.36 5.71
C ILE D 149 -13.80 5.40 4.48
N GLY D 150 -12.64 4.76 4.57
CA GLY D 150 -11.75 4.71 3.43
C GLY D 150 -12.40 4.11 2.20
N SER D 151 -13.21 3.06 2.39
CA SER D 151 -13.90 2.47 1.25
C SER D 151 -14.88 3.45 0.62
N ILE D 152 -15.46 4.34 1.44
CA ILE D 152 -16.34 5.35 0.87
C ILE D 152 -15.53 6.34 0.03
N ARG D 153 -14.42 6.83 0.58
CA ARG D 153 -13.58 7.80 -0.14
C ARG D 153 -13.06 7.23 -1.45
N ASN D 154 -12.75 5.94 -1.55
CA ASN D 154 -12.16 5.45 -2.78
C ASN D 154 -13.16 4.68 -3.64
N GLY D 155 -14.45 4.78 -3.32
CA GLY D 155 -15.50 4.26 -4.20
C GLY D 155 -15.74 2.77 -4.15
N THR D 156 -15.29 2.08 -3.11
CA THR D 156 -15.51 0.63 -3.05
C THR D 156 -16.51 0.22 -1.96
N TYR D 157 -17.19 1.19 -1.35
CA TYR D 157 -18.11 0.90 -0.25
C TYR D 157 -19.24 0.00 -0.73
N ASP D 158 -19.51 -1.06 0.02
CA ASP D 158 -20.52 -2.06 -0.34
C ASP D 158 -21.72 -1.85 0.57
N HIS D 159 -22.77 -1.23 0.05
CA HIS D 159 -23.85 -0.82 0.94
C HIS D 159 -24.67 -2.01 1.44
N ASP D 160 -24.63 -3.14 0.74
CA ASP D 160 -25.37 -4.33 1.18
C ASP D 160 -24.86 -4.87 2.50
N VAL D 161 -23.54 -4.82 2.68
CA VAL D 161 -22.89 -5.28 3.91
C VAL D 161 -23.49 -4.66 5.17
N TYR D 162 -23.91 -3.40 5.11
CA TYR D 162 -24.32 -2.68 6.30
C TYR D 162 -25.81 -2.35 6.33
N ARG D 163 -26.56 -2.70 5.29
CA ARG D 163 -27.92 -2.22 5.12
C ARG D 163 -28.83 -2.64 6.28
N ASP D 164 -28.72 -3.90 6.72
CA ASP D 164 -29.56 -4.40 7.82
C ASP D 164 -29.28 -3.62 9.10
N GLU D 165 -28.01 -3.43 9.42
CA GLU D 165 -27.69 -2.67 10.60
C GLU D 165 -28.16 -1.22 10.45
N ALA D 166 -27.99 -0.60 9.26
CA ALA D 166 -28.36 0.82 9.14
C ALA D 166 -29.87 1.03 9.13
N LEU D 167 -30.62 0.17 8.44
CA LEU D 167 -32.08 0.29 8.44
C LEU D 167 -32.64 0.14 9.85
N ASN D 168 -32.08 -0.78 10.63
CA ASN D 168 -32.52 -0.97 12.00
C ASN D 168 -32.32 0.30 12.83
N ASN D 169 -31.15 0.95 12.69
CA ASN D 169 -30.92 2.19 13.42
C ASN D 169 -31.75 3.36 12.89
N ARG D 170 -31.99 3.43 11.59
CA ARG D 170 -32.68 4.59 11.04
C ARG D 170 -34.15 4.62 11.45
N PHE D 171 -34.82 3.46 11.39
CA PHE D 171 -36.27 3.42 11.51
C PHE D 171 -36.72 2.90 12.88
N GLN D 172 -35.82 3.03 13.87
CA GLN D 172 -36.06 3.21 15.32
C GLN D 172 -34.97 2.48 16.11
N PRO E 3 3.69 22.09 13.21
CA PRO E 3 4.42 21.10 12.40
C PRO E 3 4.89 19.92 13.25
N GLY E 4 3.93 19.14 13.74
CA GLY E 4 4.26 18.04 14.63
C GLY E 4 3.03 17.19 14.92
N ALA E 5 3.15 16.39 15.97
CA ALA E 5 2.09 15.48 16.35
C ALA E 5 2.12 15.31 17.87
N THR E 6 1.04 14.78 18.39
CA THR E 6 0.95 14.40 19.79
C THR E 6 0.58 12.92 19.81
N LEU E 7 1.26 12.15 20.65
CA LEU E 7 0.94 10.73 20.82
C LEU E 7 0.81 10.46 22.31
N CYS E 8 -0.39 10.05 22.72
CA CYS E 8 -0.73 9.86 24.12
C CYS E 8 -0.91 8.37 24.41
N LEU E 9 -0.27 7.90 25.48
CA LEU E 9 -0.41 6.54 25.95
C LEU E 9 -1.50 6.49 27.01
N GLY E 10 -2.24 5.38 27.06
CA GLY E 10 -3.32 5.35 28.02
C GLY E 10 -3.87 3.95 28.20
N HIS E 11 -4.91 3.87 29.02
CA HIS E 11 -5.51 2.59 29.39
C HIS E 11 -7.02 2.75 29.41
N HIS E 12 -7.73 1.62 29.43
CA HIS E 12 -9.17 1.69 29.38
C HIS E 12 -9.76 1.98 30.76
N ALA E 13 -11.07 2.29 30.77
CA ALA E 13 -11.86 2.36 32.00
C ALA E 13 -13.26 1.84 31.68
N VAL E 14 -14.04 1.62 32.74
CA VAL E 14 -15.44 1.22 32.55
C VAL E 14 -16.35 2.12 33.38
N PRO E 15 -17.60 2.32 32.96
CA PRO E 15 -18.51 3.14 33.77
C PRO E 15 -18.96 2.47 35.05
N ASN E 16 -18.86 1.15 35.15
CA ASN E 16 -19.41 0.36 36.27
C ASN E 16 -18.29 -0.47 36.86
N GLY E 17 -17.41 0.16 37.64
CA GLY E 17 -16.30 -0.54 38.25
C GLY E 17 -16.75 -1.32 39.49
N THR E 18 -15.85 -2.07 40.08
CA THR E 18 -16.23 -2.87 41.24
C THR E 18 -15.16 -2.76 42.33
N LEU E 19 -15.61 -2.67 43.59
CA LEU E 19 -14.71 -2.39 44.70
C LEU E 19 -14.10 -3.69 45.20
N VAL E 20 -12.80 -3.66 45.49
CA VAL E 20 -12.09 -4.81 46.05
C VAL E 20 -11.22 -4.35 47.21
N LYS E 21 -10.79 -5.33 48.01
CA LYS E 21 -9.85 -5.11 49.10
C LYS E 21 -8.43 -5.36 48.64
N THR E 22 -7.50 -4.60 49.19
CA THR E 22 -6.08 -4.85 48.95
C THR E 22 -5.35 -4.87 50.29
N ILE E 23 -4.03 -4.96 50.22
CA ILE E 23 -3.23 -4.89 51.44
C ILE E 23 -3.40 -3.53 52.11
N THR E 24 -3.44 -2.47 51.31
CA THR E 24 -3.45 -1.10 51.79
C THR E 24 -4.83 -0.47 51.81
N ASN E 25 -5.81 -1.05 51.13
CA ASN E 25 -7.08 -0.39 50.86
C ASN E 25 -8.22 -1.33 51.16
N ASP E 26 -9.11 -0.90 52.05
CA ASP E 26 -10.33 -1.67 52.31
C ASP E 26 -11.26 -1.66 51.10
N GLN E 27 -11.24 -0.61 50.29
CA GLN E 27 -12.13 -0.51 49.13
C GLN E 27 -11.46 0.30 48.04
N ILE E 28 -11.14 -0.32 46.92
CA ILE E 28 -10.56 0.36 45.78
C ILE E 28 -11.21 -0.20 44.52
N GLU E 29 -11.46 0.67 43.54
CA GLU E 29 -12.27 0.29 42.39
C GLU E 29 -11.39 -0.23 41.26
N VAL E 30 -11.68 -1.45 40.81
CA VAL E 30 -11.02 -2.03 39.66
C VAL E 30 -12.06 -2.18 38.55
N THR E 31 -11.60 -2.49 37.34
CA THR E 31 -12.55 -2.58 36.22
C THR E 31 -13.42 -3.84 36.28
N ASN E 32 -12.96 -4.89 36.94
CA ASN E 32 -13.78 -6.09 37.03
C ASN E 32 -13.21 -6.96 38.14
N ALA E 33 -14.00 -7.92 38.57
CA ALA E 33 -13.60 -8.83 39.64
C ALA E 33 -14.44 -10.09 39.51
N THR E 34 -14.02 -11.12 40.23
CA THR E 34 -14.77 -12.37 40.22
C THR E 34 -14.92 -12.86 41.66
N GLU E 35 -16.09 -13.46 41.94
CA GLU E 35 -16.46 -13.88 43.29
C GLU E 35 -15.74 -15.17 43.64
N LEU E 36 -15.08 -15.21 44.80
CA LEU E 36 -14.41 -16.44 45.21
C LEU E 36 -15.18 -17.27 46.26
N VAL E 37 -16.30 -16.78 46.80
CA VAL E 37 -17.04 -17.51 47.83
C VAL E 37 -18.37 -17.97 47.25
N GLN E 38 -18.55 -19.29 47.16
CA GLN E 38 -19.84 -19.86 46.78
C GLN E 38 -20.82 -19.67 47.94
N SER E 39 -21.87 -18.86 47.72
CA SER E 39 -22.82 -18.56 48.79
C SER E 39 -24.24 -19.03 48.50
N SER E 40 -24.49 -19.71 47.38
CA SER E 40 -25.85 -20.16 47.09
C SER E 40 -25.85 -21.65 46.82
N SER E 41 -27.05 -22.25 46.92
CA SER E 41 -27.29 -23.63 46.54
C SER E 41 -28.66 -23.73 45.87
N THR E 42 -28.78 -24.68 44.93
CA THR E 42 -30.08 -24.93 44.32
C THR E 42 -31.08 -25.56 45.29
N GLY E 43 -30.62 -26.10 46.41
CA GLY E 43 -31.50 -26.73 47.37
C GLY E 43 -31.77 -28.19 47.12
N ARG E 44 -31.13 -28.80 46.13
CA ARG E 44 -31.32 -30.20 45.79
C ARG E 44 -29.99 -30.93 45.88
N ILE E 45 -30.02 -32.16 46.38
CA ILE E 45 -28.84 -33.03 46.37
C ILE E 45 -28.84 -33.77 45.04
N CYS E 46 -27.84 -33.50 44.20
CA CYS E 46 -27.72 -34.19 42.92
C CYS E 46 -27.38 -35.67 43.12
N ASP E 47 -28.06 -36.54 42.36
CA ASP E 47 -27.94 -37.98 42.59
C ASP E 47 -26.76 -38.60 41.83
N SER E 48 -25.99 -37.79 41.11
CA SER E 48 -24.74 -38.16 40.47
C SER E 48 -23.68 -37.17 40.91
N PRO E 49 -22.40 -37.57 40.96
CA PRO E 49 -21.85 -38.89 40.63
C PRO E 49 -21.76 -39.84 41.84
N HIS E 50 -22.17 -39.39 43.02
CA HIS E 50 -22.10 -40.19 44.23
C HIS E 50 -23.38 -41.01 44.41
N ARG E 51 -23.25 -42.22 44.96
CA ARG E 51 -24.42 -43.05 45.19
C ARG E 51 -25.13 -42.55 46.45
N ILE E 52 -26.28 -41.91 46.27
CA ILE E 52 -27.06 -41.35 47.37
C ILE E 52 -28.09 -42.39 47.81
N LEU E 53 -28.14 -42.69 49.09
CA LEU E 53 -29.20 -43.54 49.64
C LEU E 53 -30.05 -42.66 50.57
N ASP E 54 -31.29 -42.43 50.18
CA ASP E 54 -32.23 -41.67 51.01
C ASP E 54 -32.77 -42.57 52.12
N GLY E 55 -32.48 -42.23 53.38
CA GLY E 55 -32.94 -43.03 54.50
C GLY E 55 -34.43 -42.92 54.76
N LYS E 56 -35.05 -41.83 54.30
CA LYS E 56 -36.50 -41.61 54.41
C LYS E 56 -36.86 -41.69 55.90
N ASN E 57 -37.71 -42.63 56.32
CA ASN E 57 -38.14 -42.69 57.71
C ASN E 57 -37.15 -43.39 58.62
N CYS E 58 -36.00 -43.82 58.12
CA CYS E 58 -35.10 -44.70 58.83
C CYS E 58 -33.77 -44.03 59.11
N THR E 59 -33.32 -44.07 60.36
CA THR E 59 -31.93 -43.79 60.63
C THR E 59 -31.07 -44.98 60.18
N LEU E 60 -29.78 -44.74 60.04
CA LEU E 60 -28.87 -45.81 59.65
C LEU E 60 -28.87 -46.95 60.67
N ILE E 61 -28.92 -46.63 61.97
CA ILE E 61 -28.87 -47.67 62.99
C ILE E 61 -30.12 -48.54 62.94
N ASP E 62 -31.27 -47.93 62.70
CA ASP E 62 -32.50 -48.71 62.59
C ASP E 62 -32.52 -49.59 61.35
N ALA E 63 -31.93 -49.14 60.24
CA ALA E 63 -31.80 -50.02 59.07
C ALA E 63 -30.82 -51.16 59.35
N LEU E 64 -29.75 -50.84 60.09
CA LEU E 64 -28.77 -51.85 60.51
C LEU E 64 -29.42 -52.94 61.33
N LEU E 65 -30.13 -52.54 62.39
CA LEU E 65 -30.70 -53.53 63.29
C LEU E 65 -31.83 -54.31 62.63
N GLY E 66 -32.54 -53.68 61.70
CA GLY E 66 -33.64 -54.30 61.00
C GLY E 66 -35.00 -53.99 61.60
N ASP E 67 -35.19 -52.76 62.03
CA ASP E 67 -36.52 -52.26 62.39
C ASP E 67 -37.47 -52.53 61.22
N PRO E 68 -38.62 -53.19 61.47
CA PRO E 68 -39.48 -53.65 60.33
C PRO E 68 -39.75 -52.62 59.23
N HIS E 69 -40.12 -51.38 59.58
CA HIS E 69 -40.38 -50.44 58.47
C HIS E 69 -39.10 -50.06 57.73
N CYS E 70 -37.94 -50.56 58.13
CA CYS E 70 -36.68 -50.35 57.43
C CYS E 70 -36.23 -51.60 56.67
N ASP E 71 -37.13 -52.56 56.46
CA ASP E 71 -36.75 -53.82 55.83
C ASP E 71 -36.22 -53.61 54.41
N GLY E 72 -36.67 -52.55 53.74
CA GLY E 72 -36.22 -52.28 52.38
C GLY E 72 -34.75 -51.95 52.26
N PHE E 73 -34.09 -51.64 53.38
CA PHE E 73 -32.68 -51.25 53.37
C PHE E 73 -31.74 -52.44 53.54
N GLN E 74 -32.26 -53.67 53.63
CA GLN E 74 -31.40 -54.82 53.80
C GLN E 74 -30.36 -54.89 52.69
N ASN E 75 -29.10 -55.08 53.10
CA ASN E 75 -27.98 -55.26 52.19
C ASN E 75 -27.77 -54.07 51.26
N GLU E 76 -28.20 -52.87 51.68
CA GLU E 76 -28.00 -51.70 50.85
C GLU E 76 -26.57 -51.20 50.94
N LYS E 77 -26.20 -50.37 49.96
CA LYS E 77 -24.89 -49.74 49.91
C LYS E 77 -25.07 -48.29 49.48
N TRP E 78 -24.07 -47.46 49.79
CA TRP E 78 -24.15 -46.03 49.54
C TRP E 78 -22.75 -45.42 49.54
N ASP E 79 -22.59 -44.35 48.77
CA ASP E 79 -21.53 -43.38 49.05
C ASP E 79 -21.95 -42.42 50.17
N LEU E 80 -23.17 -41.89 50.11
CA LEU E 80 -23.67 -40.95 51.12
C LEU E 80 -25.05 -41.37 51.58
N PHE E 81 -25.17 -41.74 52.85
CA PHE E 81 -26.45 -42.06 53.46
C PHE E 81 -27.03 -40.74 53.98
N VAL E 82 -28.25 -40.41 53.55
CA VAL E 82 -28.91 -39.17 53.95
C VAL E 82 -29.96 -39.49 55.01
N GLU E 83 -29.76 -38.97 56.24
CA GLU E 83 -30.73 -39.13 57.31
C GLU E 83 -31.67 -37.94 57.39
N ARG E 84 -32.97 -38.23 57.37
CA ARG E 84 -34.02 -37.22 57.40
C ARG E 84 -34.45 -36.94 58.83
N SER E 85 -34.80 -35.68 59.09
CA SER E 85 -35.25 -35.30 60.42
C SER E 85 -36.57 -35.96 60.81
N LYS E 86 -37.37 -36.43 59.85
CA LYS E 86 -38.63 -37.10 60.19
C LYS E 86 -38.46 -38.57 60.57
N ALA E 87 -37.23 -39.09 60.56
CA ALA E 87 -37.02 -40.51 60.83
C ALA E 87 -37.50 -40.86 62.23
N PHE E 88 -37.89 -42.12 62.42
CA PHE E 88 -38.41 -42.57 63.70
C PHE E 88 -38.15 -44.07 63.87
N SER E 89 -37.99 -44.49 65.12
CA SER E 89 -37.91 -45.91 65.43
C SER E 89 -39.31 -46.44 65.74
N ASN E 90 -39.55 -47.69 65.37
CA ASN E 90 -40.87 -48.29 65.55
C ASN E 90 -40.74 -49.79 65.87
N CYS E 91 -39.76 -50.14 66.70
CA CYS E 91 -39.54 -51.51 67.14
C CYS E 91 -39.30 -51.49 68.64
N TYR E 92 -38.54 -52.41 69.17
CA TYR E 92 -38.34 -52.47 70.62
C TYR E 92 -37.52 -51.27 71.07
N PRO E 93 -37.94 -50.54 72.11
CA PRO E 93 -37.16 -49.37 72.55
C PRO E 93 -35.78 -49.80 73.01
N TYR E 94 -34.76 -49.03 72.62
CA TYR E 94 -33.38 -49.45 72.75
C TYR E 94 -32.48 -48.24 72.96
N ASP E 95 -31.24 -48.54 73.34
CA ASP E 95 -30.18 -47.56 73.38
C ASP E 95 -28.90 -48.22 72.87
N VAL E 96 -28.03 -47.40 72.28
CA VAL E 96 -26.69 -47.86 71.91
C VAL E 96 -25.70 -47.05 72.72
N PRO E 97 -25.03 -47.63 73.71
CA PRO E 97 -23.88 -46.93 74.29
C PRO E 97 -22.89 -46.63 73.18
N ASP E 98 -22.44 -45.36 73.10
CA ASP E 98 -21.59 -44.96 71.98
C ASP E 98 -22.31 -45.16 70.64
N TYR E 99 -23.61 -44.80 70.62
CA TYR E 99 -24.36 -44.63 69.38
C TYR E 99 -23.55 -43.93 68.29
N ALA E 100 -22.90 -42.81 68.66
CA ALA E 100 -22.20 -41.99 67.67
C ALA E 100 -21.12 -42.78 66.94
N SER E 101 -20.40 -43.64 67.67
CA SER E 101 -19.30 -44.39 67.06
C SER E 101 -19.80 -45.52 66.17
N LEU E 102 -20.87 -46.19 66.57
CA LEU E 102 -21.40 -47.26 65.73
C LEU E 102 -21.98 -46.68 64.44
N ARG E 103 -22.74 -45.58 64.57
CA ARG E 103 -23.25 -44.88 63.39
C ARG E 103 -22.11 -44.50 62.47
N SER E 104 -21.00 -44.02 63.03
CA SER E 104 -19.88 -43.55 62.21
C SER E 104 -19.19 -44.71 61.50
N LEU E 105 -18.94 -45.81 62.20
CA LEU E 105 -18.15 -46.85 61.56
C LEU E 105 -18.96 -47.58 60.47
N VAL E 106 -20.27 -47.71 60.66
CA VAL E 106 -21.13 -48.27 59.62
C VAL E 106 -21.24 -47.29 58.46
N ALA E 107 -21.51 -46.02 58.74
CA ALA E 107 -21.57 -45.01 57.69
C ALA E 107 -20.31 -45.02 56.85
N SER E 108 -19.15 -45.03 57.50
CA SER E 108 -17.89 -45.00 56.77
C SER E 108 -17.65 -46.30 55.99
N SER E 109 -18.22 -47.41 56.48
CA SER E 109 -18.09 -48.69 55.78
C SER E 109 -18.91 -48.71 54.50
N GLY E 110 -20.09 -48.10 54.52
CA GLY E 110 -20.86 -47.90 53.30
C GLY E 110 -21.67 -49.08 52.81
N THR E 111 -21.99 -50.04 53.69
CA THR E 111 -22.77 -51.19 53.24
C THR E 111 -23.45 -51.82 54.45
N LEU E 112 -24.65 -52.35 54.22
CA LEU E 112 -25.37 -53.15 55.19
C LEU E 112 -25.36 -54.63 54.79
N GLU E 113 -24.45 -55.01 53.90
CA GLU E 113 -24.35 -56.40 53.44
C GLU E 113 -24.19 -57.35 54.63
N PHE E 114 -25.14 -58.28 54.76
CA PHE E 114 -25.30 -59.13 55.92
C PHE E 114 -25.29 -60.60 55.52
N ILE E 115 -24.44 -61.39 56.15
CA ILE E 115 -24.31 -62.83 55.87
C ILE E 115 -24.77 -63.61 57.09
N ASN E 116 -25.82 -64.41 56.93
CA ASN E 116 -26.31 -65.25 58.02
C ASN E 116 -25.27 -66.31 58.40
N GLU E 117 -25.20 -66.62 59.70
CA GLU E 117 -24.32 -67.68 60.18
C GLU E 117 -25.11 -68.59 61.11
N GLY E 118 -24.81 -69.88 61.07
CA GLY E 118 -25.52 -70.89 61.83
C GLY E 118 -25.05 -71.06 63.26
N PHE E 119 -25.41 -70.12 64.13
CA PHE E 119 -25.08 -70.25 65.54
C PHE E 119 -25.84 -71.43 66.15
N ASN E 120 -25.17 -72.19 67.01
CA ASN E 120 -25.78 -73.36 67.66
C ASN E 120 -26.43 -72.92 68.97
N TRP E 121 -27.72 -72.62 68.92
CA TRP E 121 -28.50 -72.24 70.10
C TRP E 121 -29.28 -73.40 70.69
N THR E 122 -28.61 -74.55 70.85
CA THR E 122 -29.24 -75.70 71.47
C THR E 122 -29.53 -75.37 72.94
N GLY E 123 -30.77 -75.63 73.38
CA GLY E 123 -31.15 -75.43 74.76
C GLY E 123 -31.98 -74.20 75.04
N VAL E 124 -32.18 -73.33 74.06
CA VAL E 124 -32.99 -72.13 74.21
C VAL E 124 -33.98 -72.04 73.06
N THR E 125 -35.03 -71.26 73.28
CA THR E 125 -35.98 -70.90 72.24
C THR E 125 -35.47 -69.65 71.52
N GLN E 126 -35.68 -69.59 70.20
CA GLN E 126 -35.21 -68.50 69.37
C GLN E 126 -36.36 -67.60 68.93
N SER E 127 -35.97 -66.42 68.43
CA SER E 127 -36.88 -65.52 67.71
C SER E 127 -38.00 -64.99 68.62
N GLY E 128 -37.62 -64.55 69.81
CA GLY E 128 -38.56 -63.82 70.64
C GLY E 128 -39.08 -62.59 69.93
N GLY E 129 -40.32 -62.23 70.23
CA GLY E 129 -40.97 -61.10 69.60
C GLY E 129 -41.73 -60.24 70.61
N SER E 130 -42.30 -59.16 70.09
CA SER E 130 -42.96 -58.18 70.94
C SER E 130 -43.98 -57.41 70.12
N TYR E 131 -45.04 -56.98 70.80
CA TYR E 131 -46.04 -56.16 70.12
C TYR E 131 -45.58 -54.73 69.91
N ALA E 132 -44.46 -54.33 70.53
CA ALA E 132 -43.86 -53.06 70.22
C ALA E 132 -43.17 -53.05 68.87
N CYS E 133 -43.03 -54.23 68.23
CA CYS E 133 -42.26 -54.38 67.00
C CYS E 133 -42.99 -55.29 66.03
N LYS E 134 -44.12 -54.82 65.48
CA LYS E 134 -44.93 -55.64 64.60
C LYS E 134 -44.37 -55.67 63.18
N ARG E 135 -44.39 -56.86 62.56
CA ARG E 135 -44.08 -57.03 61.15
C ARG E 135 -45.31 -57.61 60.48
N GLY E 136 -46.03 -56.75 59.76
CA GLY E 136 -47.36 -57.14 59.29
C GLY E 136 -48.27 -57.41 60.46
N SER E 137 -48.85 -58.62 60.47
CA SER E 137 -49.84 -58.97 61.48
C SER E 137 -49.23 -59.47 62.78
N ASP E 138 -47.95 -59.83 62.78
CA ASP E 138 -47.36 -60.64 63.85
C ASP E 138 -46.42 -59.82 64.72
N ASN E 139 -46.35 -60.21 65.99
CA ASN E 139 -45.29 -59.73 66.87
C ASN E 139 -43.96 -60.17 66.29
N SER E 140 -42.98 -59.27 66.27
CA SER E 140 -41.71 -59.60 65.64
C SER E 140 -40.59 -58.91 66.42
N PHE E 141 -39.44 -58.76 65.78
CA PHE E 141 -38.26 -58.23 66.43
C PHE E 141 -37.35 -57.65 65.35
N PHE E 142 -36.25 -57.03 65.77
CA PHE E 142 -35.20 -56.61 64.84
C PHE E 142 -34.74 -57.78 63.98
N SER E 143 -34.75 -57.58 62.66
CA SER E 143 -34.52 -58.69 61.73
C SER E 143 -33.13 -59.30 61.88
N ARG E 144 -32.13 -58.53 62.28
CA ARG E 144 -30.76 -59.01 62.34
C ARG E 144 -30.35 -59.50 63.71
N LEU E 145 -31.27 -59.47 64.67
CA LEU E 145 -31.03 -59.88 66.05
C LEU E 145 -31.96 -61.03 66.38
N ASN E 146 -31.57 -61.82 67.38
CA ASN E 146 -32.24 -63.07 67.70
C ASN E 146 -32.49 -63.11 69.21
N TRP E 147 -33.73 -62.85 69.61
CA TRP E 147 -34.09 -62.79 71.02
C TRP E 147 -34.24 -64.21 71.55
N LEU E 148 -33.27 -64.65 72.35
CA LEU E 148 -33.21 -65.98 72.93
C LEU E 148 -33.90 -65.99 74.29
N TYR E 149 -34.59 -67.09 74.59
CA TYR E 149 -35.20 -67.21 75.91
C TYR E 149 -35.41 -68.69 76.23
N GLU E 150 -35.90 -68.94 77.44
CA GLU E 150 -35.93 -70.29 78.02
C GLU E 150 -36.62 -71.28 77.09
N SER E 151 -36.19 -72.52 77.16
CA SER E 151 -36.87 -73.64 76.51
C SER E 151 -37.12 -74.69 77.58
N GLU E 152 -38.38 -75.08 77.74
CA GLU E 152 -38.79 -76.07 78.75
C GLU E 152 -38.39 -75.61 80.15
N SER E 153 -38.58 -74.32 80.43
CA SER E 153 -38.38 -73.71 81.73
C SER E 153 -36.93 -73.79 82.22
N LYS E 154 -35.95 -73.97 81.33
CA LYS E 154 -34.54 -73.81 81.67
C LYS E 154 -33.82 -72.94 80.64
N TYR E 155 -32.67 -72.44 81.06
CA TYR E 155 -31.79 -71.59 80.24
C TYR E 155 -30.36 -71.97 80.59
N PRO E 156 -29.72 -72.84 79.81
CA PRO E 156 -28.37 -73.27 80.16
C PRO E 156 -27.36 -72.18 79.83
N VAL E 157 -26.17 -72.33 80.41
CA VAL E 157 -25.09 -71.39 80.12
C VAL E 157 -24.73 -71.55 78.65
N LEU E 158 -25.08 -70.54 77.84
CA LEU E 158 -24.76 -70.58 76.42
C LEU E 158 -23.27 -70.29 76.22
N ASN E 159 -22.67 -71.04 75.32
CA ASN E 159 -21.22 -70.98 75.08
C ASN E 159 -21.01 -71.41 73.63
N VAL E 160 -21.07 -70.42 72.72
CA VAL E 160 -21.04 -70.70 71.30
C VAL E 160 -19.89 -69.93 70.66
N THR E 161 -19.46 -70.43 69.50
CA THR E 161 -18.27 -69.89 68.87
C THR E 161 -18.51 -69.74 67.37
N MET E 162 -17.83 -68.78 66.77
CA MET E 162 -17.95 -68.53 65.33
C MET E 162 -16.61 -68.01 64.85
N PRO E 163 -15.81 -68.85 64.18
CA PRO E 163 -14.48 -68.42 63.76
C PRO E 163 -14.56 -67.63 62.47
N ASN E 164 -13.62 -66.70 62.32
CA ASN E 164 -13.44 -65.97 61.07
C ASN E 164 -12.38 -66.70 60.27
N ASN E 165 -12.83 -67.59 59.39
CA ASN E 165 -11.93 -68.35 58.54
C ASN E 165 -11.75 -67.73 57.17
N GLY E 166 -12.45 -66.65 56.88
CA GLY E 166 -12.28 -65.94 55.63
C GLY E 166 -11.08 -65.03 55.68
N ASN E 167 -11.08 -64.04 54.79
CA ASN E 167 -9.96 -63.11 54.64
C ASN E 167 -10.41 -61.65 54.73
N PHE E 168 -11.49 -61.39 55.48
CA PHE E 168 -12.04 -60.05 55.61
C PHE E 168 -12.60 -59.92 57.03
N ASP E 169 -12.82 -58.68 57.45
CA ASP E 169 -13.32 -58.41 58.80
C ASP E 169 -14.83 -58.57 58.89
N LYS E 170 -15.28 -59.02 60.06
CA LYS E 170 -16.68 -59.28 60.35
C LYS E 170 -17.14 -58.30 61.43
N LEU E 171 -18.24 -57.61 61.18
CA LEU E 171 -18.89 -56.78 62.19
C LEU E 171 -20.09 -57.51 62.76
N TYR E 172 -20.11 -57.70 64.08
CA TYR E 172 -21.21 -58.36 64.78
C TYR E 172 -21.96 -57.35 65.65
N ILE E 173 -23.27 -57.27 65.44
CA ILE E 173 -24.16 -56.47 66.28
C ILE E 173 -24.92 -57.42 67.20
N TRP E 174 -24.91 -57.13 68.50
CA TRP E 174 -25.56 -57.96 69.48
C TRP E 174 -26.12 -57.04 70.56
N GLY E 175 -26.84 -57.63 71.52
CA GLY E 175 -27.57 -56.82 72.47
C GLY E 175 -27.78 -57.51 73.80
N VAL E 176 -28.34 -56.75 74.73
CA VAL E 176 -28.68 -57.24 76.07
C VAL E 176 -30.08 -56.76 76.39
N HIS E 177 -30.92 -57.65 76.91
CA HIS E 177 -32.29 -57.29 77.26
C HIS E 177 -32.38 -56.89 78.73
N HIS E 178 -32.96 -55.72 78.99
CA HIS E 178 -33.25 -55.27 80.34
C HIS E 178 -34.73 -55.45 80.61
N PRO E 179 -35.14 -56.47 81.35
CA PRO E 179 -36.55 -56.60 81.72
C PRO E 179 -36.98 -55.54 82.71
N SER E 180 -38.27 -55.22 82.71
CA SER E 180 -38.77 -54.20 83.61
C SER E 180 -39.12 -54.73 85.00
N THR E 181 -39.30 -56.05 85.18
CA THR E 181 -39.67 -56.63 86.48
C THR E 181 -39.00 -58.00 86.68
N ASP E 182 -38.96 -58.43 87.94
CA ASP E 182 -38.35 -59.71 88.27
C ASP E 182 -39.13 -60.88 87.67
N LYS E 183 -40.45 -60.77 87.61
CA LYS E 183 -41.25 -61.83 86.98
C LYS E 183 -40.86 -62.01 85.52
N GLU E 184 -40.66 -60.91 84.80
CA GLU E 184 -40.19 -61.01 83.42
C GLU E 184 -38.86 -61.74 83.36
N GLN E 185 -37.93 -61.39 84.24
CA GLN E 185 -36.58 -61.97 84.21
C GLN E 185 -36.65 -63.48 84.37
N THR E 186 -37.31 -63.97 85.43
CA THR E 186 -37.40 -65.40 85.67
C THR E 186 -38.27 -66.08 84.61
N ASN E 187 -39.37 -65.44 84.20
CA ASN E 187 -40.18 -65.98 83.12
C ASN E 187 -39.34 -66.27 81.88
N LEU E 188 -38.45 -65.34 81.53
CA LEU E 188 -37.73 -65.48 80.26
C LEU E 188 -36.42 -66.26 80.42
N TYR E 189 -35.70 -66.07 81.53
CA TYR E 189 -34.32 -66.53 81.66
C TYR E 189 -34.06 -67.36 82.91
N VAL E 190 -35.13 -67.73 83.64
CA VAL E 190 -35.12 -68.57 84.84
C VAL E 190 -34.28 -67.96 85.96
N ARG E 191 -33.03 -67.57 85.68
CA ARG E 191 -32.14 -67.03 86.69
C ARG E 191 -32.60 -65.64 87.12
N ALA E 192 -32.22 -65.27 88.35
CA ALA E 192 -32.64 -63.98 88.88
C ALA E 192 -31.91 -62.81 88.22
N SER E 193 -30.82 -63.08 87.52
CA SER E 193 -30.07 -62.03 86.85
C SER E 193 -29.15 -62.67 85.83
N GLY E 194 -29.01 -62.02 84.66
CA GLY E 194 -28.28 -62.57 83.55
C GLY E 194 -26.88 -62.00 83.42
N ARG E 195 -26.22 -62.40 82.35
CA ARG E 195 -24.88 -61.94 82.02
C ARG E 195 -24.63 -62.23 80.54
N VAL E 196 -24.03 -61.27 79.85
CA VAL E 196 -23.64 -61.45 78.46
C VAL E 196 -22.17 -61.09 78.34
N THR E 197 -21.37 -62.03 77.88
CA THR E 197 -19.94 -61.82 77.64
C THR E 197 -19.65 -62.19 76.19
N VAL E 198 -19.15 -61.22 75.43
CA VAL E 198 -18.72 -61.45 74.05
C VAL E 198 -17.23 -61.16 73.97
N SER E 199 -16.46 -62.14 73.46
CA SER E 199 -15.01 -62.04 73.49
C SER E 199 -14.41 -62.48 72.17
N THR E 200 -13.20 -61.97 71.90
CA THR E 200 -12.30 -62.46 70.89
C THR E 200 -11.01 -62.91 71.57
N LYS E 201 -10.03 -63.35 70.77
CA LYS E 201 -8.72 -63.67 71.33
C LYS E 201 -8.13 -62.50 72.11
N ARG E 202 -8.41 -61.26 71.68
CA ARG E 202 -7.71 -60.10 72.19
C ARG E 202 -8.59 -59.09 72.92
N SER E 203 -9.91 -59.25 72.90
CA SER E 203 -10.82 -58.30 73.53
C SER E 203 -11.97 -59.04 74.17
N GLN E 204 -12.65 -58.36 75.09
CA GLN E 204 -13.83 -58.94 75.74
C GLN E 204 -14.76 -57.82 76.20
N GLN E 205 -16.05 -58.11 76.21
CA GLN E 205 -17.08 -57.21 76.71
C GLN E 205 -18.05 -58.01 77.56
N THR E 206 -18.25 -57.59 78.81
CA THR E 206 -19.27 -58.18 79.66
C THR E 206 -20.27 -57.10 80.05
N ILE E 207 -21.56 -57.40 79.84
CA ILE E 207 -22.65 -56.51 80.18
C ILE E 207 -23.59 -57.24 81.13
N ILE E 208 -23.89 -56.61 82.27
CA ILE E 208 -24.85 -57.14 83.24
C ILE E 208 -26.17 -56.40 83.06
N PRO E 209 -27.27 -57.09 82.77
CA PRO E 209 -28.55 -56.39 82.59
C PRO E 209 -29.04 -55.80 83.91
N ASN E 210 -29.99 -54.89 83.79
CA ASN E 210 -30.51 -54.16 84.94
C ASN E 210 -32.03 -54.19 84.89
N ILE E 211 -32.65 -54.80 85.92
CA ILE E 211 -34.10 -54.96 85.99
C ILE E 211 -34.70 -53.70 86.59
N GLY E 212 -35.79 -53.23 86.03
CA GLY E 212 -36.45 -52.05 86.56
C GLY E 212 -37.17 -51.30 85.46
N SER E 213 -38.07 -50.41 85.87
CA SER E 213 -38.88 -49.68 84.91
C SER E 213 -38.10 -48.53 84.28
N ARG E 214 -38.28 -48.36 82.99
CA ARG E 214 -37.94 -47.16 82.25
C ARG E 214 -39.23 -46.52 81.73
N PRO E 215 -39.20 -45.26 81.31
CA PRO E 215 -40.42 -44.62 80.78
C PRO E 215 -41.04 -45.41 79.63
N TRP E 216 -42.36 -45.50 79.66
CA TRP E 216 -43.14 -46.20 78.65
C TRP E 216 -42.78 -45.68 77.26
N VAL E 217 -42.36 -46.59 76.38
CA VAL E 217 -42.07 -46.24 74.99
C VAL E 217 -42.63 -47.36 74.12
N ARG E 218 -43.51 -47.00 73.19
CA ARG E 218 -44.13 -47.95 72.26
C ARG E 218 -44.64 -49.20 72.97
N GLY E 219 -45.19 -49.00 74.18
CA GLY E 219 -45.87 -50.04 74.91
C GLY E 219 -45.06 -50.78 75.95
N LEU E 220 -43.81 -50.37 76.21
CA LEU E 220 -42.90 -51.13 77.05
C LEU E 220 -42.12 -50.23 78.00
N SER E 221 -41.88 -50.74 79.20
CA SER E 221 -40.97 -50.12 80.16
C SER E 221 -39.62 -50.83 80.19
N SER E 222 -39.45 -51.89 79.42
CA SER E 222 -38.18 -52.58 79.32
C SER E 222 -37.37 -51.96 78.19
N ARG E 223 -36.13 -52.45 78.01
CA ARG E 223 -35.24 -51.89 77.00
C ARG E 223 -34.35 -53.01 76.46
N ILE E 224 -33.72 -52.73 75.33
CA ILE E 224 -32.53 -53.45 74.86
C ILE E 224 -31.38 -52.46 74.76
N SER E 225 -30.17 -52.96 75.01
CA SER E 225 -28.93 -52.22 74.82
C SER E 225 -28.09 -52.92 73.76
N ILE E 226 -27.61 -52.12 72.79
CA ILE E 226 -26.93 -52.62 71.60
C ILE E 226 -25.43 -52.41 71.73
N TYR E 227 -24.66 -53.42 71.36
CA TYR E 227 -23.20 -53.42 71.40
C TYR E 227 -22.69 -54.02 70.10
N TRP E 228 -21.37 -54.00 69.92
CA TRP E 228 -20.83 -54.51 68.66
C TRP E 228 -19.41 -54.98 68.87
N THR E 229 -18.96 -55.85 67.98
CA THR E 229 -17.68 -56.53 68.08
C THR E 229 -17.17 -56.81 66.67
N ILE E 230 -15.94 -56.42 66.39
CA ILE E 230 -15.31 -56.69 65.10
C ILE E 230 -14.36 -57.86 65.27
N VAL E 231 -14.38 -58.78 64.30
CA VAL E 231 -13.58 -60.00 64.34
C VAL E 231 -12.74 -60.06 63.08
N LYS E 232 -11.41 -60.05 63.24
CA LYS E 232 -10.48 -60.08 62.13
C LYS E 232 -10.19 -61.50 61.67
N PRO E 233 -9.66 -61.67 60.46
CA PRO E 233 -9.36 -63.02 59.96
C PRO E 233 -8.37 -63.72 60.88
N GLY E 234 -8.65 -65.00 61.15
CA GLY E 234 -7.89 -65.76 62.10
C GLY E 234 -8.27 -65.56 63.55
N ASP E 235 -9.17 -64.63 63.84
CA ASP E 235 -9.74 -64.45 65.17
C ASP E 235 -11.06 -65.21 65.27
N ILE E 236 -11.57 -65.33 66.51
CA ILE E 236 -12.78 -66.10 66.75
C ILE E 236 -13.72 -65.33 67.67
N LEU E 237 -15.01 -65.30 67.31
CA LEU E 237 -16.04 -64.79 68.20
C LEU E 237 -16.48 -65.90 69.15
N LEU E 238 -16.59 -65.58 70.45
CA LEU E 238 -17.15 -66.49 71.45
C LEU E 238 -18.22 -65.75 72.24
N ILE E 239 -19.43 -66.30 72.27
CA ILE E 239 -20.54 -65.68 72.98
C ILE E 239 -20.91 -66.57 74.15
N ASN E 240 -20.88 -66.00 75.34
CA ASN E 240 -21.09 -66.72 76.60
C ASN E 240 -22.15 -65.97 77.40
N SER E 241 -23.26 -66.64 77.70
CA SER E 241 -24.34 -65.99 78.43
C SER E 241 -25.16 -67.00 79.23
N ASN E 242 -25.56 -66.58 80.44
CA ASN E 242 -26.54 -67.32 81.22
C ASN E 242 -27.88 -66.58 81.30
N GLY E 243 -28.11 -65.62 80.40
CA GLY E 243 -29.41 -64.96 80.32
C GLY E 243 -29.36 -63.58 79.69
N ASN E 244 -30.49 -63.14 79.14
CA ASN E 244 -30.69 -61.78 78.62
C ASN E 244 -29.89 -61.48 77.35
N LEU E 245 -29.41 -62.51 76.66
CA LEU E 245 -28.64 -62.33 75.43
C LEU E 245 -29.56 -62.01 74.25
N ILE E 246 -29.24 -60.95 73.51
CA ILE E 246 -29.91 -60.64 72.26
C ILE E 246 -28.87 -60.93 71.19
N ALA E 247 -29.00 -62.07 70.53
CA ALA E 247 -27.92 -62.65 69.78
C ALA E 247 -27.86 -62.15 68.34
N PRO E 248 -26.67 -62.14 67.74
CA PRO E 248 -26.57 -61.86 66.31
C PRO E 248 -27.02 -63.04 65.47
N ARG E 249 -27.60 -62.75 64.29
CA ARG E 249 -27.94 -63.79 63.33
C ARG E 249 -26.85 -63.99 62.29
N GLY E 250 -25.78 -63.21 62.35
CA GLY E 250 -24.72 -63.29 61.37
C GLY E 250 -23.81 -62.08 61.51
N TYR E 251 -23.16 -61.72 60.41
CA TYR E 251 -22.25 -60.59 60.44
C TYR E 251 -22.52 -59.65 59.28
N PHE E 252 -22.07 -58.42 59.47
CA PHE E 252 -22.06 -57.41 58.43
C PHE E 252 -20.68 -57.35 57.81
N LYS E 253 -20.62 -57.32 56.49
CA LYS E 253 -19.35 -57.11 55.81
C LYS E 253 -18.92 -55.66 56.03
N ILE E 254 -17.76 -55.44 56.62
CA ILE E 254 -17.24 -54.10 56.86
C ILE E 254 -16.17 -53.78 55.83
N ARG E 255 -16.32 -52.64 55.15
CA ARG E 255 -15.42 -52.20 54.08
C ARG E 255 -14.76 -50.89 54.45
N THR E 256 -13.74 -50.53 53.68
CA THR E 256 -13.14 -49.20 53.75
C THR E 256 -13.32 -48.50 52.42
N GLY E 257 -13.38 -47.17 52.48
CA GLY E 257 -13.60 -46.41 51.25
C GLY E 257 -14.17 -45.03 51.57
N LYS E 258 -14.87 -44.47 50.59
CA LYS E 258 -15.28 -43.07 50.60
C LYS E 258 -16.66 -42.81 51.18
N SER E 259 -17.31 -43.80 51.84
CA SER E 259 -18.70 -43.60 52.20
C SER E 259 -18.85 -42.76 53.46
N SER E 260 -20.01 -42.13 53.60
CA SER E 260 -20.28 -41.33 54.80
C SER E 260 -21.79 -41.16 54.94
N ILE E 261 -22.18 -40.28 55.84
CA ILE E 261 -23.58 -40.07 56.20
C ILE E 261 -23.77 -38.58 56.47
N MET E 262 -24.97 -38.09 56.17
CA MET E 262 -25.22 -36.68 56.40
C MET E 262 -26.68 -36.46 56.75
N ARG E 263 -26.90 -35.54 57.69
CA ARG E 263 -28.23 -35.13 58.12
C ARG E 263 -28.70 -34.02 57.23
N SER E 264 -29.83 -34.24 56.54
CA SER E 264 -30.33 -33.26 55.59
C SER E 264 -31.77 -33.56 55.25
N ASP E 265 -32.58 -32.50 55.08
CA ASP E 265 -33.93 -32.63 54.54
C ASP E 265 -34.04 -32.16 53.09
N ALA E 266 -32.93 -31.94 52.40
CA ALA E 266 -33.00 -31.49 51.01
C ALA E 266 -33.46 -32.63 50.09
N PRO E 267 -34.31 -32.34 49.11
CA PRO E 267 -34.71 -33.39 48.16
C PRO E 267 -33.59 -33.75 47.20
N ILE E 268 -33.66 -34.97 46.68
CA ILE E 268 -32.68 -35.49 45.73
C ILE E 268 -33.20 -35.24 44.32
N GLY E 269 -32.32 -34.78 43.42
CA GLY E 269 -32.72 -34.45 42.07
C GLY E 269 -31.82 -35.09 41.04
N THR E 270 -32.28 -35.09 39.80
CA THR E 270 -31.53 -35.62 38.67
C THR E 270 -30.60 -34.52 38.17
N CYS E 271 -29.32 -34.63 38.53
CA CYS E 271 -28.26 -33.71 38.13
C CYS E 271 -26.95 -34.31 38.62
N SER E 272 -25.84 -33.68 38.25
CA SER E 272 -24.53 -34.15 38.68
C SER E 272 -23.82 -33.04 39.45
N SER E 273 -23.27 -33.36 40.62
CA SER E 273 -22.52 -32.38 41.40
C SER E 273 -21.54 -33.10 42.31
N GLU E 274 -20.26 -32.72 42.24
CA GLU E 274 -19.22 -33.30 43.09
C GLU E 274 -19.43 -32.97 44.57
N CYS E 275 -19.91 -31.77 44.89
CA CYS E 275 -19.97 -31.29 46.27
C CYS E 275 -21.40 -31.31 46.81
N ILE E 276 -21.60 -31.96 47.96
CA ILE E 276 -22.90 -32.04 48.63
C ILE E 276 -22.81 -31.36 49.99
N THR E 277 -23.80 -30.51 50.29
CA THR E 277 -23.97 -29.99 51.64
C THR E 277 -25.37 -30.33 52.14
N PRO E 278 -25.66 -30.17 53.44
CA PRO E 278 -27.03 -30.41 53.90
C PRO E 278 -28.04 -29.46 53.31
N ASN E 279 -27.60 -28.31 52.78
CA ASN E 279 -28.46 -27.38 52.08
C ASN E 279 -28.80 -27.84 50.67
N GLY E 280 -28.07 -28.82 50.15
CA GLY E 280 -28.09 -29.17 48.75
C GLY E 280 -26.70 -29.19 48.17
N SER E 281 -26.63 -29.69 46.93
CA SER E 281 -25.37 -29.67 46.21
C SER E 281 -24.99 -28.22 45.90
N ILE E 282 -23.69 -27.97 45.78
CA ILE E 282 -23.23 -26.65 45.38
C ILE E 282 -22.18 -26.78 44.29
N PRO E 283 -22.02 -25.79 43.42
CA PRO E 283 -20.93 -25.86 42.44
C PRO E 283 -19.59 -25.78 43.14
N ASN E 284 -18.57 -26.34 42.50
CA ASN E 284 -17.23 -26.27 43.08
C ASN E 284 -16.24 -25.52 42.18
N ASP E 285 -16.70 -24.52 41.42
CA ASP E 285 -15.78 -23.71 40.60
C ASP E 285 -15.07 -22.62 41.40
N LYS E 286 -15.52 -22.33 42.61
CA LYS E 286 -14.90 -21.34 43.46
C LYS E 286 -14.07 -22.03 44.54
N PRO E 287 -12.99 -21.39 44.98
CA PRO E 287 -12.14 -22.02 46.01
C PRO E 287 -12.77 -22.07 47.40
N PHE E 288 -13.73 -21.20 47.70
CA PHE E 288 -14.28 -21.09 49.05
C PHE E 288 -15.80 -21.12 48.96
N GLN E 289 -16.43 -21.36 50.11
CA GLN E 289 -17.88 -21.38 50.22
C GLN E 289 -18.31 -21.01 51.62
N ASN E 290 -19.50 -20.43 51.69
CA ASN E 290 -20.10 -20.02 52.95
C ASN E 290 -21.47 -20.67 53.14
N VAL E 291 -21.73 -21.78 52.45
CA VAL E 291 -23.05 -22.41 52.53
C VAL E 291 -23.16 -23.24 53.81
N ASN E 292 -22.22 -24.16 54.04
CA ASN E 292 -22.30 -25.04 55.19
C ASN E 292 -20.93 -25.62 55.49
N LYS E 293 -20.53 -25.64 56.76
CA LYS E 293 -19.28 -26.28 57.12
C LYS E 293 -19.34 -27.80 56.97
N ILE E 294 -20.55 -28.36 56.91
CA ILE E 294 -20.73 -29.79 56.66
C ILE E 294 -20.72 -30.00 55.15
N THR E 295 -19.80 -30.82 54.67
CA THR E 295 -19.72 -31.07 53.24
C THR E 295 -19.28 -32.50 53.00
N TYR E 296 -19.50 -32.96 51.77
CA TYR E 296 -19.08 -34.27 51.28
C TYR E 296 -18.67 -34.14 49.82
N GLY E 297 -17.49 -34.66 49.47
CA GLY E 297 -17.07 -34.67 48.09
C GLY E 297 -15.98 -33.64 47.80
N ALA E 298 -15.81 -33.36 46.50
CA ALA E 298 -14.83 -32.36 46.03
C ALA E 298 -15.45 -30.97 46.18
N CYS E 299 -15.15 -30.31 47.31
CA CYS E 299 -15.83 -29.10 47.75
C CYS E 299 -14.91 -27.91 47.90
N PRO E 300 -15.43 -26.70 47.71
CA PRO E 300 -14.73 -25.50 48.18
C PRO E 300 -14.56 -25.56 49.69
N LYS E 301 -13.55 -24.83 50.17
CA LYS E 301 -13.28 -24.74 51.60
C LYS E 301 -14.23 -23.78 52.27
N TYR E 302 -14.77 -24.18 53.43
CA TYR E 302 -15.69 -23.33 54.16
C TYR E 302 -14.96 -22.18 54.84
N VAL E 303 -15.52 -20.98 54.71
CA VAL E 303 -14.97 -19.77 55.32
C VAL E 303 -16.14 -18.95 55.87
N LYS E 304 -15.80 -18.03 56.78
CA LYS E 304 -16.80 -17.20 57.43
C LYS E 304 -17.31 -16.08 56.52
N GLN E 305 -16.49 -15.63 55.58
CA GLN E 305 -16.89 -14.51 54.71
C GLN E 305 -17.97 -14.96 53.73
N ASN E 306 -18.93 -14.07 53.47
CA ASN E 306 -19.94 -14.39 52.48
C ASN E 306 -19.60 -13.83 51.10
N THR E 307 -18.55 -13.03 50.98
CA THR E 307 -18.06 -12.56 49.69
C THR E 307 -16.58 -12.24 49.79
N LEU E 308 -15.84 -12.57 48.72
CA LEU E 308 -14.44 -12.18 48.57
C LEU E 308 -14.20 -11.96 47.08
N LYS E 309 -13.95 -10.70 46.67
CA LYS E 309 -13.77 -10.37 45.25
C LYS E 309 -12.30 -10.34 44.88
N LEU E 310 -11.95 -11.17 43.89
CA LEU E 310 -10.61 -11.20 43.30
C LEU E 310 -10.61 -10.28 42.07
N ALA E 311 -9.76 -9.26 42.08
CA ALA E 311 -9.68 -8.37 40.93
C ALA E 311 -9.22 -9.12 39.69
N THR E 312 -9.88 -8.84 38.56
CA THR E 312 -9.50 -9.40 37.27
C THR E 312 -9.22 -8.30 36.25
N GLY E 313 -8.95 -7.08 36.73
CA GLY E 313 -8.64 -5.96 35.87
C GLY E 313 -7.90 -4.89 36.67
N MET E 314 -7.42 -3.89 35.95
CA MET E 314 -6.70 -2.76 36.56
C MET E 314 -7.63 -1.84 37.36
N ARG E 315 -7.00 -0.93 38.11
CA ARG E 315 -7.71 0.17 38.74
C ARG E 315 -8.61 0.89 37.73
N ASN E 316 -9.82 1.24 38.17
CA ASN E 316 -10.79 1.95 37.33
C ASN E 316 -10.71 3.44 37.63
N VAL E 317 -10.33 4.22 36.63
CA VAL E 317 -10.09 5.64 36.78
C VAL E 317 -10.96 6.36 35.75
N PRO E 318 -12.21 6.68 36.06
CA PRO E 318 -13.04 7.41 35.10
C PRO E 318 -12.60 8.86 34.95
N GLU E 319 -12.96 9.46 33.82
CA GLU E 319 -12.62 10.87 33.59
C GLU E 319 -13.31 11.78 34.59
N GLY F 1 -0.24 0.94 41.34
CA GLY F 1 0.05 2.27 41.84
C GLY F 1 1.54 2.47 42.00
N ILE F 2 2.28 1.37 42.09
CA ILE F 2 3.67 1.45 42.51
C ILE F 2 4.57 2.02 41.42
N PHE F 3 4.16 1.95 40.15
CA PHE F 3 4.92 2.64 39.11
C PHE F 3 4.43 4.04 38.82
N GLY F 4 3.24 4.41 39.29
CA GLY F 4 2.78 5.77 39.17
C GLY F 4 2.26 6.16 37.80
N ALA F 5 1.91 5.18 36.95
CA ALA F 5 1.31 5.43 35.63
C ALA F 5 -0.21 5.52 35.75
N ILE F 6 -0.87 4.37 35.99
CA ILE F 6 -2.31 4.34 36.14
C ILE F 6 -2.68 5.01 37.46
N ALA F 7 -3.65 5.93 37.42
CA ALA F 7 -4.02 6.77 38.57
C ALA F 7 -2.84 7.59 39.08
N GLY F 8 -1.82 7.79 38.22
CA GLY F 8 -0.67 8.62 38.50
C GLY F 8 -0.41 9.63 37.39
N PHE F 9 0.69 9.52 36.64
CA PHE F 9 0.92 10.56 35.63
C PHE F 9 -0.02 10.45 34.43
N ILE F 10 -0.68 9.31 34.23
CA ILE F 10 -1.80 9.24 33.31
C ILE F 10 -3.05 9.60 34.09
N GLU F 11 -3.69 10.72 33.73
CA GLU F 11 -4.73 11.33 34.58
C GLU F 11 -5.93 10.41 34.73
N ASN F 12 -6.41 9.81 33.65
CA ASN F 12 -7.55 8.92 33.79
C ASN F 12 -7.54 7.91 32.65
N GLY F 13 -8.45 6.93 32.75
CA GLY F 13 -8.59 5.93 31.72
C GLY F 13 -9.58 6.35 30.65
N TRP F 14 -9.64 5.55 29.59
CA TRP F 14 -10.44 5.88 28.41
C TRP F 14 -11.64 4.93 28.36
N GLU F 15 -12.81 5.43 28.70
CA GLU F 15 -14.00 4.58 28.58
C GLU F 15 -14.27 4.19 27.13
N GLY F 16 -13.92 5.06 26.19
CA GLY F 16 -14.13 4.79 24.76
C GLY F 16 -13.18 3.77 24.16
N MET F 17 -12.15 3.35 24.89
CA MET F 17 -11.27 2.27 24.36
C MET F 17 -11.92 0.93 24.73
N VAL F 18 -12.56 0.26 23.78
CA VAL F 18 -13.33 -0.97 24.10
C VAL F 18 -12.66 -2.21 23.51
N ASP F 19 -11.58 -2.04 22.75
CA ASP F 19 -10.95 -3.19 22.12
C ASP F 19 -9.56 -3.48 22.65
N GLY F 20 -9.22 -2.94 23.81
CA GLY F 20 -7.94 -3.25 24.43
C GLY F 20 -7.87 -2.63 25.80
N TRP F 21 -6.90 -3.10 26.57
CA TRP F 21 -6.66 -2.54 27.90
C TRP F 21 -5.75 -1.31 27.88
N TYR F 22 -4.79 -1.31 26.97
CA TYR F 22 -3.82 -0.25 26.79
C TYR F 22 -3.82 0.15 25.32
N GLY F 23 -3.38 1.37 25.05
CA GLY F 23 -3.24 1.78 23.66
C GLY F 23 -2.81 3.22 23.52
N PHE F 24 -3.08 3.78 22.34
CA PHE F 24 -2.52 5.03 21.85
C PHE F 24 -3.63 5.94 21.33
N ARG F 25 -3.58 7.22 21.70
CA ARG F 25 -4.35 8.27 21.06
C ARG F 25 -3.37 9.25 20.42
N HIS F 26 -3.73 9.78 19.25
CA HIS F 26 -2.81 10.66 18.55
C HIS F 26 -3.56 11.86 17.98
N GLN F 27 -2.79 12.89 17.68
CA GLN F 27 -3.27 14.05 16.93
C GLN F 27 -2.16 14.42 15.96
N ASN F 28 -2.49 14.50 14.68
CA ASN F 28 -1.50 14.86 13.68
C ASN F 28 -2.18 15.69 12.59
N SER F 29 -1.50 15.82 11.44
CA SER F 29 -1.99 16.63 10.34
C SER F 29 -3.29 16.09 9.75
N GLU F 30 -3.55 14.78 9.86
CA GLU F 30 -4.73 14.16 9.24
C GLU F 30 -5.90 13.99 10.20
N GLY F 31 -5.79 14.45 11.44
CA GLY F 31 -6.86 14.21 12.39
C GLY F 31 -6.38 13.58 13.69
N THR F 32 -7.28 12.85 14.34
CA THR F 32 -7.00 12.21 15.61
C THR F 32 -7.41 10.75 15.54
N GLY F 33 -6.83 9.94 16.43
CA GLY F 33 -7.13 8.52 16.36
C GLY F 33 -6.89 7.86 17.70
N GLN F 34 -7.37 6.62 17.79
CA GLN F 34 -7.21 5.78 18.97
C GLN F 34 -6.97 4.37 18.47
N ALA F 35 -5.95 3.69 19.01
CA ALA F 35 -5.75 2.29 18.65
C ALA F 35 -5.29 1.50 19.88
N ALA F 36 -5.88 0.32 20.07
CA ALA F 36 -5.49 -0.54 21.19
C ALA F 36 -4.15 -1.21 20.89
N ASP F 37 -3.36 -1.41 21.94
CA ASP F 37 -2.12 -2.19 21.84
C ASP F 37 -2.38 -3.60 22.33
N LEU F 38 -2.28 -4.58 21.43
CA LEU F 38 -2.71 -5.93 21.78
C LEU F 38 -1.68 -6.68 22.61
N LYS F 39 -0.38 -6.44 22.38
CA LYS F 39 0.66 -7.17 23.11
C LYS F 39 0.65 -6.84 24.60
N SER F 40 0.62 -5.55 24.96
CA SER F 40 0.51 -5.18 26.38
C SER F 40 -0.81 -5.65 27.00
N THR F 41 -1.92 -5.47 26.28
CA THR F 41 -3.22 -5.97 26.72
C THR F 41 -3.17 -7.46 27.04
N GLN F 42 -2.63 -8.25 26.10
CA GLN F 42 -2.53 -9.69 26.28
C GLN F 42 -1.58 -10.06 27.42
N ALA F 43 -0.49 -9.31 27.58
CA ALA F 43 0.44 -9.62 28.66
C ALA F 43 -0.23 -9.48 30.02
N ALA F 44 -1.03 -8.44 30.22
CA ALA F 44 -1.74 -8.29 31.49
C ALA F 44 -2.82 -9.35 31.66
N ILE F 45 -3.58 -9.61 30.59
CA ILE F 45 -4.63 -10.63 30.66
C ILE F 45 -4.03 -12.00 30.97
N ASP F 46 -2.95 -12.37 30.28
CA ASP F 46 -2.32 -13.67 30.53
C ASP F 46 -1.90 -13.83 32.00
N GLN F 47 -1.39 -12.75 32.61
CA GLN F 47 -0.96 -12.85 34.00
C GLN F 47 -2.16 -13.01 34.94
N ILE F 48 -3.24 -12.28 34.66
CA ILE F 48 -4.42 -12.36 35.51
C ILE F 48 -5.07 -13.73 35.38
N ASN F 49 -5.11 -14.28 34.17
CA ASN F 49 -5.64 -15.63 33.98
C ASN F 49 -4.75 -16.68 34.61
N GLY F 50 -3.44 -16.43 34.63
CA GLY F 50 -2.54 -17.33 35.34
C GLY F 50 -2.85 -17.38 36.82
N LYS F 51 -3.01 -16.21 37.45
CA LYS F 51 -3.30 -16.26 38.88
C LYS F 51 -4.71 -16.75 39.15
N LEU F 52 -5.66 -16.46 38.28
CA LEU F 52 -7.00 -17.01 38.45
C LEU F 52 -6.98 -18.53 38.37
N ASN F 53 -6.22 -19.09 37.41
CA ASN F 53 -6.13 -20.54 37.31
C ASN F 53 -5.48 -21.16 38.53
N ARG F 54 -4.50 -20.47 39.15
CA ARG F 54 -3.86 -21.02 40.33
C ARG F 54 -4.79 -21.02 41.53
N VAL F 55 -5.54 -19.93 41.71
CA VAL F 55 -6.46 -19.82 42.84
C VAL F 55 -7.55 -20.88 42.78
N ILE F 56 -7.91 -21.36 41.60
CA ILE F 56 -8.96 -22.39 41.51
C ILE F 56 -8.39 -23.76 41.13
N GLU F 57 -7.10 -24.02 41.42
CA GLU F 57 -6.38 -25.15 40.86
C GLU F 57 -7.00 -26.50 41.19
N LYS F 58 -7.37 -26.72 42.47
CA LYS F 58 -7.80 -28.07 42.85
C LYS F 58 -8.71 -28.00 44.06
N THR F 59 -9.96 -28.38 43.87
CA THR F 59 -10.84 -28.57 45.02
C THR F 59 -10.33 -29.78 45.80
N ASN F 60 -10.11 -29.61 47.11
CA ASN F 60 -9.86 -30.76 47.96
C ASN F 60 -11.09 -31.64 47.98
N GLU F 61 -10.87 -32.95 48.09
CA GLU F 61 -11.94 -33.92 48.14
C GLU F 61 -11.90 -34.58 49.52
N LYS F 62 -12.97 -34.43 50.28
CA LYS F 62 -13.09 -35.01 51.61
C LYS F 62 -14.33 -35.89 51.68
N PHE F 63 -14.23 -36.97 52.43
CA PHE F 63 -15.36 -37.88 52.50
C PHE F 63 -15.89 -37.95 53.93
N HIS F 64 -15.70 -39.07 54.65
CA HIS F 64 -16.14 -39.12 56.04
C HIS F 64 -15.25 -38.25 56.92
N GLN F 65 -15.88 -37.44 57.77
CA GLN F 65 -15.13 -36.47 58.57
C GLN F 65 -15.50 -36.65 60.04
N ILE F 66 -15.74 -35.54 60.75
CA ILE F 66 -16.28 -35.56 62.12
C ILE F 66 -17.64 -34.88 62.07
N GLU F 67 -18.46 -35.14 63.08
CA GLU F 67 -19.72 -34.42 63.18
C GLU F 67 -19.45 -32.95 63.56
N LYS F 68 -20.38 -32.07 63.18
CA LYS F 68 -20.19 -30.65 63.39
C LYS F 68 -21.42 -29.94 63.92
N GLU F 69 -22.53 -30.65 64.07
CA GLU F 69 -23.73 -30.15 64.72
C GLU F 69 -24.19 -31.23 65.68
N PHE F 70 -24.76 -30.83 66.83
CA PHE F 70 -25.03 -31.77 67.91
C PHE F 70 -26.38 -31.46 68.54
N SER F 71 -27.17 -32.50 68.83
CA SER F 71 -28.49 -32.25 69.41
C SER F 71 -28.50 -32.41 70.92
N GLU F 72 -27.46 -32.97 71.49
CA GLU F 72 -27.38 -33.24 72.92
C GLU F 72 -26.12 -32.60 73.49
N VAL F 73 -26.25 -32.05 74.70
CA VAL F 73 -25.09 -31.62 75.48
C VAL F 73 -24.29 -32.83 75.93
N GLU F 74 -22.95 -32.77 75.75
CA GLU F 74 -22.11 -33.91 76.11
C GLU F 74 -20.87 -33.54 76.92
N GLY F 75 -20.35 -32.34 76.78
CA GLY F 75 -19.14 -31.95 77.50
C GLY F 75 -17.87 -32.18 76.69
N ARG F 76 -16.87 -32.82 77.32
CA ARG F 76 -15.46 -32.71 76.92
C ARG F 76 -15.22 -33.03 75.45
N ILE F 77 -15.68 -34.19 74.99
CA ILE F 77 -15.40 -34.59 73.60
C ILE F 77 -16.10 -33.67 72.64
N GLN F 78 -17.33 -33.27 72.95
CA GLN F 78 -18.02 -32.36 72.05
C GLN F 78 -17.35 -30.99 72.04
N ASP F 79 -16.87 -30.52 73.20
CA ASP F 79 -16.08 -29.28 73.23
C ASP F 79 -14.91 -29.35 72.26
N LEU F 80 -14.22 -30.49 72.24
CA LEU F 80 -13.02 -30.62 71.41
C LEU F 80 -13.38 -30.68 69.92
N GLU F 81 -14.35 -31.51 69.56
CA GLU F 81 -14.87 -31.54 68.19
C GLU F 81 -15.23 -30.12 67.70
N LYS F 82 -15.97 -29.36 68.51
CA LYS F 82 -16.37 -28.02 68.10
C LYS F 82 -15.17 -27.09 67.95
N TYR F 83 -14.20 -27.20 68.88
CA TYR F 83 -13.02 -26.35 68.88
C TYR F 83 -12.14 -26.60 67.66
N VAL F 84 -11.97 -27.87 67.31
CA VAL F 84 -11.17 -28.27 66.16
C VAL F 84 -11.75 -27.67 64.88
N GLU F 85 -13.07 -27.77 64.72
CA GLU F 85 -13.69 -27.22 63.52
C GLU F 85 -13.62 -25.69 63.50
N ASP F 86 -13.88 -25.06 64.65
CA ASP F 86 -13.79 -23.60 64.70
C ASP F 86 -12.36 -23.12 64.44
N THR F 87 -11.37 -23.86 64.96
CA THR F 87 -9.98 -23.53 64.70
C THR F 87 -9.69 -23.58 63.21
N LYS F 88 -10.11 -24.66 62.56
CA LYS F 88 -9.90 -24.85 61.13
C LYS F 88 -10.56 -23.74 60.32
N ILE F 89 -11.82 -23.44 60.62
CA ILE F 89 -12.55 -22.43 59.85
C ILE F 89 -11.86 -21.09 59.98
N ASP F 90 -11.40 -20.74 61.18
CA ASP F 90 -10.75 -19.45 61.35
C ASP F 90 -9.44 -19.37 60.55
N LEU F 91 -8.70 -20.49 60.45
CA LEU F 91 -7.45 -20.45 59.71
C LEU F 91 -7.67 -20.37 58.20
N TRP F 92 -8.71 -21.06 57.70
CA TRP F 92 -9.02 -20.97 56.28
C TRP F 92 -9.59 -19.61 55.92
N SER F 93 -10.43 -19.05 56.79
CA SER F 93 -10.92 -17.70 56.55
C SER F 93 -9.78 -16.68 56.50
N TYR F 94 -8.77 -16.83 57.37
CA TYR F 94 -7.60 -15.97 57.31
C TYR F 94 -6.85 -16.17 55.99
N ASN F 95 -6.61 -17.42 55.58
CA ASN F 95 -5.93 -17.66 54.32
C ASN F 95 -6.65 -17.00 53.16
N ALA F 96 -7.99 -17.08 53.14
CA ALA F 96 -8.78 -16.55 52.04
C ALA F 96 -8.75 -15.02 52.02
N GLU F 97 -8.93 -14.39 53.16
CA GLU F 97 -8.83 -12.93 53.26
C GLU F 97 -7.46 -12.44 52.79
N LEU F 98 -6.37 -13.09 53.25
CA LEU F 98 -5.03 -12.66 52.90
C LEU F 98 -4.72 -12.90 51.43
N LEU F 99 -5.13 -14.06 50.90
CA LEU F 99 -4.90 -14.36 49.50
C LEU F 99 -5.50 -13.28 48.59
N VAL F 100 -6.76 -12.94 48.80
CA VAL F 100 -7.40 -11.91 47.99
C VAL F 100 -6.71 -10.55 48.15
N ALA F 101 -6.31 -10.21 49.38
CA ALA F 101 -5.65 -8.92 49.60
C ALA F 101 -4.32 -8.83 48.85
N LEU F 102 -3.49 -9.87 48.97
CA LEU F 102 -2.21 -9.92 48.28
C LEU F 102 -2.40 -9.94 46.77
N GLU F 103 -3.27 -10.82 46.29
CA GLU F 103 -3.47 -10.93 44.85
C GLU F 103 -3.94 -9.60 44.26
N ASN F 104 -4.91 -8.96 44.92
CA ASN F 104 -5.46 -7.71 44.39
C ASN F 104 -4.44 -6.59 44.42
N GLN F 105 -3.63 -6.54 45.48
CA GLN F 105 -2.52 -5.60 45.50
C GLN F 105 -1.60 -5.85 44.32
N HIS F 106 -1.31 -7.12 44.04
CA HIS F 106 -0.40 -7.48 42.95
C HIS F 106 -0.99 -7.24 41.57
N THR F 107 -2.29 -7.50 41.42
CA THR F 107 -2.96 -7.21 40.14
C THR F 107 -2.93 -5.71 39.83
N ILE F 108 -3.17 -4.87 40.83
CA ILE F 108 -3.13 -3.44 40.59
C ILE F 108 -1.73 -3.00 40.18
N ASP F 109 -0.70 -3.51 40.87
CA ASP F 109 0.66 -3.15 40.49
C ASP F 109 1.08 -3.71 39.12
N LEU F 110 0.72 -4.96 38.79
CA LEU F 110 1.19 -5.51 37.51
C LEU F 110 0.53 -4.80 36.34
N THR F 111 -0.74 -4.39 36.49
CA THR F 111 -1.39 -3.68 35.38
C THR F 111 -0.80 -2.28 35.23
N ASP F 112 -0.50 -1.61 36.35
CA ASP F 112 0.27 -0.37 36.33
C ASP F 112 1.61 -0.56 35.63
N SER F 113 2.32 -1.64 35.99
CA SER F 113 3.59 -1.96 35.36
C SER F 113 3.47 -2.10 33.85
N GLU F 114 2.46 -2.84 33.37
CA GLU F 114 2.33 -3.00 31.92
C GLU F 114 2.07 -1.66 31.22
N MET F 115 1.33 -0.75 31.87
CA MET F 115 1.14 0.57 31.29
C MET F 115 2.46 1.32 31.19
N ASN F 116 3.25 1.29 32.28
CA ASN F 116 4.56 1.90 32.29
C ASN F 116 5.47 1.29 31.23
N LYS F 117 5.43 -0.04 31.05
CA LYS F 117 6.35 -0.65 30.09
C LYS F 117 6.07 -0.17 28.66
N LEU F 118 4.80 -0.02 28.32
CA LEU F 118 4.44 0.43 26.98
C LEU F 118 4.87 1.88 26.77
N PHE F 119 4.67 2.71 27.79
CA PHE F 119 5.15 4.09 27.72
C PHE F 119 6.65 4.11 27.47
N GLU F 120 7.41 3.31 28.23
CA GLU F 120 8.87 3.33 28.11
C GLU F 120 9.32 2.77 26.77
N LYS F 121 8.61 1.76 26.26
CA LYS F 121 8.92 1.22 24.94
C LYS F 121 8.73 2.27 23.85
N THR F 122 7.67 3.07 23.98
CA THR F 122 7.41 4.14 23.01
C THR F 122 8.44 5.24 23.09
N ARG F 123 8.76 5.67 24.31
CA ARG F 123 9.81 6.66 24.53
C ARG F 123 11.11 6.24 23.87
N ARG F 124 11.47 4.97 24.05
CA ARG F 124 12.73 4.51 23.48
C ARG F 124 12.70 4.55 21.96
N GLN F 125 11.59 4.16 21.34
CA GLN F 125 11.50 4.23 19.88
C GLN F 125 11.76 5.64 19.38
N LEU F 126 11.13 6.65 20.01
CA LEU F 126 11.14 8.01 19.51
C LEU F 126 12.51 8.68 19.60
N ARG F 127 13.41 8.17 20.46
CA ARG F 127 14.79 8.69 20.53
C ARG F 127 14.81 10.21 20.72
N GLU F 128 15.49 10.97 19.85
CA GLU F 128 15.55 12.41 20.02
C GLU F 128 14.45 13.15 19.29
N ASN F 129 13.43 12.45 18.81
CA ASN F 129 12.44 13.12 17.96
C ASN F 129 11.20 13.59 18.71
N ALA F 130 11.10 13.32 20.01
CA ALA F 130 9.91 13.67 20.77
C ALA F 130 10.32 13.96 22.21
N GLU F 131 9.46 14.67 22.91
CA GLU F 131 9.67 14.96 24.32
C GLU F 131 8.44 14.53 25.11
N ASP F 132 8.68 14.05 26.33
CA ASP F 132 7.67 13.60 27.27
C ASP F 132 6.97 14.82 27.89
N MET F 133 5.69 14.97 27.63
CA MET F 133 4.98 16.13 28.16
C MET F 133 4.55 15.96 29.61
N GLY F 134 4.77 14.79 30.24
CA GLY F 134 4.52 14.62 31.66
C GLY F 134 3.15 14.06 32.04
N ASN F 135 2.27 13.87 31.06
CA ASN F 135 0.92 13.37 31.29
C ASN F 135 0.67 12.10 30.49
N GLY F 136 1.72 11.35 30.15
CA GLY F 136 1.57 10.20 29.29
C GLY F 136 1.61 10.50 27.81
N CYS F 137 1.83 11.74 27.40
CA CYS F 137 1.84 12.13 26.00
C CYS F 137 3.23 12.56 25.57
N PHE F 138 3.55 12.24 24.32
CA PHE F 138 4.77 12.68 23.68
C PHE F 138 4.42 13.77 22.68
N LYS F 139 5.15 14.87 22.73
CA LYS F 139 5.09 15.85 21.65
C LYS F 139 6.11 15.41 20.60
N ILE F 140 5.65 15.13 19.40
CA ILE F 140 6.52 14.66 18.33
C ILE F 140 6.86 15.87 17.46
N TYR F 141 8.16 16.16 17.29
CA TYR F 141 8.62 17.42 16.69
C TYR F 141 8.84 17.32 15.19
N HIS F 142 8.03 16.54 14.50
CA HIS F 142 8.13 16.43 13.04
C HIS F 142 6.77 16.01 12.51
N LYS F 143 6.56 16.27 11.22
CA LYS F 143 5.34 15.81 10.58
C LYS F 143 5.24 14.30 10.69
N CYS F 144 4.13 13.82 11.26
CA CYS F 144 3.97 12.39 11.54
C CYS F 144 2.53 12.03 11.15
N ASP F 145 2.35 11.66 9.88
CA ASP F 145 1.03 11.34 9.35
C ASP F 145 0.58 9.97 9.87
N ASN F 146 -0.54 9.47 9.33
CA ASN F 146 -1.15 8.27 9.90
C ASN F 146 -0.24 7.05 9.80
N ALA F 147 0.45 6.89 8.66
CA ALA F 147 1.37 5.77 8.48
C ALA F 147 2.55 5.84 9.45
N CYS F 148 3.09 7.05 9.64
CA CYS F 148 4.15 7.29 10.62
C CYS F 148 3.67 6.90 12.03
N ILE F 149 2.51 7.40 12.44
CA ILE F 149 1.94 7.00 13.73
C ILE F 149 1.78 5.49 13.78
N GLY F 150 1.26 4.89 12.70
CA GLY F 150 1.16 3.44 12.62
C GLY F 150 2.49 2.74 12.80
N SER F 151 3.56 3.29 12.23
CA SER F 151 4.89 2.72 12.38
C SER F 151 5.35 2.72 13.84
N ILE F 152 5.00 3.78 14.58
CA ILE F 152 5.30 3.80 16.02
C ILE F 152 4.50 2.71 16.74
N ARG F 153 3.21 2.58 16.40
CA ARG F 153 2.37 1.60 17.12
C ARG F 153 2.81 0.16 16.84
N ASN F 154 3.41 -0.13 15.68
CA ASN F 154 3.80 -1.51 15.40
C ASN F 154 5.31 -1.74 15.49
N GLY F 155 6.06 -0.80 16.09
CA GLY F 155 7.45 -1.01 16.39
C GLY F 155 8.42 -0.90 15.22
N THR F 156 8.01 -0.29 14.11
CA THR F 156 8.88 -0.16 12.95
C THR F 156 9.29 1.29 12.66
N TYR F 157 8.98 2.21 13.56
CA TYR F 157 9.35 3.60 13.36
C TYR F 157 10.87 3.72 13.25
N ASP F 158 11.33 4.43 12.22
CA ASP F 158 12.75 4.64 11.95
C ASP F 158 13.10 6.06 12.36
N HIS F 159 13.70 6.21 13.53
CA HIS F 159 13.93 7.56 14.02
C HIS F 159 14.88 8.35 13.13
N ASP F 160 15.81 7.68 12.43
CA ASP F 160 16.79 8.42 11.63
C ASP F 160 16.15 9.20 10.49
N VAL F 161 15.01 8.74 9.96
CA VAL F 161 14.32 9.41 8.85
C VAL F 161 13.92 10.83 9.23
N TYR F 162 13.55 11.04 10.49
CA TYR F 162 12.97 12.30 10.92
C TYR F 162 13.88 13.10 11.84
N ARG F 163 15.04 12.56 12.20
CA ARG F 163 15.86 13.17 13.25
C ARG F 163 16.24 14.60 12.92
N ASP F 164 16.74 14.84 11.70
CA ASP F 164 17.15 16.19 11.29
C ASP F 164 15.99 17.18 11.42
N GLU F 165 14.83 16.84 10.87
CA GLU F 165 13.65 17.67 11.04
C GLU F 165 13.30 17.88 12.52
N ALA F 166 13.28 16.79 13.31
CA ALA F 166 12.90 16.93 14.72
C ALA F 166 13.90 17.80 15.50
N LEU F 167 15.20 17.56 15.33
CA LEU F 167 16.17 18.34 16.10
C LEU F 167 16.06 19.83 15.78
N ASN F 168 15.86 20.15 14.51
CA ASN F 168 15.66 21.54 14.13
C ASN F 168 14.48 22.18 14.87
N ASN F 169 13.35 21.50 14.95
CA ASN F 169 12.21 22.04 15.66
C ASN F 169 12.41 22.07 17.17
N ARG F 170 13.12 21.09 17.72
CA ARG F 170 13.27 21.03 19.17
C ARG F 170 14.13 22.17 19.69
N PHE F 171 15.24 22.45 19.01
CA PHE F 171 16.25 23.36 19.51
C PHE F 171 16.21 24.69 18.73
N GLN F 172 15.05 25.34 18.87
CA GLN F 172 14.65 26.63 18.30
C GLN F 172 14.16 26.47 16.85
N PRO G 3 66.73 79.18 -83.35
CA PRO G 3 65.56 79.50 -84.17
C PRO G 3 64.63 78.29 -84.29
N GLY G 4 64.41 77.62 -83.18
CA GLY G 4 63.47 76.53 -83.12
C GLY G 4 63.08 76.23 -81.70
N ALA G 5 62.63 74.99 -81.48
CA ALA G 5 62.22 74.58 -80.15
C ALA G 5 62.37 73.07 -80.05
N THR G 6 62.30 72.57 -78.82
CA THR G 6 62.23 71.15 -78.54
C THR G 6 60.96 70.86 -77.74
N LEU G 7 60.30 69.74 -78.05
CA LEU G 7 59.09 69.31 -77.35
C LEU G 7 59.21 67.82 -77.05
N CYS G 8 59.35 67.49 -75.77
CA CYS G 8 59.58 66.12 -75.33
C CYS G 8 58.32 65.52 -74.71
N LEU G 9 57.99 64.29 -75.10
CA LEU G 9 56.86 63.57 -74.53
C LEU G 9 57.38 62.70 -73.38
N GLY G 10 56.58 62.58 -72.33
CA GLY G 10 57.09 61.75 -71.26
C GLY G 10 55.98 61.32 -70.33
N HIS G 11 56.38 60.67 -69.24
CA HIS G 11 55.45 60.11 -68.27
C HIS G 11 56.01 60.31 -66.88
N HIS G 12 55.14 60.17 -65.86
CA HIS G 12 55.61 60.39 -64.50
C HIS G 12 56.39 59.18 -63.97
N ALA G 13 56.99 59.36 -62.80
CA ALA G 13 57.60 58.30 -62.02
C ALA G 13 57.55 58.71 -60.56
N VAL G 14 57.73 57.73 -59.68
CA VAL G 14 57.69 57.95 -58.23
C VAL G 14 58.99 57.51 -57.60
N PRO G 15 59.40 58.09 -56.46
CA PRO G 15 60.59 57.61 -55.78
C PRO G 15 60.38 56.29 -55.04
N ASN G 16 59.15 55.90 -54.76
CA ASN G 16 58.84 54.76 -53.90
C ASN G 16 57.99 53.76 -54.69
N GLY G 17 58.56 53.18 -55.73
CA GLY G 17 57.84 52.22 -56.54
C GLY G 17 57.64 50.90 -55.83
N THR G 18 56.89 50.00 -56.47
CA THR G 18 56.53 48.76 -55.81
C THR G 18 56.51 47.60 -56.81
N LEU G 19 56.98 46.44 -56.36
CA LEU G 19 57.21 45.31 -57.26
C LEU G 19 55.94 44.49 -57.42
N VAL G 20 55.66 44.04 -58.65
CA VAL G 20 54.53 43.17 -58.94
C VAL G 20 54.96 42.05 -59.89
N LYS G 21 54.14 41.01 -59.94
CA LYS G 21 54.31 39.89 -60.85
C LYS G 21 53.51 40.10 -62.11
N THR G 22 54.09 39.69 -63.23
CA THR G 22 53.35 39.64 -64.50
C THR G 22 53.48 38.25 -65.09
N ILE G 23 52.94 38.07 -66.29
CA ILE G 23 53.13 36.86 -67.09
C ILE G 23 54.59 36.60 -67.41
N THR G 24 55.36 37.66 -67.68
CA THR G 24 56.74 37.55 -68.13
C THR G 24 57.80 37.88 -67.07
N ASN G 25 57.42 38.43 -65.91
CA ASN G 25 58.39 38.85 -64.88
C ASN G 25 57.90 38.53 -63.48
N ASP G 26 58.75 37.88 -62.68
CA ASP G 26 58.39 37.60 -61.29
C ASP G 26 58.33 38.86 -60.46
N GLN G 27 59.06 39.90 -60.86
CA GLN G 27 59.16 41.11 -60.04
C GLN G 27 59.50 42.27 -60.95
N ILE G 28 58.54 43.16 -61.19
CA ILE G 28 58.73 44.34 -62.01
C ILE G 28 58.13 45.53 -61.27
N GLU G 29 58.81 46.67 -61.32
CA GLU G 29 58.42 47.81 -60.49
C GLU G 29 57.40 48.68 -61.20
N VAL G 30 56.31 49.00 -60.51
CA VAL G 30 55.27 49.88 -61.05
C VAL G 30 55.10 51.04 -60.07
N THR G 31 54.39 52.09 -60.50
CA THR G 31 54.31 53.28 -59.64
C THR G 31 53.41 53.06 -58.43
N ASN G 32 52.51 52.09 -58.50
CA ASN G 32 51.52 51.94 -57.46
C ASN G 32 50.86 50.57 -57.60
N ALA G 33 50.39 50.03 -56.49
CA ALA G 33 49.73 48.73 -56.54
C ALA G 33 48.79 48.63 -55.35
N THR G 34 47.92 47.62 -55.37
CA THR G 34 46.98 47.43 -54.29
C THR G 34 46.90 45.94 -53.93
N GLU G 35 46.75 45.66 -52.64
CA GLU G 35 46.78 44.29 -52.13
C GLU G 35 45.43 43.63 -52.32
N LEU G 36 45.42 42.42 -52.89
CA LEU G 36 44.17 41.71 -53.11
C LEU G 36 43.90 40.62 -52.07
N VAL G 37 44.87 40.29 -51.21
CA VAL G 37 44.70 39.24 -50.20
C VAL G 37 44.58 39.89 -48.82
N GLN G 38 43.43 39.66 -48.17
CA GLN G 38 43.23 40.05 -46.78
C GLN G 38 43.96 39.05 -45.89
N SER G 39 44.97 39.53 -45.17
CA SER G 39 45.80 38.63 -44.38
C SER G 39 45.75 38.92 -42.89
N SER G 40 44.94 39.88 -42.45
CA SER G 40 44.88 40.24 -41.03
C SER G 40 43.44 40.24 -40.55
N SER G 41 43.28 40.05 -39.24
CA SER G 41 42.01 40.24 -38.55
C SER G 41 42.25 41.11 -37.33
N THR G 42 41.23 41.87 -36.92
CA THR G 42 41.31 42.51 -35.61
C THR G 42 41.31 41.51 -34.47
N GLY G 43 40.83 40.29 -34.70
CA GLY G 43 40.75 39.32 -33.63
C GLY G 43 39.45 39.30 -32.85
N ARG G 44 38.44 40.04 -33.29
CA ARG G 44 37.15 40.07 -32.62
C ARG G 44 36.05 39.75 -33.62
N ILE G 45 35.03 39.06 -33.14
CA ILE G 45 33.84 38.77 -33.95
C ILE G 45 32.86 39.91 -33.75
N CYS G 46 32.64 40.68 -34.79
CA CYS G 46 31.74 41.82 -34.71
C CYS G 46 30.30 41.31 -34.53
N ASP G 47 29.54 41.95 -33.64
CA ASP G 47 28.20 41.48 -33.32
C ASP G 47 27.11 42.02 -34.25
N SER G 48 27.47 42.76 -35.31
CA SER G 48 26.56 43.14 -36.38
C SER G 48 27.25 42.88 -37.72
N PRO G 49 26.50 42.67 -38.80
CA PRO G 49 25.03 42.61 -38.88
C PRO G 49 24.44 41.23 -38.59
N HIS G 50 25.24 40.23 -38.29
CA HIS G 50 24.71 38.89 -38.04
C HIS G 50 24.44 38.74 -36.55
N ARG G 51 23.36 38.04 -36.21
CA ARG G 51 23.06 37.76 -34.81
C ARG G 51 23.98 36.65 -34.31
N ILE G 52 24.90 37.01 -33.42
CA ILE G 52 25.89 36.08 -32.89
C ILE G 52 25.38 35.55 -31.55
N LEU G 53 25.40 34.23 -31.36
CA LEU G 53 25.05 33.61 -30.08
C LEU G 53 26.31 32.94 -29.54
N ASP G 54 26.85 33.47 -28.45
CA ASP G 54 28.05 32.92 -27.83
C ASP G 54 27.65 31.72 -26.99
N GLY G 55 28.17 30.54 -27.32
CA GLY G 55 27.78 29.36 -26.56
C GLY G 55 28.38 29.30 -25.16
N LYS G 56 29.45 30.05 -24.91
CA LYS G 56 30.14 30.07 -23.63
C LYS G 56 30.51 28.65 -23.23
N ASN G 57 29.97 28.13 -22.11
CA ASN G 57 30.30 26.79 -21.65
C ASN G 57 29.50 25.69 -22.33
N CYS G 58 28.64 26.01 -23.30
CA CYS G 58 27.69 25.06 -23.85
C CYS G 58 27.97 24.79 -25.33
N THR G 59 28.02 23.51 -25.68
CA THR G 59 27.88 23.12 -27.07
C THR G 59 26.44 23.31 -27.51
N LEU G 60 26.22 23.41 -28.82
CA LEU G 60 24.85 23.49 -29.32
C LEU G 60 24.04 22.26 -28.93
N ILE G 61 24.64 21.06 -28.99
CA ILE G 61 23.87 19.86 -28.69
C ILE G 61 23.42 19.87 -27.22
N ASP G 62 24.30 20.29 -26.30
CA ASP G 62 23.90 20.35 -24.89
C ASP G 62 22.83 21.42 -24.64
N ALA G 63 22.88 22.52 -25.39
CA ALA G 63 21.82 23.52 -25.33
C ALA G 63 20.52 22.98 -25.93
N LEU G 64 20.62 22.14 -26.96
CA LEU G 64 19.44 21.47 -27.52
C LEU G 64 18.79 20.54 -26.51
N LEU G 65 19.57 19.62 -25.93
CA LEU G 65 19.02 18.62 -25.02
C LEU G 65 18.52 19.27 -23.73
N GLY G 66 19.19 20.32 -23.27
CA GLY G 66 18.78 20.99 -22.05
C GLY G 66 19.57 20.60 -20.83
N ASP G 67 20.88 20.43 -21.02
CA ASP G 67 21.82 20.28 -19.91
C ASP G 67 21.64 21.47 -18.96
N PRO G 68 21.49 21.23 -17.64
CA PRO G 68 21.06 22.31 -16.73
C PRO G 68 21.85 23.62 -16.82
N HIS G 69 23.19 23.57 -16.94
CA HIS G 69 23.93 24.83 -17.03
C HIS G 69 23.76 25.52 -18.39
N CYS G 70 23.02 24.91 -19.31
CA CYS G 70 22.68 25.49 -20.61
C CYS G 70 21.23 25.98 -20.66
N ASP G 71 20.55 26.07 -19.52
CA ASP G 71 19.15 26.45 -19.50
C ASP G 71 18.93 27.86 -20.06
N GLY G 72 19.95 28.72 -19.97
CA GLY G 72 19.84 30.06 -20.51
C GLY G 72 19.70 30.12 -22.03
N PHE G 73 19.91 29.01 -22.73
CA PHE G 73 19.79 29.02 -24.19
C PHE G 73 18.43 28.54 -24.68
N GLN G 74 17.48 28.34 -23.76
CA GLN G 74 16.17 27.87 -24.16
C GLN G 74 15.55 28.82 -25.17
N ASN G 75 15.06 28.27 -26.27
CA ASN G 75 14.34 29.00 -27.32
C ASN G 75 15.18 30.10 -27.99
N GLU G 76 16.50 29.98 -27.94
CA GLU G 76 17.35 31.00 -28.53
C GLU G 76 17.40 30.87 -30.05
N LYS G 77 17.89 31.93 -30.69
CA LYS G 77 17.98 32.07 -32.13
C LYS G 77 19.33 32.67 -32.46
N TRP G 78 19.84 32.35 -33.64
CA TRP G 78 21.15 32.84 -34.05
C TRP G 78 21.23 32.83 -35.56
N ASP G 79 22.03 33.77 -36.09
CA ASP G 79 22.60 33.58 -37.42
C ASP G 79 23.87 32.75 -37.33
N LEU G 80 24.70 33.01 -36.32
CA LEU G 80 25.93 32.23 -36.14
C LEU G 80 26.06 31.85 -34.68
N PHE G 81 26.05 30.54 -34.41
CA PHE G 81 26.33 30.00 -33.08
C PHE G 81 27.83 29.78 -32.96
N VAL G 82 28.43 30.34 -31.90
CA VAL G 82 29.86 30.23 -31.67
C VAL G 82 30.12 29.23 -30.56
N GLU G 83 30.75 28.12 -30.89
CA GLU G 83 31.09 27.12 -29.88
C GLU G 83 32.51 27.36 -29.38
N ARG G 84 32.67 27.44 -28.06
CA ARG G 84 33.94 27.69 -27.40
C ARG G 84 34.63 26.39 -27.04
N SER G 85 35.97 26.41 -27.10
CA SER G 85 36.76 25.22 -26.81
C SER G 85 36.66 24.80 -25.34
N LYS G 86 36.26 25.71 -24.43
CA LYS G 86 36.10 25.39 -23.02
C LYS G 86 34.74 24.79 -22.69
N ALA G 87 33.85 24.61 -23.67
CA ALA G 87 32.55 24.04 -23.40
C ALA G 87 32.67 22.67 -22.73
N PHE G 88 31.68 22.31 -21.92
CA PHE G 88 31.69 21.03 -21.26
C PHE G 88 30.26 20.58 -20.98
N SER G 89 30.05 19.27 -21.02
CA SER G 89 28.80 18.65 -20.62
C SER G 89 28.80 18.42 -19.11
N ASN G 90 27.62 18.56 -18.50
CA ASN G 90 27.53 18.42 -17.05
C ASN G 90 26.20 17.76 -16.66
N CYS G 91 25.77 16.76 -17.44
CA CYS G 91 24.51 16.06 -17.17
C CYS G 91 24.74 14.56 -17.35
N TYR G 92 23.70 13.81 -17.70
CA TYR G 92 23.86 12.35 -17.84
C TYR G 92 24.81 12.05 -18.99
N PRO G 93 25.80 11.17 -18.81
CA PRO G 93 26.71 10.85 -19.92
C PRO G 93 25.94 10.26 -21.09
N TYR G 94 26.32 10.70 -22.30
CA TYR G 94 25.53 10.42 -23.48
C TYR G 94 26.40 10.34 -24.73
N ASP G 95 25.83 9.79 -25.78
CA ASP G 95 26.43 9.85 -27.11
C ASP G 95 25.34 10.05 -28.15
N VAL G 96 25.68 10.74 -29.23
CA VAL G 96 24.77 10.88 -30.36
C VAL G 96 25.36 10.11 -31.53
N PRO G 97 24.83 8.95 -31.90
CA PRO G 97 25.15 8.39 -33.24
C PRO G 97 24.90 9.44 -34.31
N ASP G 98 25.89 9.68 -35.16
CA ASP G 98 25.78 10.78 -36.13
C ASP G 98 25.59 12.13 -35.44
N TYR G 99 26.33 12.35 -34.35
CA TYR G 99 26.47 13.65 -33.71
C TYR G 99 26.64 14.79 -34.72
N ALA G 100 27.50 14.57 -35.73
CA ALA G 100 27.83 15.64 -36.66
C ALA G 100 26.62 16.09 -37.47
N SER G 101 25.77 15.14 -37.89
CA SER G 101 24.60 15.53 -38.69
C SER G 101 23.55 16.25 -37.84
N LEU G 102 23.36 15.83 -36.59
CA LEU G 102 22.40 16.53 -35.75
C LEU G 102 22.89 17.94 -35.45
N ARG G 103 24.17 18.10 -35.11
CA ARG G 103 24.76 19.42 -34.90
C ARG G 103 24.56 20.31 -36.14
N SER G 104 24.75 19.74 -37.33
CA SER G 104 24.66 20.50 -38.57
C SER G 104 23.23 20.95 -38.85
N LEU G 105 22.26 20.04 -38.68
CA LEU G 105 20.92 20.41 -39.09
C LEU G 105 20.28 21.39 -38.12
N VAL G 106 20.62 21.29 -36.83
CA VAL G 106 20.13 22.27 -35.87
C VAL G 106 20.81 23.62 -36.11
N ALA G 107 22.14 23.62 -36.30
CA ALA G 107 22.86 24.85 -36.59
C ALA G 107 22.27 25.55 -37.80
N SER G 108 21.98 24.79 -38.84
CA SER G 108 21.45 25.36 -40.07
C SER G 108 20.02 25.82 -39.91
N SER G 109 19.24 25.15 -39.05
CA SER G 109 17.89 25.61 -38.74
C SER G 109 17.90 26.97 -38.04
N GLY G 110 18.88 27.19 -37.17
CA GLY G 110 19.09 28.47 -36.52
C GLY G 110 18.19 28.83 -35.35
N THR G 111 17.54 27.85 -34.72
CA THR G 111 16.66 28.13 -33.61
C THR G 111 16.59 26.95 -32.66
N LEU G 112 16.41 27.26 -31.37
CA LEU G 112 16.10 26.24 -30.36
C LEU G 112 14.66 26.32 -29.89
N GLU G 113 13.80 26.96 -30.67
CA GLU G 113 12.41 27.15 -30.30
C GLU G 113 11.74 25.80 -30.09
N PHE G 114 11.22 25.58 -28.88
CA PHE G 114 10.72 24.30 -28.42
C PHE G 114 9.26 24.44 -28.01
N ILE G 115 8.41 23.55 -28.53
CA ILE G 115 6.99 23.53 -28.22
C ILE G 115 6.66 22.26 -27.45
N ASN G 116 6.20 22.42 -26.21
CA ASN G 116 5.79 21.26 -25.42
C ASN G 116 4.54 20.62 -26.03
N GLU G 117 4.52 19.30 -26.07
CA GLU G 117 3.33 18.56 -26.46
C GLU G 117 2.91 17.64 -25.32
N GLY G 118 1.62 17.31 -25.29
CA GLY G 118 1.10 16.47 -24.23
C GLY G 118 1.04 15.00 -24.60
N PHE G 119 2.19 14.33 -24.52
CA PHE G 119 2.22 12.88 -24.74
C PHE G 119 1.50 12.18 -23.60
N ASN G 120 0.76 11.12 -23.94
CA ASN G 120 -0.06 10.40 -22.97
C ASN G 120 0.77 9.27 -22.38
N TRP G 121 1.40 9.52 -21.23
CA TRP G 121 2.29 8.53 -20.60
C TRP G 121 1.60 7.81 -19.43
N THR G 122 0.42 7.23 -19.63
CA THR G 122 -0.19 6.46 -18.55
C THR G 122 0.52 5.14 -18.33
N GLY G 123 0.66 4.76 -17.06
CA GLY G 123 1.27 3.48 -16.71
C GLY G 123 2.73 3.53 -16.34
N VAL G 124 3.39 4.70 -16.47
CA VAL G 124 4.81 4.85 -16.15
C VAL G 124 5.01 6.10 -15.30
N THR G 125 6.15 6.15 -14.61
CA THR G 125 6.60 7.35 -13.91
C THR G 125 7.43 8.23 -14.83
N GLN G 126 7.20 9.54 -14.78
CA GLN G 126 7.90 10.50 -15.62
C GLN G 126 9.04 11.17 -14.87
N SER G 127 9.88 11.88 -15.63
CA SER G 127 10.85 12.82 -15.05
C SER G 127 11.84 12.15 -14.11
N GLY G 128 12.34 10.98 -14.49
CA GLY G 128 13.45 10.39 -13.75
C GLY G 128 14.68 11.29 -13.76
N GLY G 129 15.43 11.23 -12.67
CA GLY G 129 16.58 12.11 -12.49
C GLY G 129 17.82 11.34 -12.09
N SER G 130 18.93 12.07 -12.01
CA SER G 130 20.22 11.47 -11.68
C SER G 130 21.08 12.48 -10.95
N TYR G 131 21.98 11.98 -10.10
CA TYR G 131 22.94 12.84 -9.45
C TYR G 131 24.09 13.24 -10.38
N ALA G 132 24.16 12.62 -11.57
CA ALA G 132 25.05 13.13 -12.62
C ALA G 132 24.55 14.43 -13.22
N CYS G 133 23.29 14.78 -12.97
CA CYS G 133 22.66 15.91 -13.64
C CYS G 133 21.88 16.75 -12.62
N LYS G 134 22.60 17.33 -11.67
CA LYS G 134 21.98 18.10 -10.60
C LYS G 134 21.52 19.46 -11.11
N ARG G 135 20.36 19.88 -10.61
CA ARG G 135 19.79 21.20 -10.90
C ARG G 135 19.55 21.84 -9.54
N GLY G 136 20.53 22.60 -9.07
CA GLY G 136 20.56 22.97 -7.68
C GLY G 136 21.06 21.80 -6.88
N SER G 137 20.38 21.49 -5.79
CA SER G 137 20.68 20.31 -4.99
C SER G 137 19.86 19.09 -5.40
N ASP G 138 18.91 19.26 -6.31
CA ASP G 138 18.03 18.19 -6.72
C ASP G 138 18.63 17.40 -7.88
N ASN G 139 18.48 16.07 -7.81
CA ASN G 139 18.75 15.25 -8.98
C ASN G 139 17.81 15.63 -10.11
N SER G 140 18.34 15.68 -11.33
CA SER G 140 17.52 16.16 -12.45
C SER G 140 17.97 15.47 -13.73
N PHE G 141 17.66 16.09 -14.87
CA PHE G 141 17.81 15.44 -16.16
C PHE G 141 17.71 16.52 -17.24
N PHE G 142 18.05 16.14 -18.48
CA PHE G 142 17.89 17.03 -19.63
C PHE G 142 16.49 17.63 -19.66
N SER G 143 16.43 18.97 -19.78
CA SER G 143 15.13 19.66 -19.65
C SER G 143 14.17 19.33 -20.79
N ARG G 144 14.66 18.95 -21.97
CA ARG G 144 13.79 18.62 -23.08
C ARG G 144 13.48 17.14 -23.21
N LEU G 145 14.06 16.29 -22.35
CA LEU G 145 13.86 14.86 -22.41
C LEU G 145 13.13 14.38 -21.16
N ASN G 146 12.39 13.28 -21.31
CA ASN G 146 11.50 12.78 -20.25
C ASN G 146 11.84 11.33 -19.98
N TRP G 147 12.53 11.08 -18.86
CA TRP G 147 13.00 9.74 -18.49
C TRP G 147 11.86 8.96 -17.86
N LEU G 148 11.27 8.05 -18.61
CA LEU G 148 10.17 7.22 -18.11
C LEU G 148 10.68 5.94 -17.46
N TYR G 149 10.05 5.55 -16.36
CA TYR G 149 10.38 4.29 -15.70
C TYR G 149 9.13 3.74 -15.03
N GLU G 150 9.28 2.57 -14.42
CA GLU G 150 8.14 1.79 -13.95
C GLU G 150 7.27 2.56 -12.96
N SER G 151 5.98 2.23 -12.93
CA SER G 151 5.04 2.76 -11.96
C SER G 151 4.38 1.58 -11.25
N GLU G 152 4.51 1.53 -9.93
CA GLU G 152 4.01 0.41 -9.12
C GLU G 152 4.53 -0.92 -9.65
N SER G 153 5.83 -0.93 -9.95
CA SER G 153 6.54 -2.13 -10.43
C SER G 153 5.96 -2.66 -11.74
N LYS G 154 5.33 -1.81 -12.55
CA LYS G 154 4.88 -2.19 -13.89
C LYS G 154 5.43 -1.23 -14.94
N TYR G 155 5.72 -1.77 -16.13
CA TYR G 155 6.07 -0.97 -17.30
C TYR G 155 5.35 -1.55 -18.52
N PRO G 156 4.17 -1.03 -18.83
CA PRO G 156 3.40 -1.54 -19.97
C PRO G 156 4.06 -1.19 -21.31
N VAL G 157 3.60 -1.88 -22.36
CA VAL G 157 4.06 -1.58 -23.71
C VAL G 157 3.49 -0.23 -24.12
N LEU G 158 4.36 0.78 -24.22
CA LEU G 158 3.91 2.13 -24.50
C LEU G 158 3.69 2.28 -25.99
N ASN G 159 2.61 2.98 -26.35
CA ASN G 159 2.21 3.10 -27.75
C ASN G 159 1.46 4.43 -27.89
N VAL G 160 2.24 5.49 -28.18
CA VAL G 160 1.76 6.87 -28.12
C VAL G 160 1.94 7.53 -29.49
N THR G 161 1.00 8.40 -29.83
CA THR G 161 0.97 9.03 -31.14
C THR G 161 0.92 10.54 -30.99
N MET G 162 1.41 11.24 -32.03
CA MET G 162 1.45 12.70 -32.07
C MET G 162 1.43 13.14 -33.53
N PRO G 163 0.26 13.55 -34.04
CA PRO G 163 0.18 13.98 -35.44
C PRO G 163 0.77 15.36 -35.63
N ASN G 164 1.23 15.62 -36.84
CA ASN G 164 1.65 16.96 -37.26
C ASN G 164 0.51 17.55 -38.07
N ASN G 165 -0.37 18.28 -37.40
CA ASN G 165 -1.49 18.94 -38.05
C ASN G 165 -1.19 20.39 -38.39
N GLY G 166 0.02 20.86 -38.14
CA GLY G 166 0.44 22.17 -38.57
C GLY G 166 0.88 22.14 -40.02
N ASN G 167 1.54 23.23 -40.42
CA ASN G 167 2.07 23.37 -41.76
C ASN G 167 3.59 23.54 -41.78
N PHE G 168 4.27 23.18 -40.70
CA PHE G 168 5.72 23.24 -40.62
C PHE G 168 6.25 21.91 -40.08
N ASP G 169 7.53 21.67 -40.31
CA ASP G 169 8.22 20.46 -39.87
C ASP G 169 8.52 20.50 -38.38
N LYS G 170 8.46 19.33 -37.76
CA LYS G 170 8.79 19.17 -36.34
C LYS G 170 10.03 18.30 -36.20
N LEU G 171 10.97 18.75 -35.37
CA LEU G 171 12.14 17.96 -35.02
C LEU G 171 11.96 17.37 -33.63
N TYR G 172 11.96 16.04 -33.56
CA TYR G 172 11.87 15.32 -32.28
C TYR G 172 13.22 14.76 -31.90
N ILE G 173 13.65 15.04 -30.67
CA ILE G 173 14.88 14.50 -30.11
C ILE G 173 14.45 13.53 -29.02
N TRP G 174 14.91 12.28 -29.12
CA TRP G 174 14.56 11.26 -28.15
C TRP G 174 15.81 10.43 -27.86
N GLY G 175 15.67 9.45 -26.99
CA GLY G 175 16.83 8.70 -26.58
C GLY G 175 16.50 7.32 -26.07
N VAL G 176 17.57 6.60 -25.71
CA VAL G 176 17.48 5.24 -25.18
C VAL G 176 18.44 5.18 -23.99
N HIS G 177 17.98 4.61 -22.88
CA HIS G 177 18.82 4.44 -21.71
C HIS G 177 19.52 3.08 -21.75
N HIS G 178 20.85 3.10 -21.64
CA HIS G 178 21.65 1.89 -21.47
C HIS G 178 22.00 1.73 -19.99
N PRO G 179 21.33 0.86 -19.24
CA PRO G 179 21.73 0.64 -17.85
C PRO G 179 23.08 -0.05 -17.76
N SER G 180 23.80 0.20 -16.67
CA SER G 180 25.07 -0.48 -16.44
C SER G 180 24.90 -1.92 -15.94
N THR G 181 23.77 -2.28 -15.34
CA THR G 181 23.60 -3.63 -14.79
C THR G 181 22.19 -4.14 -15.02
N ASP G 182 22.04 -5.47 -14.92
CA ASP G 182 20.73 -6.09 -15.05
C ASP G 182 19.81 -5.70 -13.91
N LYS G 183 20.36 -5.49 -12.71
CA LYS G 183 19.55 -5.04 -11.59
C LYS G 183 18.92 -3.69 -11.87
N GLU G 184 19.70 -2.77 -12.47
CA GLU G 184 19.13 -1.49 -12.91
C GLU G 184 18.02 -1.71 -13.93
N GLN G 185 18.30 -2.52 -14.96
CA GLN G 185 17.31 -2.78 -16.01
C GLN G 185 15.96 -3.20 -15.42
N THR G 186 15.96 -4.22 -14.56
CA THR G 186 14.69 -4.72 -14.04
C THR G 186 14.09 -3.77 -13.02
N ASN G 187 14.92 -3.12 -12.20
CA ASN G 187 14.40 -2.14 -11.25
C ASN G 187 13.71 -0.98 -11.95
N LEU G 188 14.15 -0.63 -13.16
CA LEU G 188 13.58 0.50 -13.89
C LEU G 188 12.49 0.08 -14.87
N TYR G 189 12.69 -1.00 -15.62
CA TYR G 189 11.81 -1.37 -16.72
C TYR G 189 11.18 -2.76 -16.57
N VAL G 190 11.38 -3.43 -15.43
CA VAL G 190 10.79 -4.73 -15.10
C VAL G 190 11.31 -5.84 -16.01
N ARG G 191 11.17 -5.63 -17.32
CA ARG G 191 11.59 -6.61 -18.32
C ARG G 191 13.11 -6.73 -18.37
N ALA G 192 13.57 -7.90 -18.82
CA ALA G 192 15.01 -8.15 -18.87
C ALA G 192 15.72 -7.32 -19.93
N SER G 193 14.98 -6.79 -20.90
CA SER G 193 15.56 -5.91 -21.91
C SER G 193 14.46 -5.04 -22.49
N GLY G 194 14.86 -3.89 -23.01
CA GLY G 194 13.95 -2.93 -23.56
C GLY G 194 13.98 -2.90 -25.09
N ARG G 195 13.16 -2.00 -25.62
CA ARG G 195 13.14 -1.73 -27.06
C ARG G 195 12.45 -0.39 -27.27
N VAL G 196 13.02 0.41 -28.17
CA VAL G 196 12.44 1.70 -28.54
C VAL G 196 12.32 1.75 -30.05
N THR G 197 11.08 1.90 -30.54
CA THR G 197 10.80 2.05 -31.96
C THR G 197 10.07 3.38 -32.17
N VAL G 198 10.66 4.25 -32.99
CA VAL G 198 10.07 5.54 -33.34
C VAL G 198 9.88 5.55 -34.86
N SER G 199 8.65 5.80 -35.29
CA SER G 199 8.33 5.63 -36.70
C SER G 199 7.41 6.73 -37.19
N THR G 200 7.38 6.89 -38.52
CA THR G 200 6.44 7.74 -39.23
C THR G 200 5.79 6.89 -40.32
N LYS G 201 4.97 7.51 -41.18
CA LYS G 201 4.39 6.77 -42.30
C LYS G 201 5.47 6.17 -43.20
N ARG G 202 6.58 6.89 -43.42
CA ARG G 202 7.57 6.45 -44.39
C ARG G 202 8.93 6.09 -43.79
N SER G 203 9.15 6.31 -42.49
CA SER G 203 10.43 6.01 -41.88
C SER G 203 10.20 5.28 -40.57
N GLN G 204 11.23 4.59 -40.12
CA GLN G 204 11.19 3.93 -38.83
C GLN G 204 12.61 3.78 -38.32
N GLN G 205 12.74 3.76 -36.99
CA GLN G 205 13.99 3.47 -36.31
C GLN G 205 13.68 2.62 -35.08
N THR G 206 14.45 1.56 -34.88
CA THR G 206 14.35 0.73 -33.68
C THR G 206 15.74 0.59 -33.08
N ILE G 207 15.83 0.89 -31.79
CA ILE G 207 17.08 0.80 -31.04
C ILE G 207 16.88 -0.20 -29.91
N ILE G 208 17.81 -1.12 -29.77
CA ILE G 208 17.82 -2.08 -28.66
C ILE G 208 18.89 -1.62 -27.66
N PRO G 209 18.55 -1.37 -26.40
CA PRO G 209 19.57 -0.98 -25.42
C PRO G 209 20.56 -2.12 -25.18
N ASN G 210 21.75 -1.75 -24.70
CA ASN G 210 22.78 -2.72 -24.36
C ASN G 210 23.22 -2.48 -22.93
N ILE G 211 23.10 -3.51 -22.09
CA ILE G 211 23.42 -3.45 -20.66
C ILE G 211 24.88 -3.81 -20.45
N GLY G 212 25.55 -3.05 -19.60
CA GLY G 212 26.96 -3.30 -19.34
C GLY G 212 27.64 -2.04 -18.82
N SER G 213 28.88 -2.21 -18.39
CA SER G 213 29.63 -1.09 -17.85
C SER G 213 30.33 -0.32 -18.97
N ARG G 214 30.16 1.00 -18.96
CA ARG G 214 30.98 1.96 -19.69
C ARG G 214 31.86 2.70 -18.70
N PRO G 215 32.95 3.32 -19.14
CA PRO G 215 33.82 4.03 -18.19
C PRO G 215 33.04 5.05 -17.37
N TRP G 216 33.41 5.15 -16.10
CA TRP G 216 32.82 6.11 -15.17
C TRP G 216 32.93 7.52 -15.72
N VAL G 217 31.79 8.20 -15.87
CA VAL G 217 31.74 9.60 -16.28
C VAL G 217 30.70 10.30 -15.43
N ARG G 218 31.12 11.36 -14.74
CA ARG G 218 30.22 12.21 -13.92
C ARG G 218 29.34 11.36 -12.99
N GLY G 219 29.87 10.25 -12.50
CA GLY G 219 29.20 9.44 -11.50
C GLY G 219 28.65 8.11 -11.99
N LEU G 220 28.69 7.84 -13.30
CA LEU G 220 27.89 6.76 -13.86
C LEU G 220 28.68 5.92 -14.85
N SER G 221 28.36 4.63 -14.89
CA SER G 221 28.81 3.71 -15.91
C SER G 221 27.75 3.42 -16.95
N SER G 222 26.54 3.91 -16.75
CA SER G 222 25.48 3.81 -17.74
C SER G 222 25.56 5.01 -18.69
N ARG G 223 24.72 4.98 -19.73
CA ARG G 223 24.74 5.96 -20.81
C ARG G 223 23.32 6.20 -21.32
N ILE G 224 23.14 7.31 -22.02
CA ILE G 224 21.99 7.44 -22.91
C ILE G 224 22.53 7.70 -24.32
N SER G 225 21.77 7.25 -25.30
CA SER G 225 22.08 7.47 -26.72
C SER G 225 20.93 8.29 -27.31
N ILE G 226 21.28 9.31 -28.09
CA ILE G 226 20.37 10.34 -28.59
C ILE G 226 20.11 10.10 -30.06
N TYR G 227 18.86 10.21 -30.45
CA TYR G 227 18.39 10.01 -31.81
C TYR G 227 17.44 11.13 -32.16
N TRP G 228 17.09 11.25 -33.44
CA TRP G 228 16.21 12.33 -33.87
C TRP G 228 15.31 11.85 -34.98
N THR G 229 14.17 12.52 -35.12
CA THR G 229 13.16 12.16 -36.12
C THR G 229 12.47 13.44 -36.56
N ILE G 230 12.28 13.59 -37.86
CA ILE G 230 11.62 14.75 -38.44
C ILE G 230 10.24 14.31 -38.90
N VAL G 231 9.21 15.07 -38.53
CA VAL G 231 7.83 14.77 -38.87
C VAL G 231 7.32 15.93 -39.73
N LYS G 232 7.04 15.65 -41.00
CA LYS G 232 6.55 16.64 -41.95
C LYS G 232 5.05 16.83 -41.77
N PRO G 233 4.50 17.95 -42.27
CA PRO G 233 3.05 18.17 -42.16
C PRO G 233 2.27 17.02 -42.80
N GLY G 234 1.18 16.64 -42.16
CA GLY G 234 0.40 15.51 -42.60
C GLY G 234 0.91 14.17 -42.12
N ASP G 235 2.19 14.08 -41.74
CA ASP G 235 2.75 12.85 -41.21
C ASP G 235 2.41 12.74 -39.72
N ILE G 236 2.87 11.66 -39.07
CA ILE G 236 2.50 11.43 -37.68
C ILE G 236 3.60 10.65 -36.98
N LEU G 237 3.96 11.10 -35.78
CA LEU G 237 4.95 10.41 -34.96
C LEU G 237 4.27 9.30 -34.17
N LEU G 238 4.92 8.14 -34.09
CA LEU G 238 4.48 7.04 -33.25
C LEU G 238 5.68 6.53 -32.47
N ILE G 239 5.57 6.50 -31.15
CA ILE G 239 6.60 6.00 -30.27
C ILE G 239 6.07 4.74 -29.61
N ASN G 240 6.78 3.63 -29.79
CA ASN G 240 6.41 2.32 -29.26
C ASN G 240 7.60 1.78 -28.48
N SER G 241 7.42 1.55 -27.18
CA SER G 241 8.50 1.07 -26.33
C SER G 241 7.99 0.14 -25.25
N ASN G 242 8.79 -0.88 -24.94
CA ASN G 242 8.55 -1.73 -23.77
C ASN G 242 9.65 -1.57 -22.72
N GLY G 243 10.35 -0.45 -22.71
CA GLY G 243 11.36 -0.14 -21.72
C GLY G 243 12.50 0.65 -22.34
N ASN G 244 13.18 1.44 -21.49
CA ASN G 244 14.41 2.18 -21.78
C ASN G 244 14.22 3.40 -22.67
N LEU G 245 12.98 3.83 -22.87
CA LEU G 245 12.69 5.01 -23.68
C LEU G 245 12.99 6.29 -22.91
N ILE G 246 13.81 7.16 -23.51
CA ILE G 246 13.97 8.54 -23.08
C ILE G 246 13.12 9.38 -24.02
N ALA G 247 11.97 9.83 -23.52
CA ALA G 247 10.93 10.35 -24.39
C ALA G 247 11.13 11.84 -24.65
N PRO G 248 10.65 12.34 -25.78
CA PRO G 248 10.63 13.79 -25.99
C PRO G 248 9.48 14.45 -25.26
N ARG G 249 9.71 15.69 -24.84
CA ARG G 249 8.64 16.47 -24.23
C ARG G 249 7.86 17.28 -25.25
N GLY G 250 8.24 17.20 -26.52
CA GLY G 250 7.69 18.07 -27.55
C GLY G 250 8.64 18.09 -28.75
N TYR G 251 8.53 19.17 -29.53
CA TYR G 251 9.33 19.29 -30.75
C TYR G 251 10.02 20.65 -30.84
N PHE G 252 11.10 20.65 -31.61
CA PHE G 252 11.79 21.87 -32.02
C PHE G 252 11.29 22.28 -33.40
N LYS G 253 11.03 23.57 -33.54
CA LYS G 253 10.62 24.14 -34.82
C LYS G 253 11.84 24.18 -35.74
N ILE G 254 11.75 23.58 -36.91
CA ILE G 254 12.85 23.60 -37.88
C ILE G 254 12.60 24.72 -38.87
N ARG G 255 13.66 25.43 -39.21
CA ARG G 255 13.59 26.48 -40.20
C ARG G 255 14.63 26.23 -41.27
N THR G 256 14.42 26.87 -42.42
CA THR G 256 15.43 26.99 -43.45
C THR G 256 15.91 28.43 -43.48
N GLY G 257 17.20 28.63 -43.68
CA GLY G 257 17.73 29.97 -43.70
C GLY G 257 19.23 29.96 -43.68
N LYS G 258 19.80 31.09 -43.23
CA LYS G 258 21.21 31.37 -43.40
C LYS G 258 22.04 31.04 -42.17
N SER G 259 21.51 30.26 -41.22
CA SER G 259 22.21 30.13 -39.95
C SER G 259 23.29 29.07 -40.03
N SER G 260 24.26 29.16 -39.13
CA SER G 260 25.32 28.17 -39.11
C SER G 260 25.97 28.15 -37.73
N ILE G 261 27.12 27.49 -37.64
CA ILE G 261 27.82 27.27 -36.39
C ILE G 261 29.30 27.34 -36.70
N MET G 262 30.08 27.89 -35.76
CA MET G 262 31.52 28.03 -35.93
C MET G 262 32.21 27.76 -34.59
N ARG G 263 33.26 26.96 -34.63
CA ARG G 263 34.17 26.81 -33.49
C ARG G 263 35.17 27.97 -33.50
N SER G 264 35.21 28.74 -32.41
CA SER G 264 36.14 29.86 -32.29
C SER G 264 36.24 30.27 -30.83
N ASP G 265 37.43 30.69 -30.40
CA ASP G 265 37.62 31.32 -29.10
C ASP G 265 37.79 32.83 -29.20
N ALA G 266 37.57 33.41 -30.37
CA ALA G 266 37.69 34.86 -30.53
C ALA G 266 36.59 35.57 -29.73
N PRO G 267 36.91 36.66 -29.07
CA PRO G 267 35.88 37.41 -28.34
C PRO G 267 34.99 38.21 -29.27
N ILE G 268 33.77 38.46 -28.78
CA ILE G 268 32.74 39.14 -29.55
C ILE G 268 32.79 40.62 -29.20
N GLY G 269 32.73 41.48 -30.22
CA GLY G 269 32.85 42.90 -29.96
C GLY G 269 31.73 43.69 -30.60
N THR G 270 31.62 44.97 -30.22
CA THR G 270 30.59 45.86 -30.75
C THR G 270 31.18 46.57 -31.95
N CYS G 271 30.96 46.00 -33.12
CA CYS G 271 31.38 46.54 -34.41
C CYS G 271 30.53 45.85 -35.46
N SER G 272 30.68 46.30 -36.71
CA SER G 272 29.95 45.72 -37.81
C SER G 272 30.95 45.12 -38.81
N SER G 273 30.67 43.90 -39.25
CA SER G 273 31.54 43.26 -40.25
C SER G 273 30.77 42.13 -40.92
N GLU G 274 30.75 42.13 -42.25
CA GLU G 274 29.97 41.12 -42.95
C GLU G 274 30.64 39.74 -42.90
N CYS G 275 31.96 39.67 -42.78
CA CYS G 275 32.67 38.41 -42.90
C CYS G 275 33.21 37.98 -41.55
N ILE G 276 32.92 36.74 -41.17
CA ILE G 276 33.38 36.17 -39.90
C ILE G 276 34.27 34.96 -40.19
N THR G 277 35.43 34.91 -39.52
CA THR G 277 36.28 33.73 -39.49
C THR G 277 36.53 33.34 -38.03
N PRO G 278 37.06 32.14 -37.76
CA PRO G 278 37.39 31.79 -36.37
C PRO G 278 38.42 32.70 -35.74
N ASN G 279 39.23 33.37 -36.55
CA ASN G 279 40.22 34.30 -36.04
C ASN G 279 39.62 35.62 -35.62
N GLY G 280 38.35 35.86 -35.93
CA GLY G 280 37.76 37.18 -35.86
C GLY G 280 37.15 37.59 -37.20
N SER G 281 36.36 38.65 -37.15
CA SER G 281 35.85 39.24 -38.39
C SER G 281 37.00 39.80 -39.24
N ILE G 282 36.81 39.79 -40.56
CA ILE G 282 37.79 40.38 -41.47
C ILE G 282 37.09 41.34 -42.43
N PRO G 283 37.78 42.37 -42.92
CA PRO G 283 37.19 43.20 -43.97
C PRO G 283 36.98 42.39 -45.25
N ASN G 284 35.96 42.78 -46.02
CA ASN G 284 35.68 42.13 -47.30
C ASN G 284 35.83 43.09 -48.49
N ASP G 285 36.68 44.11 -48.37
CA ASP G 285 36.94 44.94 -49.54
C ASP G 285 37.90 44.28 -50.54
N LYS G 286 38.63 43.22 -50.16
CA LYS G 286 39.53 42.58 -51.10
C LYS G 286 38.90 41.29 -51.63
N PRO G 287 39.22 40.83 -52.84
CA PRO G 287 38.56 39.62 -53.37
C PRO G 287 39.04 38.32 -52.72
N PHE G 288 40.25 38.29 -52.13
CA PHE G 288 40.83 37.06 -51.60
C PHE G 288 41.25 37.27 -50.15
N GLN G 289 41.45 36.17 -49.44
CA GLN G 289 41.84 36.23 -48.04
C GLN G 289 42.65 34.98 -47.71
N ASN G 290 43.56 35.15 -46.76
CA ASN G 290 44.47 34.09 -46.32
C ASN G 290 44.33 33.84 -44.83
N VAL G 291 43.24 34.34 -44.23
CA VAL G 291 43.08 34.28 -42.78
C VAL G 291 42.59 32.90 -42.34
N ASN G 292 41.55 32.37 -42.99
CA ASN G 292 41.02 31.05 -42.62
C ASN G 292 40.09 30.47 -43.68
N LYS G 293 40.27 29.21 -44.04
CA LYS G 293 39.32 28.60 -44.96
C LYS G 293 37.91 28.50 -44.37
N ILE G 294 37.75 28.59 -43.05
CA ILE G 294 36.43 28.60 -42.43
C ILE G 294 35.93 30.04 -42.35
N THR G 295 34.77 30.31 -42.97
CA THR G 295 34.23 31.66 -42.98
C THR G 295 32.71 31.58 -42.96
N TYR G 296 32.11 32.71 -42.65
CA TYR G 296 30.66 32.88 -42.65
C TYR G 296 30.34 34.30 -43.09
N GLY G 297 29.42 34.43 -44.04
CA GLY G 297 28.96 35.72 -44.51
C GLY G 297 29.50 36.06 -45.88
N ALA G 298 29.46 37.37 -46.19
CA ALA G 298 29.99 37.89 -47.46
C ALA G 298 31.50 38.05 -47.33
N CYS G 299 32.25 37.08 -47.84
CA CYS G 299 33.66 36.96 -47.52
C CYS G 299 34.52 36.92 -48.78
N PRO G 300 35.75 37.42 -48.71
CA PRO G 300 36.73 37.08 -49.75
C PRO G 300 36.92 35.58 -49.85
N LYS G 301 37.29 35.14 -51.03
CA LYS G 301 37.59 33.74 -51.24
C LYS G 301 38.94 33.40 -50.62
N TYR G 302 39.00 32.25 -49.96
CA TYR G 302 40.25 31.81 -49.35
C TYR G 302 41.25 31.31 -50.40
N VAL G 303 42.51 31.73 -50.25
CA VAL G 303 43.59 31.28 -51.11
C VAL G 303 44.82 30.99 -50.25
N LYS G 304 45.78 30.27 -50.85
CA LYS G 304 47.02 29.91 -50.15
C LYS G 304 48.03 31.07 -50.06
N GLN G 305 47.98 32.03 -50.99
CA GLN G 305 48.96 33.10 -51.00
C GLN G 305 48.70 34.10 -49.88
N ASN G 306 49.76 34.61 -49.27
CA ASN G 306 49.53 35.65 -48.27
C ASN G 306 49.56 37.06 -48.85
N THR G 307 49.92 37.22 -50.12
CA THR G 307 49.98 38.53 -50.76
C THR G 307 49.87 38.37 -52.28
N LEU G 308 49.09 39.26 -52.90
CA LEU G 308 48.98 39.35 -54.35
C LEU G 308 48.73 40.80 -54.72
N LYS G 309 49.73 41.42 -55.33
CA LYS G 309 49.68 42.85 -55.62
C LYS G 309 49.20 43.07 -57.03
N LEU G 310 48.11 43.84 -57.17
CA LEU G 310 47.58 44.26 -58.46
C LEU G 310 48.13 45.64 -58.82
N ALA G 311 48.84 45.73 -59.94
CA ALA G 311 49.34 47.03 -60.38
C ALA G 311 48.19 48.02 -60.58
N THR G 312 48.37 49.23 -60.09
CA THR G 312 47.42 50.30 -60.35
C THR G 312 48.11 51.48 -61.01
N GLY G 313 49.23 51.22 -61.68
CA GLY G 313 49.99 52.28 -62.30
C GLY G 313 50.98 51.71 -63.30
N MET G 314 51.54 52.60 -64.11
CA MET G 314 52.51 52.19 -65.13
C MET G 314 53.82 51.71 -64.51
N ARG G 315 54.66 51.10 -65.36
CA ARG G 315 56.05 50.84 -65.02
C ARG G 315 56.73 52.06 -64.44
N ASN G 316 57.46 51.85 -63.35
CA ASN G 316 58.21 52.95 -62.69
C ASN G 316 59.65 52.97 -63.23
N VAL G 317 59.99 54.02 -63.96
CA VAL G 317 61.33 54.13 -64.60
C VAL G 317 61.99 55.34 -63.97
N PRO G 318 62.62 55.17 -62.80
CA PRO G 318 63.21 56.28 -62.08
C PRO G 318 64.32 57.03 -62.84
N GLU G 319 64.49 58.30 -62.47
CA GLU G 319 65.67 59.15 -62.80
C GLU G 319 65.92 59.16 -64.30
N GLY H 1 55.21 47.56 -72.20
CA GLY H 1 56.49 47.20 -72.80
C GLY H 1 56.30 46.93 -74.27
N ILE H 2 55.09 46.51 -74.65
CA ILE H 2 54.90 45.99 -75.99
C ILE H 2 54.94 47.09 -77.06
N PHE H 3 54.67 48.35 -76.72
CA PHE H 3 54.84 49.44 -77.69
C PHE H 3 56.22 50.05 -77.66
N GLY H 4 56.97 49.84 -76.59
CA GLY H 4 58.35 50.27 -76.57
C GLY H 4 58.56 51.73 -76.22
N ALA H 5 57.53 52.43 -75.73
CA ALA H 5 57.67 53.83 -75.30
C ALA H 5 58.17 53.91 -73.86
N ILE H 6 57.35 53.51 -72.90
CA ILE H 6 57.78 53.52 -71.50
C ILE H 6 58.84 52.45 -71.31
N ALA H 7 59.95 52.82 -70.66
CA ALA H 7 61.10 51.92 -70.53
C ALA H 7 61.63 51.49 -71.89
N GLY H 8 61.50 52.38 -72.87
CA GLY H 8 61.87 52.11 -74.25
C GLY H 8 62.50 53.32 -74.88
N PHE H 9 61.89 53.86 -75.94
CA PHE H 9 62.52 55.03 -76.53
C PHE H 9 62.39 56.25 -75.64
N ILE H 10 61.46 56.25 -74.68
CA ILE H 10 61.48 57.24 -73.61
C ILE H 10 62.33 56.69 -72.47
N GLU H 11 63.49 57.31 -72.26
CA GLU H 11 64.54 56.72 -71.43
C GLU H 11 64.11 56.54 -69.97
N ASN H 12 63.39 57.51 -69.40
CA ASN H 12 62.97 57.39 -68.01
C ASN H 12 61.79 58.32 -67.74
N GLY H 13 61.11 58.04 -66.61
CA GLY H 13 59.99 58.86 -66.18
C GLY H 13 60.44 60.15 -65.52
N TRP H 14 59.46 61.00 -65.22
CA TRP H 14 59.70 62.31 -64.63
C TRP H 14 59.12 62.31 -63.24
N GLU H 15 59.97 62.17 -62.23
CA GLU H 15 59.49 62.24 -60.85
C GLU H 15 58.92 63.63 -60.55
N GLY H 16 59.44 64.66 -61.23
CA GLY H 16 58.95 66.02 -61.05
C GLY H 16 57.59 66.31 -61.65
N MET H 17 57.01 65.41 -62.43
CA MET H 17 55.65 65.60 -62.95
C MET H 17 54.67 64.98 -61.95
N VAL H 18 54.04 65.82 -61.14
CA VAL H 18 53.19 65.32 -60.06
C VAL H 18 51.71 65.57 -60.31
N ASP H 19 51.35 66.25 -61.40
CA ASP H 19 49.93 66.55 -61.62
C ASP H 19 49.32 65.76 -62.80
N GLY H 20 49.98 64.68 -63.20
CA GLY H 20 49.51 63.87 -64.32
C GLY H 20 50.43 62.68 -64.54
N TRP H 21 49.93 61.74 -65.34
CA TRP H 21 50.71 60.56 -65.67
C TRP H 21 51.52 60.75 -66.94
N TYR H 22 51.01 61.57 -67.86
CA TYR H 22 51.68 61.84 -69.13
C TYR H 22 51.72 63.35 -69.34
N GLY H 23 52.66 63.80 -70.15
CA GLY H 23 52.70 65.21 -70.51
C GLY H 23 53.88 65.59 -71.39
N PHE H 24 54.19 66.88 -71.33
CA PHE H 24 55.08 67.55 -72.26
C PHE H 24 56.11 68.37 -71.49
N ARG H 25 57.36 68.29 -71.92
CA ARG H 25 58.39 69.24 -71.56
C ARG H 25 58.88 69.93 -72.84
N HIS H 26 59.24 71.21 -72.73
CA HIS H 26 59.61 71.97 -73.92
C HIS H 26 60.75 72.90 -73.58
N GLN H 27 61.53 73.23 -74.60
CA GLN H 27 62.54 74.27 -74.54
C GLN H 27 62.33 75.16 -75.77
N ASN H 28 62.13 76.45 -75.54
CA ASN H 28 61.99 77.40 -76.65
C ASN H 28 62.71 78.70 -76.29
N SER H 29 62.40 79.76 -77.06
CA SER H 29 63.08 81.04 -76.92
C SER H 29 62.77 81.69 -75.57
N GLU H 30 61.64 81.38 -74.96
CA GLU H 30 61.26 81.96 -73.70
C GLU H 30 61.65 81.11 -72.49
N GLY H 31 62.33 79.98 -72.67
CA GLY H 31 62.54 79.16 -71.49
C GLY H 31 62.16 77.70 -71.66
N THR H 32 61.89 77.03 -70.55
CA THR H 32 61.58 75.62 -70.52
C THR H 32 60.32 75.42 -69.71
N GLY H 33 59.62 74.33 -69.96
CA GLY H 33 58.38 74.16 -69.23
C GLY H 33 57.91 72.73 -69.25
N GLN H 34 56.95 72.46 -68.37
CA GLN H 34 56.39 71.13 -68.20
C GLN H 34 54.88 71.28 -68.02
N ALA H 35 54.10 70.41 -68.66
CA ALA H 35 52.66 70.44 -68.46
C ALA H 35 52.09 69.04 -68.67
N ALA H 36 51.22 68.64 -67.74
CA ALA H 36 50.60 67.32 -67.83
C ALA H 36 49.52 67.32 -68.91
N ASP H 37 49.36 66.16 -69.57
CA ASP H 37 48.25 65.96 -70.51
C ASP H 37 47.10 65.24 -69.79
N LEU H 38 45.98 65.94 -69.59
CA LEU H 38 44.94 65.38 -68.73
C LEU H 38 44.13 64.28 -69.42
N LYS H 39 43.99 64.32 -70.75
CA LYS H 39 43.15 63.33 -71.43
C LYS H 39 43.81 61.95 -71.43
N SER H 40 45.07 61.88 -71.88
CA SER H 40 45.79 60.61 -71.78
C SER H 40 45.84 60.12 -70.34
N THR H 41 46.12 61.01 -69.38
CA THR H 41 46.18 60.63 -67.98
C THR H 41 44.86 60.00 -67.53
N GLN H 42 43.74 60.59 -67.94
CA GLN H 42 42.43 60.12 -67.53
C GLN H 42 42.04 58.83 -68.24
N ALA H 43 42.53 58.65 -69.46
CA ALA H 43 42.21 57.42 -70.18
C ALA H 43 42.88 56.22 -69.51
N ALA H 44 44.14 56.36 -69.09
CA ALA H 44 44.78 55.25 -68.39
C ALA H 44 44.13 54.98 -67.04
N ILE H 45 43.86 56.05 -66.27
CA ILE H 45 43.24 55.93 -64.96
C ILE H 45 41.85 55.28 -65.07
N ASP H 46 41.07 55.66 -66.09
CA ASP H 46 39.72 55.10 -66.24
C ASP H 46 39.79 53.61 -66.54
N GLN H 47 40.80 53.18 -67.29
CA GLN H 47 40.93 51.77 -67.63
C GLN H 47 41.36 50.96 -66.41
N ILE H 48 42.26 51.54 -65.60
CA ILE H 48 42.75 50.84 -64.42
C ILE H 48 41.66 50.76 -63.37
N ASN H 49 40.86 51.83 -63.22
CA ASN H 49 39.69 51.78 -62.34
C ASN H 49 38.66 50.80 -62.86
N GLY H 50 38.49 50.71 -64.18
CA GLY H 50 37.61 49.69 -64.74
C GLY H 50 38.00 48.30 -64.29
N LYS H 51 39.27 47.96 -64.43
CA LYS H 51 39.66 46.61 -64.05
C LYS H 51 39.66 46.44 -62.54
N LEU H 52 39.92 47.50 -61.79
CA LEU H 52 39.87 47.38 -60.34
C LEU H 52 38.44 47.12 -59.87
N ASN H 53 37.47 47.80 -60.48
CA ASN H 53 36.07 47.63 -60.10
C ASN H 53 35.59 46.22 -60.38
N ARG H 54 36.15 45.58 -61.41
CA ARG H 54 35.73 44.22 -61.74
C ARG H 54 36.32 43.25 -60.77
N VAL H 55 37.61 43.44 -60.46
CA VAL H 55 38.29 42.50 -59.61
C VAL H 55 37.61 42.42 -58.26
N ILE H 56 36.79 43.42 -57.91
CA ILE H 56 36.03 43.43 -56.65
C ILE H 56 34.51 43.56 -56.86
N GLU H 57 33.97 43.05 -57.99
CA GLU H 57 32.62 43.41 -58.46
C GLU H 57 31.50 43.06 -57.50
N LYS H 58 31.48 41.83 -57.03
CA LYS H 58 30.52 41.47 -56.02
C LYS H 58 31.31 40.66 -55.01
N THR H 59 30.63 39.80 -54.30
CA THR H 59 31.26 38.94 -53.31
C THR H 59 30.33 37.80 -53.00
N ASN H 60 30.82 36.60 -53.27
CA ASN H 60 30.07 35.41 -52.96
C ASN H 60 29.67 35.47 -51.49
N GLU H 61 28.43 35.18 -51.23
CA GLU H 61 27.92 35.14 -49.88
C GLU H 61 27.65 33.69 -49.55
N LYS H 62 28.35 33.14 -48.54
CA LYS H 62 28.11 31.74 -48.16
C LYS H 62 27.75 31.62 -46.68
N PHE H 63 26.89 30.66 -46.38
CA PHE H 63 26.33 30.55 -45.03
C PHE H 63 26.73 29.21 -44.42
N HIS H 64 25.81 28.26 -44.26
CA HIS H 64 26.18 26.93 -43.77
C HIS H 64 26.93 26.15 -44.86
N GLN H 65 28.05 25.53 -44.47
CA GLN H 65 28.88 24.84 -45.45
C GLN H 65 29.19 23.42 -45.04
N ILE H 66 30.46 23.03 -45.15
CA ILE H 66 30.91 21.77 -44.59
C ILE H 66 31.90 22.08 -43.49
N GLU H 67 32.10 21.11 -42.61
CA GLU H 67 33.17 21.22 -41.62
C GLU H 67 34.52 21.07 -42.33
N LYS H 68 35.52 21.79 -41.83
CA LYS H 68 36.84 21.79 -42.46
C LYS H 68 37.98 21.51 -41.49
N GLU H 69 37.71 21.40 -40.19
CA GLU H 69 38.70 20.97 -39.20
C GLU H 69 38.06 19.86 -38.37
N PHE H 70 38.86 18.86 -37.94
CA PHE H 70 38.31 17.64 -37.33
C PHE H 70 39.13 17.22 -36.12
N SER H 71 38.47 16.92 -35.00
CA SER H 71 39.19 16.51 -33.79
C SER H 71 39.38 15.02 -33.69
N GLU H 72 38.69 14.26 -34.52
CA GLU H 72 38.73 12.81 -34.36
C GLU H 72 39.06 12.21 -35.71
N VAL H 73 39.83 11.13 -35.69
CA VAL H 73 40.11 10.33 -36.88
C VAL H 73 38.88 9.52 -37.27
N GLU H 74 38.47 9.62 -38.55
CA GLU H 74 37.21 8.99 -38.99
C GLU H 74 37.30 8.21 -40.30
N GLY H 75 38.21 8.57 -41.19
CA GLY H 75 38.43 7.80 -42.41
C GLY H 75 37.69 8.36 -43.62
N ARG H 76 36.90 7.50 -44.29
CA ARG H 76 36.45 7.72 -45.67
C ARG H 76 35.71 9.03 -45.89
N ILE H 77 34.70 9.32 -45.07
CA ILE H 77 33.92 10.52 -45.27
C ILE H 77 34.76 11.75 -44.97
N GLN H 78 35.58 11.73 -43.93
CA GLN H 78 36.46 12.89 -43.62
C GLN H 78 37.49 13.09 -44.74
N ASP H 79 38.00 12.00 -45.28
CA ASP H 79 38.97 12.08 -46.42
C ASP H 79 38.32 12.89 -47.55
N LEU H 80 37.06 12.59 -47.86
CA LEU H 80 36.35 13.29 -48.95
C LEU H 80 36.15 14.76 -48.57
N GLU H 81 35.67 15.00 -47.35
CA GLU H 81 35.45 16.38 -46.96
C GLU H 81 36.73 17.20 -47.08
N LYS H 82 37.88 16.61 -46.68
CA LYS H 82 39.14 17.35 -46.76
C LYS H 82 39.60 17.53 -48.21
N TYR H 83 39.36 16.52 -49.05
CA TYR H 83 39.79 16.55 -50.46
C TYR H 83 38.97 17.55 -51.26
N VAL H 84 37.68 17.66 -50.94
CA VAL H 84 36.79 18.63 -51.57
C VAL H 84 37.24 20.05 -51.26
N GLU H 85 37.63 20.29 -50.01
CA GLU H 85 38.08 21.62 -49.68
C GLU H 85 39.47 21.91 -50.25
N ASP H 86 40.37 20.93 -50.19
CA ASP H 86 41.72 21.19 -50.72
C ASP H 86 41.66 21.40 -52.23
N THR H 87 40.78 20.67 -52.91
CA THR H 87 40.58 20.84 -54.36
C THR H 87 40.09 22.25 -54.65
N LYS H 88 39.12 22.72 -53.87
CA LYS H 88 38.55 24.05 -54.04
C LYS H 88 39.60 25.14 -53.81
N ILE H 89 40.36 25.02 -52.72
CA ILE H 89 41.35 26.05 -52.41
C ILE H 89 42.41 26.13 -53.50
N ASP H 90 42.85 24.98 -54.02
CA ASP H 90 43.88 25.02 -55.05
C ASP H 90 43.38 25.65 -56.34
N LEU H 91 42.11 25.39 -56.71
CA LEU H 91 41.56 26.00 -57.93
C LEU H 91 41.40 27.51 -57.76
N TRP H 92 40.99 27.97 -56.58
CA TRP H 92 40.89 29.43 -56.38
C TRP H 92 42.27 30.08 -56.26
N SER H 93 43.24 29.40 -55.64
CA SER H 93 44.59 30.00 -55.58
C SER H 93 45.19 30.13 -56.96
N TYR H 94 44.94 29.14 -57.85
CA TYR H 94 45.36 29.23 -59.24
C TYR H 94 44.70 30.41 -59.94
N ASN H 95 43.38 30.52 -59.79
CA ASN H 95 42.66 31.67 -60.36
C ASN H 95 43.25 32.98 -59.88
N ALA H 96 43.51 33.10 -58.57
CA ALA H 96 43.94 34.39 -58.04
C ALA H 96 45.31 34.77 -58.61
N GLU H 97 46.23 33.81 -58.62
CA GLU H 97 47.57 34.01 -59.16
C GLU H 97 47.53 34.41 -60.64
N LEU H 98 46.80 33.63 -61.47
CA LEU H 98 46.71 33.93 -62.89
C LEU H 98 46.06 35.30 -63.12
N LEU H 99 45.02 35.62 -62.34
CA LEU H 99 44.33 36.88 -62.54
C LEU H 99 45.28 38.05 -62.37
N VAL H 100 46.13 38.02 -61.33
CA VAL H 100 47.01 39.15 -61.07
C VAL H 100 48.12 39.21 -62.12
N ALA H 101 48.63 38.05 -62.55
CA ALA H 101 49.65 37.99 -63.59
C ALA H 101 49.14 38.61 -64.89
N LEU H 102 47.94 38.21 -65.32
CA LEU H 102 47.34 38.70 -66.55
C LEU H 102 47.03 40.18 -66.47
N GLU H 103 46.35 40.61 -65.40
CA GLU H 103 45.97 42.00 -65.29
C GLU H 103 47.19 42.91 -65.26
N ASN H 104 48.24 42.51 -64.53
CA ASN H 104 49.44 43.33 -64.39
C ASN H 104 50.17 43.48 -65.73
N GLN H 105 50.28 42.39 -66.48
CA GLN H 105 50.83 42.47 -67.83
C GLN H 105 50.03 43.46 -68.67
N HIS H 106 48.71 43.36 -68.61
CA HIS H 106 47.85 44.23 -69.41
C HIS H 106 47.93 45.69 -68.96
N THR H 107 48.04 45.92 -67.65
CA THR H 107 48.23 47.28 -67.13
C THR H 107 49.51 47.93 -67.65
N ILE H 108 50.62 47.19 -67.58
CA ILE H 108 51.88 47.69 -68.13
C ILE H 108 51.73 48.00 -69.63
N ASP H 109 51.03 47.14 -70.37
CA ASP H 109 50.96 47.36 -71.83
C ASP H 109 49.98 48.48 -72.19
N LEU H 110 48.87 48.61 -71.47
CA LEU H 110 47.92 49.69 -71.73
C LEU H 110 48.52 51.03 -71.39
N THR H 111 49.30 51.13 -70.30
CA THR H 111 49.86 52.43 -69.96
C THR H 111 50.95 52.80 -70.95
N ASP H 112 51.71 51.80 -71.45
CA ASP H 112 52.66 52.00 -72.55
C ASP H 112 51.94 52.49 -73.80
N SER H 113 50.83 51.81 -74.15
CA SER H 113 49.98 52.24 -75.26
C SER H 113 49.57 53.71 -75.13
N GLU H 114 49.10 54.13 -73.94
CA GLU H 114 48.63 55.51 -73.82
C GLU H 114 49.76 56.50 -74.06
N MET H 115 50.98 56.17 -73.61
CA MET H 115 52.13 57.04 -73.91
C MET H 115 52.37 57.15 -75.41
N ASN H 116 52.43 55.98 -76.07
CA ASN H 116 52.62 55.94 -77.52
C ASN H 116 51.53 56.70 -78.24
N LYS H 117 50.27 56.56 -77.81
CA LYS H 117 49.20 57.24 -78.54
C LYS H 117 49.38 58.76 -78.46
N LEU H 118 49.78 59.27 -77.28
CA LEU H 118 50.01 60.70 -77.15
C LEU H 118 51.20 61.14 -78.01
N PHE H 119 52.29 60.35 -78.01
CA PHE H 119 53.40 60.65 -78.90
C PHE H 119 52.94 60.71 -80.35
N GLU H 120 52.15 59.73 -80.79
CA GLU H 120 51.76 59.69 -82.20
C GLU H 120 50.82 60.85 -82.55
N LYS H 121 49.90 61.17 -81.63
CA LYS H 121 49.01 62.30 -81.86
C LYS H 121 49.81 63.58 -82.06
N THR H 122 50.82 63.80 -81.23
CA THR H 122 51.66 64.98 -81.37
C THR H 122 52.43 64.98 -82.68
N ARG H 123 53.11 63.86 -83.02
CA ARG H 123 53.78 63.73 -84.31
C ARG H 123 52.87 64.15 -85.45
N ARG H 124 51.64 63.66 -85.43
CA ARG H 124 50.73 63.97 -86.54
C ARG H 124 50.42 65.45 -86.60
N GLN H 125 50.22 66.09 -85.45
CA GLN H 125 49.95 67.53 -85.47
C GLN H 125 51.05 68.29 -86.17
N LEU H 126 52.31 67.90 -85.94
CA LEU H 126 53.44 68.69 -86.37
C LEU H 126 53.72 68.58 -87.87
N ARG H 127 53.19 67.54 -88.54
CA ARG H 127 53.28 67.43 -90.00
C ARG H 127 54.73 67.53 -90.44
N GLU H 128 55.06 68.43 -91.35
CA GLU H 128 56.44 68.54 -91.84
C GLU H 128 57.28 69.54 -91.06
N ASN H 129 56.79 70.05 -89.91
CA ASN H 129 57.44 71.15 -89.20
C ASN H 129 58.42 70.72 -88.12
N ALA H 130 58.59 69.42 -87.91
CA ALA H 130 59.36 68.88 -86.80
C ALA H 130 59.85 67.49 -87.17
N GLU H 131 60.89 67.03 -86.50
CA GLU H 131 61.44 65.70 -86.72
C GLU H 131 61.59 64.97 -85.39
N ASP H 132 61.35 63.65 -85.44
CA ASP H 132 61.45 62.79 -84.28
C ASP H 132 62.92 62.57 -83.97
N MET H 133 63.37 63.03 -82.80
CA MET H 133 64.75 62.85 -82.38
C MET H 133 65.06 61.45 -81.86
N GLY H 134 64.07 60.58 -81.65
CA GLY H 134 64.37 59.19 -81.33
C GLY H 134 64.28 58.85 -79.85
N ASN H 135 64.14 59.87 -79.01
CA ASN H 135 64.04 59.77 -77.57
C ASN H 135 62.74 60.33 -77.02
N GLY H 136 61.67 60.29 -77.81
CA GLY H 136 60.45 60.90 -77.33
C GLY H 136 60.42 62.41 -77.45
N CYS H 137 61.40 63.02 -78.10
CA CYS H 137 61.40 64.46 -78.31
C CYS H 137 61.33 64.79 -79.79
N PHE H 138 60.68 65.91 -80.06
CA PHE H 138 60.57 66.49 -81.40
C PHE H 138 61.43 67.75 -81.48
N LYS H 139 62.23 67.85 -82.53
CA LYS H 139 62.94 69.09 -82.85
C LYS H 139 62.01 69.90 -83.74
N ILE H 140 61.57 71.05 -83.25
CA ILE H 140 60.66 71.92 -83.98
C ILE H 140 61.46 72.96 -84.74
N TYR H 141 61.31 72.99 -86.06
CA TYR H 141 62.18 73.76 -86.94
C TYR H 141 61.65 75.15 -87.25
N HIS H 142 60.98 75.76 -86.28
CA HIS H 142 60.54 77.15 -86.40
C HIS H 142 60.42 77.72 -85.00
N LYS H 143 60.41 79.05 -84.92
CA LYS H 143 60.17 79.72 -83.65
C LYS H 143 58.80 79.34 -83.12
N CYS H 144 58.77 78.89 -81.88
CA CYS H 144 57.56 78.33 -81.30
C CYS H 144 57.56 78.81 -79.85
N ASP H 145 56.98 79.98 -79.64
CA ASP H 145 56.94 80.56 -78.30
C ASP H 145 55.91 79.80 -77.44
N ASN H 146 55.67 80.32 -76.23
CA ASN H 146 54.88 79.60 -75.23
C ASN H 146 53.47 79.33 -75.74
N ALA H 147 52.84 80.34 -76.36
CA ALA H 147 51.50 80.16 -76.92
C ALA H 147 51.50 79.13 -78.05
N CYS H 148 52.58 79.08 -78.83
CA CYS H 148 52.68 78.07 -79.89
C CYS H 148 52.80 76.67 -79.29
N ILE H 149 53.65 76.52 -78.28
CA ILE H 149 53.74 75.24 -77.59
C ILE H 149 52.39 74.88 -76.98
N GLY H 150 51.76 75.86 -76.31
CA GLY H 150 50.42 75.67 -75.79
C GLY H 150 49.45 75.15 -76.84
N SER H 151 49.52 75.68 -78.06
CA SER H 151 48.61 75.26 -79.12
C SER H 151 48.88 73.82 -79.53
N ILE H 152 50.12 73.36 -79.40
CA ILE H 152 50.37 71.95 -79.66
C ILE H 152 49.77 71.09 -78.56
N ARG H 153 49.93 71.52 -77.29
CA ARG H 153 49.39 70.72 -76.19
C ARG H 153 47.86 70.60 -76.24
N ASN H 154 47.15 71.66 -76.66
CA ASN H 154 45.70 71.62 -76.62
C ASN H 154 45.09 71.32 -77.98
N GLY H 155 45.91 70.89 -78.95
CA GLY H 155 45.40 70.36 -80.20
C GLY H 155 44.96 71.38 -81.23
N THR H 156 45.36 72.64 -81.12
CA THR H 156 44.93 73.68 -82.04
C THR H 156 46.07 74.18 -82.94
N TYR H 157 47.23 73.53 -82.91
CA TYR H 157 48.38 73.98 -83.68
C TYR H 157 48.08 73.92 -85.17
N ASP H 158 48.34 75.02 -85.87
CA ASP H 158 48.03 75.14 -87.29
C ASP H 158 49.35 74.99 -88.04
N HIS H 159 49.57 73.82 -88.65
CA HIS H 159 50.90 73.58 -89.21
C HIS H 159 51.17 74.42 -90.46
N ASP H 160 50.12 74.90 -91.14
CA ASP H 160 50.32 75.71 -92.35
C ASP H 160 51.02 77.04 -92.05
N VAL H 161 50.66 77.67 -90.94
CA VAL H 161 51.26 78.91 -90.46
C VAL H 161 52.78 78.90 -90.49
N TYR H 162 53.39 77.79 -90.13
CA TYR H 162 54.83 77.70 -89.89
C TYR H 162 55.56 76.88 -90.93
N ARG H 163 54.84 76.29 -91.89
CA ARG H 163 55.42 75.30 -92.78
C ARG H 163 56.55 75.87 -93.64
N ASP H 164 56.42 77.12 -94.12
CA ASP H 164 57.45 77.72 -94.96
C ASP H 164 58.73 77.94 -94.14
N GLU H 165 58.58 78.50 -92.96
CA GLU H 165 59.73 78.66 -92.09
C GLU H 165 60.37 77.30 -91.76
N ALA H 166 59.56 76.28 -91.46
CA ALA H 166 60.12 75.02 -90.99
C ALA H 166 60.81 74.25 -92.11
N LEU H 167 60.20 74.19 -93.29
CA LEU H 167 60.82 73.53 -94.43
C LEU H 167 62.16 74.18 -94.78
N ASN H 168 62.20 75.51 -94.75
CA ASN H 168 63.45 76.22 -95.03
C ASN H 168 64.55 75.80 -94.06
N ASN H 169 64.25 75.74 -92.76
CA ASN H 169 65.27 75.31 -91.80
C ASN H 169 65.61 73.83 -91.91
N ARG H 170 64.64 72.96 -92.18
CA ARG H 170 64.94 71.51 -92.23
C ARG H 170 65.84 71.13 -93.39
N PHE H 171 65.57 71.68 -94.58
CA PHE H 171 66.19 71.22 -95.81
C PHE H 171 67.25 72.21 -96.27
N GLN H 172 68.06 72.61 -95.28
CA GLN H 172 69.26 73.48 -95.28
C GLN H 172 69.11 74.65 -94.28
C1 NAG I . -38.04 -62.60 37.36
C2 NAG I . -37.73 -61.86 38.65
C3 NAG I . -38.35 -60.48 38.59
C4 NAG I . -37.82 -59.75 37.36
C5 NAG I . -38.05 -60.60 36.10
C6 NAG I . -37.48 -59.99 34.84
C7 NAG I . -39.40 -63.07 40.04
C8 NAG I . -39.60 -63.82 41.32
N2 NAG I . -38.17 -62.59 39.84
O3 NAG I . -38.05 -59.75 39.79
O4 NAG I . -38.44 -58.47 37.20
O5 NAG I . -37.47 -61.90 36.26
O6 NAG I . -36.17 -60.46 34.53
O7 NAG I . -40.31 -62.91 39.23
C1 NAG I . -37.51 -57.45 37.60
C2 NAG I . -37.81 -56.14 36.85
C3 NAG I . -36.94 -54.99 37.40
C4 NAG I . -37.03 -54.91 38.92
C5 NAG I . -36.69 -56.26 39.52
C6 NAG I . -36.79 -56.30 41.03
C7 NAG I . -38.56 -56.49 34.53
C8 NAG I . -38.12 -56.65 33.11
N2 NAG I . -37.58 -56.30 35.42
O3 NAG I . -37.39 -53.76 36.84
O4 NAG I . -36.13 -53.93 39.42
O5 NAG I . -37.62 -57.24 39.02
O6 NAG I . -38.13 -56.13 41.48
O7 NAG I . -39.73 -56.55 34.86
C1 NAG J . -29.84 -47.12 16.21
C2 NAG J . -31.11 -47.92 15.91
C3 NAG J . -30.92 -48.83 14.68
C4 NAG J . -30.24 -48.09 13.53
C5 NAG J . -29.02 -47.33 14.04
C6 NAG J . -28.33 -46.48 13.00
C7 NAG J . -32.29 -48.26 18.05
C8 NAG J . -32.59 -49.23 19.16
N2 NAG J . -31.51 -48.71 17.07
O3 NAG J . -32.18 -49.32 14.25
O4 NAG J . -29.82 -49.03 12.54
O5 NAG J . -29.44 -46.44 15.08
O6 NAG J . -29.21 -45.47 12.50
O7 NAG J . -32.76 -47.12 18.05
C1 NAG J . -30.39 -48.70 11.24
C2 NAG J . -29.58 -49.40 10.15
C3 NAG J . -30.19 -49.13 8.78
C4 NAG J . -31.70 -49.34 8.76
C5 NAG J . -32.37 -48.68 9.97
C6 NAG J . -33.83 -49.02 10.13
C7 NAG J . -27.18 -49.75 10.57
C8 NAG J . -25.81 -49.12 10.52
N2 NAG J . -28.20 -48.97 10.18
O3 NAG J . -29.57 -49.97 7.82
O4 NAG J . -32.19 -48.72 7.57
O5 NAG J . -31.73 -49.10 11.18
O6 NAG J . -34.65 -47.96 9.65
O7 NAG J . -27.35 -50.90 10.95
C1 BMA J . -33.23 -49.42 6.86
C2 BMA J . -33.72 -48.47 5.72
C3 BMA J . -34.83 -49.15 4.92
C4 BMA J . -34.45 -50.59 4.50
C5 BMA J . -33.93 -51.40 5.73
C6 BMA J . -33.44 -52.78 5.36
O2 BMA J . -32.65 -48.18 4.80
O3 BMA J . -35.21 -48.38 3.77
O4 BMA J . -35.57 -51.27 3.94
O5 BMA J . -32.83 -50.69 6.35
O6 BMA J . -32.92 -53.38 6.53
C1 NAG K . 16.67 -20.92 6.49
C2 NAG K . 18.11 -20.78 6.03
C3 NAG K . 19.00 -21.76 6.80
C4 NAG K . 18.79 -21.62 8.30
C5 NAG K . 17.31 -21.62 8.68
C6 NAG K . 17.07 -21.24 10.13
C7 NAG K . 18.75 -20.05 3.79
C8 NAG K . 18.83 -20.40 2.33
N2 NAG K . 18.23 -20.98 4.59
O3 NAG K . 20.35 -21.52 6.46
O4 NAG K . 19.38 -22.75 8.94
O5 NAG K . 16.58 -20.68 7.88
O6 NAG K . 17.53 -19.92 10.41
O7 NAG K . 19.15 -18.97 4.22
C1 NAG K . 20.51 -22.41 9.74
C2 NAG K . 20.64 -23.51 10.78
C3 NAG K . 21.84 -23.25 11.67
C4 NAG K . 23.10 -23.10 10.83
C5 NAG K . 22.89 -22.04 9.75
C6 NAG K . 24.04 -21.96 8.78
C7 NAG K . 18.47 -24.53 11.35
C8 NAG K . 17.28 -24.48 12.25
N2 NAG K . 19.41 -23.61 11.57
O3 NAG K . 21.99 -24.33 12.59
O4 NAG K . 24.18 -22.65 11.65
O5 NAG K . 21.72 -22.35 8.97
O6 NAG K . 24.24 -20.62 8.35
O7 NAG K . 18.58 -25.38 10.47
C1 BMA K . 24.98 -23.77 12.11
C2 BMA K . 26.43 -23.27 12.22
C3 BMA K . 27.34 -24.31 12.92
C4 BMA K . 26.64 -25.10 14.07
C5 BMA K . 25.17 -25.42 13.80
C6 BMA K . 24.44 -25.95 15.03
O2 BMA K . 26.51 -22.08 13.00
O3 BMA K . 28.48 -23.66 13.43
O4 BMA K . 27.35 -26.31 14.34
O5 BMA K . 24.51 -24.24 13.36
O6 BMA K . 25.06 -25.36 16.17
C1 MAN K . 29.69 -24.14 12.80
C2 MAN K . 30.81 -23.82 13.79
C3 MAN K . 30.81 -22.31 14.03
C4 MAN K . 30.95 -21.54 12.70
C5 MAN K . 29.92 -22.02 11.67
C6 MAN K . 30.19 -21.48 10.27
O2 MAN K . 32.10 -24.13 13.23
O3 MAN K . 31.82 -21.92 14.95
O4 MAN K . 30.76 -20.15 12.94
O5 MAN K . 29.90 -23.47 11.58
O6 MAN K . 28.94 -21.18 9.68
C1 MAN K . 24.37 -25.79 17.37
C2 MAN K . 23.50 -24.61 17.87
C3 MAN K . 24.40 -23.50 18.47
C4 MAN K . 25.33 -24.08 19.53
C5 MAN K . 26.18 -25.21 18.91
C6 MAN K . 27.12 -25.88 19.91
O2 MAN K . 22.62 -25.02 18.92
O3 MAN K . 23.64 -22.43 19.01
O4 MAN K . 26.17 -23.05 20.05
O5 MAN K . 25.31 -26.23 18.35
O6 MAN K . 27.86 -26.89 19.22
C1 NAG L . -27.07 -23.44 12.53
C2 NAG L . -27.55 -22.32 13.48
C3 NAG L . -29.02 -21.96 13.20
C4 NAG L . -29.23 -21.66 11.72
C5 NAG L . -28.74 -22.84 10.89
C6 NAG L . -28.84 -22.62 9.40
C7 NAG L . -26.35 -22.33 15.63
C8 NAG L . -26.35 -22.84 17.04
N2 NAG L . -27.38 -22.71 14.87
O3 NAG L . -29.39 -20.84 13.99
O4 NAG L . -30.62 -21.46 11.44
O5 NAG L . -27.35 -23.07 11.17
O6 NAG L . -27.99 -21.56 8.97
O7 NAG L . -25.44 -21.63 15.19
C1 NAG L . -30.88 -20.17 10.85
C2 NAG L . -32.42 -20.06 10.65
C3 NAG L . -32.97 -18.60 10.62
C4 NAG L . -32.05 -17.53 11.23
C5 NAG L . -30.61 -17.89 11.03
C6 NAG L . -29.65 -16.92 11.68
C7 NAG L . -32.87 -22.08 9.31
C8 NAG L . -33.30 -22.59 7.97
N2 NAG L . -32.83 -20.75 9.44
O3 NAG L . -34.21 -18.58 11.32
O4 NAG L . -32.31 -16.29 10.60
O5 NAG L . -30.42 -19.16 11.65
O6 NAG L . -30.24 -15.63 11.81
O7 NAG L . -32.59 -22.84 10.24
C1 NAG M . -2.30 30.70 -8.29
C2 NAG M . -1.39 29.53 -7.89
C3 NAG M . -0.13 29.54 -8.74
C4 NAG M . -0.46 29.58 -10.23
C5 NAG M . -1.49 30.66 -10.57
C6 NAG M . -2.05 30.52 -11.96
C7 NAG M . -1.47 28.67 -5.60
C8 NAG M . -1.02 28.87 -4.18
N2 NAG M . -1.05 29.58 -6.48
O3 NAG M . 0.63 28.37 -8.46
O4 NAG M . 0.74 29.87 -10.96
O5 NAG M . -2.61 30.61 -9.68
O6 NAG M . -2.79 29.30 -12.07
O7 NAG M . -2.16 27.72 -5.93
C1 NAG M . 1.17 28.84 -11.86
C2 NAG M . 2.01 29.55 -12.96
C3 NAG M . 2.69 28.53 -13.88
C4 NAG M . 3.42 27.44 -13.08
C5 NAG M . 2.44 26.83 -12.09
C6 NAG M . 3.06 25.77 -11.21
C7 NAG M . 1.19 31.76 -13.65
C8 NAG M . 0.25 32.51 -14.55
N2 NAG M . 1.15 30.43 -13.73
O3 NAG M . 3.62 29.21 -14.71
O4 NAG M . 3.91 26.46 -13.99
O5 NAG M . 1.95 27.86 -11.21
O6 NAG M . 3.86 26.34 -10.18
O7 NAG M . 1.96 32.35 -12.88
C1 BMA M . 5.32 26.17 -13.79
C2 BMA M . 5.77 25.11 -14.86
C3 BMA M . 7.21 24.70 -14.58
C4 BMA M . 8.16 25.94 -14.38
C5 BMA M . 7.53 27.01 -13.45
C6 BMA M . 8.34 28.31 -13.38
O2 BMA M . 5.74 25.67 -16.16
O3 BMA M . 7.72 23.85 -15.61
O4 BMA M . 9.40 25.51 -13.84
O5 BMA M . 6.18 27.32 -13.88
O6 BMA M . 8.32 28.93 -14.68
C1 NAG N . 5.05 54.87 -20.45
C2 NAG N . 4.46 55.15 -19.05
C3 NAG N . 3.21 56.04 -19.16
C4 NAG N . 3.48 57.26 -20.03
C5 NAG N . 4.05 56.81 -21.37
C6 NAG N . 4.36 57.92 -22.35
C7 NAG N . 5.00 53.25 -17.56
C8 NAG N . 4.49 51.99 -16.93
N2 NAG N . 4.14 53.91 -18.36
O3 NAG N . 2.82 56.44 -17.85
O4 NAG N . 2.25 57.97 -20.25
O5 NAG N . 5.27 56.10 -21.13
O6 NAG N . 5.34 58.80 -21.83
O7 NAG N . 6.14 53.67 -17.36
C1 NAG N . 2.32 59.38 -19.91
C2 NAG N . 1.18 60.11 -20.65
C3 NAG N . 1.13 61.59 -20.22
C4 NAG N . 1.13 61.74 -18.72
C5 NAG N . 2.31 60.97 -18.13
C6 NAG N . 2.38 61.01 -16.62
C7 NAG N . 0.45 59.39 -22.88
C8 NAG N . 0.78 59.39 -24.34
N2 NAG N . 1.33 60.01 -22.08
O3 NAG N . -0.04 62.19 -20.78
O4 NAG N . 1.20 63.13 -18.38
O5 NAG N . 2.21 59.60 -18.50
O6 NAG N . 1.38 60.18 -16.03
O7 NAG N . -0.56 58.84 -22.43
C1 BMA N . 0.17 63.52 -17.45
C2 BMA N . 0.74 64.62 -16.55
C3 BMA N . -0.29 64.98 -15.47
C4 BMA N . -1.71 65.26 -16.05
C5 BMA N . -2.12 64.22 -17.14
C6 BMA N . -3.36 64.66 -17.93
O2 BMA N . 1.01 65.80 -17.30
O3 BMA N . 0.14 66.10 -14.68
O4 BMA N . -2.66 65.24 -15.00
O5 BMA N . -1.03 64.00 -18.08
O6 BMA N . -3.86 63.56 -18.70
C1 NAG O . 25.75 63.80 -29.67
C2 NAG O . 27.09 63.15 -29.45
C3 NAG O . 27.77 63.75 -28.20
C4 NAG O . 27.78 65.26 -28.24
C5 NAG O . 26.40 65.83 -28.59
C6 NAG O . 26.42 67.32 -28.86
C7 NAG O . 27.32 60.85 -30.26
C8 NAG O . 27.10 59.40 -29.94
N2 NAG O . 26.95 61.71 -29.31
O3 NAG O . 29.10 63.26 -28.11
O4 NAG O . 28.15 65.75 -26.95
O5 NAG O . 25.90 65.21 -29.77
O6 NAG O . 27.22 67.62 -30.00
O7 NAG O . 27.81 61.21 -31.32
C1 NAG O . 29.35 66.56 -27.06
C2 NAG O . 29.64 67.21 -25.72
C3 NAG O . 30.86 68.11 -25.85
C4 NAG O . 32.05 67.32 -26.38
C5 NAG O . 31.69 66.51 -27.64
C6 NAG O . 32.76 65.51 -28.00
C7 NAG O . 27.94 69.02 -25.71
C8 NAG O . 26.77 69.59 -24.96
N2 NAG O . 28.50 67.93 -25.17
O3 NAG O . 31.17 68.68 -24.58
O4 NAG O . 33.12 68.20 -26.71
O5 NAG O . 30.48 65.76 -27.47
O6 NAG O . 33.97 65.74 -27.29
O7 NAG O . 28.36 69.54 -26.74
C1 NAG P . -1.38 33.31 -0.26
C2 NAG P . -1.02 33.75 -1.69
C3 NAG P . -0.09 32.74 -2.36
C4 NAG P . 1.12 32.47 -1.48
C5 NAG P . 0.64 31.97 -0.12
C6 NAG P . 1.77 31.74 0.85
C7 NAG P . -2.88 35.09 -2.55
C8 NAG P . -4.13 35.09 -3.38
N2 NAG P . -2.24 33.92 -2.47
O3 NAG P . 0.37 33.28 -3.59
O4 NAG P . 1.97 31.52 -2.09
O5 NAG P . -0.17 33.00 0.47
O6 NAG P . 2.55 32.92 0.96
O7 NAG P . -2.47 36.11 -2.01
C1 FUC P . -0.25 32.64 -4.74
C2 FUC P . -0.34 33.70 -5.85
C3 FUC P . 1.06 34.08 -6.34
C4 FUC P . 1.81 32.83 -6.82
C5 FUC P . 1.82 31.75 -5.71
C6 FUC P . 2.40 30.41 -6.15
O2 FUC P . -1.07 34.87 -5.46
O3 FUC P . 0.94 34.98 -7.43
O4 FUC P . 1.22 32.33 -8.02
O5 FUC P . 0.47 31.50 -5.18
C1 NAG P . 3.25 32.15 -2.23
C2 NAG P . 4.25 31.07 -2.68
C3 NAG P . 5.62 31.69 -2.92
C4 NAG P . 5.51 32.89 -3.86
C5 NAG P . 4.46 33.88 -3.35
C6 NAG P . 4.19 35.01 -4.30
C7 NAG P . 3.75 28.80 -1.88
C8 NAG P . 3.92 27.83 -0.76
N2 NAG P . 4.32 30.00 -1.70
O3 NAG P . 6.50 30.71 -3.47
O4 NAG P . 6.77 33.54 -3.97
O5 NAG P . 3.22 33.20 -3.18
O6 NAG P . 3.37 36.00 -3.68
O7 NAG P . 3.13 28.53 -2.90
C1 FUC P . 3.85 32.66 1.52
C2 FUC P . 4.74 33.87 1.19
C3 FUC P . 4.21 35.11 1.89
C4 FUC P . 4.10 34.86 3.40
C5 FUC P . 3.24 33.60 3.65
C6 FUC P . 3.17 33.19 5.11
O2 FUC P . 4.89 34.09 -0.20
O3 FUC P . 5.09 36.22 1.68
O4 FUC P . 5.41 34.68 3.95
O5 FUC P . 3.74 32.46 2.90
C1 NAG Q . 16.49 63.08 -72.71
C2 NAG Q . 16.08 63.32 -74.16
C3 NAG Q . 15.10 62.25 -74.62
C4 NAG Q . 15.64 60.85 -74.32
C5 NAG Q . 16.11 60.74 -72.88
C6 NAG Q . 16.81 59.43 -72.60
C7 NAG Q . 16.08 65.60 -75.06
C8 NAG Q . 15.37 66.91 -75.10
N2 NAG Q . 15.51 64.64 -74.31
O3 NAG Q . 14.86 62.37 -76.02
O4 NAG Q . 14.60 59.90 -74.52
O5 NAG Q . 17.04 61.78 -72.58
O6 NAG Q . 18.01 59.34 -73.36
O7 NAG Q . 17.13 65.41 -75.66
C1 NAG Q . 14.93 59.02 -75.58
C2 NAG Q . 14.17 57.72 -75.37
C3 NAG Q . 14.41 56.77 -76.53
C4 NAG Q . 14.11 57.46 -77.86
C5 NAG Q . 14.89 58.77 -77.95
C6 NAG Q . 14.54 59.56 -79.19
C7 NAG Q . 13.79 57.21 -73.00
C8 NAG Q . 14.30 56.49 -71.78
N2 NAG Q . 14.53 57.09 -74.11
O3 NAG Q . 13.58 55.63 -76.36
O4 NAG Q . 14.49 56.65 -78.97
O5 NAG Q . 14.57 59.60 -76.83
O6 NAG Q . 13.14 59.62 -79.40
O7 NAG Q . 12.77 57.89 -72.97
C1 BMA Q . 13.37 55.87 -79.42
C2 BMA Q . 13.64 55.51 -80.88
C3 BMA Q . 12.64 54.45 -81.36
C4 BMA Q . 12.54 53.28 -80.35
C5 BMA Q . 12.16 53.84 -78.99
C6 BMA Q . 12.04 52.77 -77.92
O2 BMA Q . 14.95 54.96 -81.03
O3 BMA Q . 12.97 53.98 -82.65
O4 BMA Q . 11.55 52.34 -80.76
O5 BMA Q . 13.21 54.73 -78.59
O6 BMA Q . 11.93 51.53 -78.57
C1 MAN Q . 12.41 54.85 -83.65
C2 MAN Q . 11.94 53.96 -84.84
C3 MAN Q . 13.16 53.34 -85.50
C4 MAN Q . 14.18 54.44 -85.91
C5 MAN Q . 14.56 55.29 -84.66
C6 MAN Q . 15.47 56.45 -84.98
O2 MAN Q . 11.28 54.71 -85.87
O3 MAN Q . 12.81 52.54 -86.63
O4 MAN Q . 15.35 53.85 -86.47
O5 MAN Q . 13.35 55.83 -84.06
O6 MAN Q . 16.71 55.93 -85.45
C1 MAN Q . 12.26 50.47 -77.65
C2 MAN Q . 13.77 50.58 -77.29
C3 MAN Q . 14.64 50.29 -78.54
C4 MAN Q . 14.20 48.97 -79.22
C5 MAN Q . 12.68 48.96 -79.48
C6 MAN Q . 12.18 47.63 -80.05
O2 MAN Q . 14.14 49.59 -76.32
O3 MAN Q . 16.04 50.25 -78.22
O4 MAN Q . 14.88 48.80 -80.45
O5 MAN Q . 11.96 49.22 -78.23
O6 MAN Q . 10.78 47.74 -80.30
C1 NAG R . -16.94 -72.91 75.22
C2 NAG R . -16.21 -73.92 76.08
C3 NAG R . -14.72 -73.88 75.78
C4 NAG R . -14.46 -74.02 74.27
C5 NAG R . -15.33 -73.08 73.46
C6 NAG R . -15.28 -73.37 71.97
C7 NAG R . -17.05 -74.54 78.29
C8 NAG R . -17.23 -74.13 79.73
N2 NAG R . -16.45 -73.67 77.49
O3 NAG R . -14.07 -74.94 76.47
O4 NAG R . -13.10 -73.67 74.03
O5 NAG R . -16.71 -73.19 73.86
O6 NAG R . -15.77 -74.67 71.67
O7 NAG R . -17.45 -75.63 77.88
C1 NAG R . -12.33 -74.78 73.51
C2 NAG R . -11.21 -74.18 72.66
C3 NAG R . -10.35 -75.30 72.09
C4 NAG R . -9.86 -76.22 73.20
C5 NAG R . -11.01 -76.68 74.10
C6 NAG R . -10.56 -77.42 75.33
C7 NAG R . -11.81 -72.02 71.65
C8 NAG R . -12.42 -71.33 70.46
N2 NAG R . -11.76 -73.36 71.59
O3 NAG R . -9.23 -74.73 71.40
O4 NAG R . -9.28 -77.38 72.61
O5 NAG R . -11.76 -75.54 74.56
O6 NAG R . -11.62 -78.21 75.86
O7 NAG R . -11.38 -71.40 72.62
C1 BMA R . -7.91 -77.55 73.00
C2 BMA R . -7.68 -79.06 73.10
C3 BMA R . -6.24 -79.34 73.49
C4 BMA R . -5.22 -78.52 72.65
C5 BMA R . -5.66 -77.05 72.45
C6 BMA R . -4.83 -76.35 71.38
O2 BMA R . -7.90 -79.67 71.84
O3 BMA R . -5.97 -80.72 73.30
O4 BMA R . -3.95 -78.53 73.29
O5 BMA R . -7.04 -77.00 72.05
O6 BMA R . -5.57 -76.33 70.15
C1 MAN R . -5.84 -81.45 74.55
C2 MAN R . -4.42 -81.26 75.06
C3 MAN R . -3.43 -81.62 73.94
C4 MAN R . -3.77 -82.96 73.21
C5 MAN R . -5.31 -83.29 73.14
C6 MAN R . -5.58 -84.78 73.04
O2 MAN R . -4.14 -82.14 76.16
O3 MAN R . -2.08 -81.65 74.42
O4 MAN R . -3.29 -82.88 71.87
O5 MAN R . -6.05 -82.79 74.29
O6 MAN R . -6.89 -84.96 72.52
C1 MAN R . -5.13 -75.17 69.39
C2 MAN R . -6.11 -74.96 68.20
C3 MAN R . -5.98 -76.10 67.19
C4 MAN R . -4.52 -76.35 66.78
C5 MAN R . -3.61 -76.48 68.03
C6 MAN R . -2.13 -76.50 67.69
O2 MAN R . -5.80 -73.76 67.50
O3 MAN R . -6.77 -75.85 66.01
O4 MAN R . -4.45 -77.55 66.01
O5 MAN R . -3.81 -75.36 68.92
O6 MAN R . -1.79 -77.80 67.21
C1 NAG S . -16.17 -9.48 34.32
C2 NAG S . -16.05 -10.32 33.06
C3 NAG S . -17.37 -11.02 32.79
C4 NAG S . -17.77 -11.85 34.01
C5 NAG S . -17.78 -10.98 35.27
C6 NAG S . -18.07 -11.72 36.56
C7 NAG S . -16.16 -8.40 31.51
C8 NAG S . -15.54 -7.77 30.29
N2 NAG S . -15.61 -9.54 31.91
O3 NAG S . -17.25 -11.85 31.64
O4 NAG S . -19.05 -12.42 33.81
O5 NAG S . -16.50 -10.34 35.44
O6 NAG S . -16.96 -12.44 37.07
O7 NAG S . -17.11 -7.88 32.08
C1 NAG S . -18.94 -13.85 33.98
C2 NAG S . -20.33 -14.45 34.27
C3 NAG S . -20.37 -15.90 33.79
C4 NAG S . -20.29 -15.94 32.26
C5 NAG S . -19.19 -15.02 31.75
C6 NAG S . -19.70 -13.82 30.97
C7 NAG S . -21.40 -13.39 36.21
C8 NAG S . -21.61 -13.47 37.69
N2 NAG S . -20.65 -14.37 35.67
O3 NAG S . -21.57 -16.52 34.22
O4 NAG S . -20.02 -17.27 31.83
O5 NAG S . -18.33 -14.53 32.80
O6 NAG S . -19.95 -14.17 29.62
O7 NAG S . -21.89 -12.51 35.52
C1 NAG T . -27.50 -23.67 54.93
C2 NAG T . -27.94 -22.19 54.94
C3 NAG T . -27.62 -21.53 56.29
C4 NAG T . -28.06 -22.40 57.47
C5 NAG T . -27.55 -23.82 57.28
C6 NAG T . -27.99 -24.79 58.36
C7 NAG T . -27.79 -21.42 52.60
C8 NAG T . -27.00 -20.62 51.61
N2 NAG T . -27.29 -21.46 53.85
O3 NAG T . -28.27 -20.27 56.37
O4 NAG T . -27.52 -21.84 58.67
O5 NAG T . -28.04 -24.33 56.03
O6 NAG T . -29.41 -24.84 58.44
O7 NAG T . -28.82 -22.00 52.30
C1 NAG T . -28.52 -21.61 59.69
C2 NAG T . -27.80 -21.47 61.04
C3 NAG T . -28.79 -21.14 62.16
C4 NAG T . -29.66 -19.95 61.77
C5 NAG T . -30.31 -20.21 60.41
C6 NAG T . -31.15 -19.05 59.92
C7 NAG T . -25.75 -22.78 61.41
C8 NAG T . -25.18 -24.12 61.77
N2 NAG T . -27.07 -22.70 61.37
O3 NAG T . -28.08 -20.84 63.35
O4 NAG T . -30.66 -19.74 62.76
O5 NAG T . -29.30 -20.44 59.43
O6 NAG T . -30.47 -18.28 58.95
O7 NAG T . -25.02 -21.82 61.14
C1 NAG U . -42.88 -42.40 56.40
C2 NAG U . -43.55 -43.09 55.19
C3 NAG U . -44.88 -42.42 54.86
C4 NAG U . -45.77 -42.33 56.09
C5 NAG U . -45.02 -41.64 57.22
C6 NAG U . -45.81 -41.56 58.50
C7 NAG U . -42.05 -44.15 53.55
C8 NAG U . -41.19 -43.93 52.35
N2 NAG U . -42.67 -43.06 54.03
O3 NAG U . -45.54 -43.17 53.84
O4 NAG U . -46.94 -41.56 55.80
O5 NAG U . -43.81 -42.35 57.50
O6 NAG U . -45.00 -41.80 59.64
O7 NAG U . -42.18 -45.25 54.07
C1 NAG U . -48.13 -42.35 55.80
C2 NAG U . -49.35 -41.40 55.91
C3 NAG U . -50.67 -42.14 55.69
C4 NAG U . -50.62 -43.05 54.47
C5 NAG U . -49.42 -43.97 54.59
C6 NAG U . -49.27 -44.93 53.44
C7 NAG U . -48.68 -39.59 57.44
C8 NAG U . -48.80 -39.05 58.83
N2 NAG U . -49.35 -40.72 57.19
O3 NAG U . -51.71 -41.17 55.50
O4 NAG U . -51.81 -43.82 54.38
O5 NAG U . -48.24 -43.16 54.63
O6 NAG U . -49.72 -44.36 52.21
O7 NAG U . -47.99 -39.04 56.58
C1 NAG V . 31.63 28.63 -17.31
C2 NAG V . 30.92 29.65 -16.44
C3 NAG V . 31.90 30.20 -15.40
C4 NAG V . 32.54 29.08 -14.59
C5 NAG V . 33.13 28.01 -15.52
C6 NAG V . 33.54 26.75 -14.79
C7 NAG V . 29.07 30.85 -17.52
C8 NAG V . 28.69 32.02 -18.37
N2 NAG V . 30.38 30.73 -17.24
O3 NAG V . 31.21 31.09 -14.52
O4 NAG V . 33.58 29.62 -13.79
O5 NAG V . 32.16 27.59 -16.50
O6 NAG V . 32.43 26.15 -14.14
O7 NAG V . 28.24 30.04 -17.10
C1 NAG V . 33.51 29.23 -12.40
C2 NAG V . 34.80 29.66 -11.71
C3 NAG V . 34.76 29.28 -10.22
C4 NAG V . 33.50 29.84 -9.57
C5 NAG V . 32.26 29.43 -10.36
C6 NAG V . 31.00 30.08 -9.85
C7 NAG V . 36.26 27.77 -12.39
C8 NAG V . 37.53 27.40 -13.11
N2 NAG V . 35.99 29.08 -12.35
O3 NAG V . 35.92 29.80 -9.58
O4 NAG V . 33.39 29.36 -8.23
O5 NAG V . 32.39 29.82 -11.74
O6 NAG V . 31.07 31.50 -9.92
O7 NAG V . 35.54 26.92 -11.87
C1 NAG W . 47.30 53.70 -55.58
C2 NAG W . 46.82 55.13 -55.41
C3 NAG W . 45.62 55.18 -54.47
C4 NAG W . 44.53 54.20 -54.91
C5 NAG W . 45.09 52.81 -55.21
C6 NAG W . 44.09 51.92 -55.92
C7 NAG W . 48.40 57.00 -55.62
C8 NAG W . 49.50 57.78 -54.96
N2 NAG W . 47.89 55.98 -54.91
O3 NAG W . 45.10 56.50 -54.46
O4 NAG W . 43.60 54.05 -53.83
O5 NAG W . 46.23 52.89 -56.08
O6 NAG W . 43.69 52.50 -57.16
O7 NAG W . 47.99 57.28 -56.74
C1 NAG W . 42.28 54.52 -54.14
C2 NAG W . 41.30 53.77 -53.21
C3 NAG W . 39.88 54.33 -53.32
C4 NAG W . 39.86 55.85 -53.21
C5 NAG W . 40.84 56.44 -54.21
C6 NAG W . 40.93 57.95 -54.14
C7 NAG W . 41.95 51.44 -52.79
C8 NAG W . 41.84 50.01 -53.27
N2 NAG W . 41.31 52.35 -53.51
O3 NAG W . 39.07 53.77 -52.29
O4 NAG W . 38.55 56.34 -53.46
O5 NAG W . 42.15 55.93 -53.93
O6 NAG W . 41.66 58.39 -53.00
O7 NAG W . 42.61 51.74 -51.80
C1 NAG X . 43.84 32.06 -38.05
C2 NAG X . 45.34 32.39 -38.17
C3 NAG X . 46.13 31.19 -38.71
C4 NAG X . 45.77 29.90 -37.97
C5 NAG X . 44.25 29.74 -37.96
C6 NAG X . 43.77 28.50 -37.24
C7 NAG X . 45.58 34.82 -38.56
C8 NAG X . 45.82 35.89 -39.59
N2 NAG X . 45.56 33.55 -39.01
O3 NAG X . 47.52 31.46 -38.60
O4 NAG X . 46.35 28.79 -38.64
O5 NAG X . 43.66 30.86 -37.30
O6 NAG X . 44.23 28.47 -35.90
O7 NAG X . 45.43 35.08 -37.37
C1 NAG X . 47.28 28.02 -37.84
C2 NAG X . 47.31 26.58 -38.41
C3 NAG X . 48.47 25.76 -37.84
C4 NAG X . 49.78 26.54 -37.83
C5 NAG X . 49.55 27.86 -37.10
C6 NAG X . 50.79 28.71 -36.99
C7 NAG X . 45.29 25.33 -39.06
C8 NAG X . 44.03 24.68 -38.56
N2 NAG X . 46.06 25.91 -38.13
O3 NAG X . 48.64 24.58 -38.63
O4 NAG X . 50.80 25.79 -37.17
O5 NAG X . 48.59 28.59 -37.86
O6 NAG X . 50.63 29.96 -37.65
O7 NAG X . 45.57 25.33 -40.25
C1 NAG Y . 54.61 56.49 -52.23
C2 NAG Y . 53.46 55.53 -51.89
C3 NAG Y . 52.14 56.28 -51.77
C4 NAG Y . 52.29 57.47 -50.83
C5 NAG Y . 53.43 58.36 -51.30
C6 NAG Y . 53.69 59.52 -50.37
C7 NAG Y . 53.99 53.29 -52.78
C8 NAG Y . 53.80 52.34 -53.93
N2 NAG Y . 53.38 54.48 -52.90
O3 NAG Y . 51.14 55.40 -51.27
O4 NAG Y . 51.08 58.22 -50.78
O5 NAG Y . 54.63 57.59 -51.32
O6 NAG Y . 53.82 59.04 -49.04
O7 NAG Y . 54.65 52.99 -51.78
C1 FUC Y . 50.23 55.00 -52.31
C2 FUC Y . 49.77 53.55 -51.99
C3 FUC Y . 48.92 53.53 -50.71
C4 FUC Y . 47.72 54.51 -50.85
C5 FUC Y . 48.22 55.92 -51.26
C6 FUC Y . 47.10 56.92 -51.58
O2 FUC Y . 50.86 52.62 -51.87
O3 FUC Y . 48.39 52.22 -50.53
O4 FUC Y . 46.79 54.00 -51.78
O5 FUC Y . 49.11 55.88 -52.42
C1 NAG Y . 50.57 58.21 -49.43
C2 NAG Y . 49.35 59.15 -49.33
C3 NAG Y . 48.70 59.06 -47.95
C4 NAG Y . 48.44 57.62 -47.55
C5 NAG Y . 49.73 56.81 -47.66
C6 NAG Y . 49.55 55.34 -47.35
C7 NAG Y . 49.70 61.06 -50.85
C8 NAG Y . 50.17 62.48 -50.95
N2 NAG Y . 49.75 60.51 -49.62
O3 NAG Y . 47.48 59.80 -47.97
O4 NAG Y . 47.93 57.56 -46.22
O5 NAG Y . 50.21 56.89 -49.01
O6 NAG Y . 50.79 54.65 -47.36
O7 NAG Y . 49.30 60.44 -51.82
C1 FUC Y . 53.84 60.12 -48.09
C2 FUC Y . 53.25 59.56 -46.78
C3 FUC Y . 54.07 58.33 -46.36
C4 FUC Y . 55.50 58.81 -46.09
C5 FUC Y . 56.06 59.52 -47.34
C6 FUC Y . 57.39 60.22 -47.09
O2 FUC Y . 51.86 59.24 -46.88
O3 FUC Y . 53.55 57.74 -45.17
O4 FUC Y . 55.49 59.71 -44.99
O5 FUC Y . 55.15 60.54 -47.87
C1 NAG Z . -0.86 2.29 -31.18
C2 NAG Z . -1.78 1.15 -31.56
C3 NAG Z . -2.24 1.31 -33.02
C4 NAG Z . -2.80 2.70 -33.26
C5 NAG Z . -1.84 3.77 -32.75
C6 NAG Z . -2.42 5.16 -32.82
C7 NAG Z . -1.57 -1.08 -30.57
C8 NAG Z . -0.75 -2.33 -30.48
N2 NAG Z . -1.11 -0.13 -31.38
O3 NAG Z . -3.24 0.34 -33.31
O4 NAG Z . -2.95 2.89 -34.66
O5 NAG Z . -1.52 3.53 -31.37
O6 NAG Z . -3.46 5.33 -31.85
O7 NAG Z . -2.61 -0.93 -29.93
C1 NAG Z . -4.32 3.09 -35.02
C2 NAG Z . -4.35 3.89 -36.31
C3 NAG Z . -5.78 4.10 -36.76
C4 NAG Z . -6.50 2.76 -36.87
C5 NAG Z . -6.37 1.96 -35.58
C6 NAG Z . -6.90 0.56 -35.71
C7 NAG Z . -2.41 5.37 -36.58
C8 NAG Z . -1.86 6.74 -36.37
N2 NAG Z . -3.67 5.17 -36.17
O3 NAG Z . -5.77 4.77 -38.02
O4 NAG Z . -7.89 2.94 -37.13
O5 NAG Z . -4.98 1.84 -35.21
O6 NAG Z . -6.43 -0.05 -36.90
O7 NAG Z . -1.74 4.47 -37.08
C1 BMA Z . -8.11 2.83 -38.56
C2 BMA Z . -9.57 2.41 -38.78
C3 BMA Z . -9.87 2.46 -40.29
C4 BMA Z . -9.47 3.82 -40.89
C5 BMA Z . -7.98 4.05 -40.60
C6 BMA Z . -7.45 5.35 -41.14
O2 BMA Z . -10.46 3.31 -38.14
O3 BMA Z . -11.24 2.17 -40.57
O4 BMA Z . -9.68 3.85 -42.28
O5 BMA Z . -7.85 4.08 -39.17
O6 BMA Z . -8.40 5.85 -42.07
C1 MAN Z . -8.11 7.23 -42.35
C2 MAN Z . -8.27 8.03 -41.05
C3 MAN Z . -9.76 7.98 -40.61
C4 MAN Z . -10.70 8.48 -41.72
C5 MAN Z . -10.42 7.66 -43.00
C6 MAN Z . -11.23 8.14 -44.20
O2 MAN Z . -7.92 9.39 -41.29
O3 MAN Z . -10.06 8.56 -39.30
O4 MAN Z . -12.06 8.31 -41.34
O5 MAN Z . -9.01 7.73 -43.34
O6 MAN Z . -10.97 7.26 -45.30
C1 MAN Z . -10.16 10.00 -39.27
C2 MAN Z . -8.94 10.52 -38.49
C3 MAN Z . -9.06 10.04 -37.04
C4 MAN Z . -10.38 10.57 -36.44
C5 MAN Z . -11.57 10.08 -37.29
C6 MAN Z . -12.89 10.68 -36.82
O2 MAN Z . -8.93 11.95 -38.43
O3 MAN Z . -7.95 10.44 -36.26
O4 MAN Z . -10.52 10.10 -35.11
O5 MAN Z . -11.38 10.44 -38.69
O6 MAN Z . -13.94 10.10 -37.57
C1 MAN Z . -11.42 0.75 -40.75
C2 MAN Z . -12.68 0.54 -41.66
C3 MAN Z . -13.95 0.96 -40.89
C4 MAN Z . -14.02 0.27 -39.50
C5 MAN Z . -12.72 0.50 -38.70
C6 MAN Z . -12.68 -0.28 -37.41
O2 MAN Z . -12.89 -0.84 -41.99
O3 MAN Z . -15.11 0.70 -41.65
O4 MAN Z . -15.11 0.78 -38.75
O5 MAN Z . -11.57 0.08 -39.50
O6 MAN Z . -11.40 -0.04 -36.81
C1 NAG AA . -10.07 -7.42 -9.27
C2 NAG AA . -10.53 -8.12 -7.93
C3 NAG AA . -11.62 -9.24 -8.08
C4 NAG AA . -12.05 -9.59 -9.51
C5 NAG AA . -11.03 -9.10 -10.50
C6 NAG AA . -11.42 -9.31 -11.95
C7 NAG AA . -9.02 -8.24 -5.98
C8 NAG AA . -7.81 -8.90 -5.40
N2 NAG AA . -9.38 -8.64 -7.20
O1 NAG AA . -10.03 -6.05 -9.07
O3 NAG AA . -12.76 -8.87 -7.31
O4 NAG AA . -12.24 -10.99 -9.65
O5 NAG AA . -10.94 -7.70 -10.29
O6 NAG AA . -12.83 -9.31 -12.14
O7 NAG AA . -9.66 -7.39 -5.36
C1 GAL AA . -13.42 -11.28 -8.84
C2 GAL AA . -14.37 -12.20 -9.66
C3 GAL AA . -15.52 -12.70 -8.78
C4 GAL AA . -14.97 -13.37 -7.52
C5 GAL AA . -14.02 -12.40 -6.84
C6 GAL AA . -13.29 -12.97 -5.64
O2 GAL AA . -14.95 -11.54 -10.76
O3 GAL AA . -16.34 -13.67 -9.45
O4 GAL AA . -14.25 -14.54 -7.89
O5 GAL AA . -12.98 -12.00 -7.72
O6 GAL AA . -12.33 -12.07 -5.11
C1 SIA AA . -12.29 -13.05 -3.01
C2 SIA AA . -11.48 -12.17 -4.05
C3 SIA AA . -11.02 -10.83 -3.47
C4 SIA AA . -10.03 -11.03 -2.34
C5 SIA AA . -8.80 -11.77 -2.88
C6 SIA AA . -9.25 -13.12 -3.50
C7 SIA AA . -8.15 -13.97 -4.19
C8 SIA AA . -8.76 -15.29 -4.71
C9 SIA AA . -7.68 -16.31 -5.12
C10 SIA AA . -6.48 -11.81 -2.00
C11 SIA AA . -5.59 -12.00 -0.78
N5 SIA AA . -7.81 -11.94 -1.80
O1A SIA AA . -12.02 -14.29 -3.06
O1B SIA AA . -13.10 -12.42 -2.28
O4 SIA AA . -9.61 -9.81 -1.70
O6 SIA AA . -10.29 -12.91 -4.47
O7 SIA AA . -7.53 -13.25 -5.26
O8 SIA AA . -9.67 -15.82 -3.75
O9 SIA AA . -8.31 -17.44 -5.73
O10 SIA AA . -5.99 -11.53 -3.09
C1 GAL BA . 28.43 84.85 -48.03
C2 GAL BA . 27.46 85.71 -47.19
C3 GAL BA . 27.19 85.05 -45.84
C4 GAL BA . 26.68 83.61 -46.03
C5 GAL BA . 27.63 82.85 -46.96
C6 GAL BA . 27.13 81.49 -47.41
O1 GAL BA . 28.69 85.40 -49.31
O2 GAL BA . 27.97 87.00 -46.94
O3 GAL BA . 26.20 85.77 -45.10
O4 GAL BA . 25.36 83.60 -46.59
O5 GAL BA . 27.87 83.56 -48.19
O6 GAL BA . 28.01 80.93 -48.37
C1 SIA BA . 27.74 78.70 -47.91
C2 SIA BA . 28.11 79.75 -49.06
C3 SIA BA . 29.40 79.43 -49.82
C4 SIA BA . 29.27 78.21 -50.73
C5 SIA BA . 28.10 78.35 -51.70
C6 SIA BA . 26.82 78.72 -50.91
C7 SIA BA . 25.58 79.07 -51.78
C8 SIA BA . 24.35 79.30 -50.89
C9 SIA BA . 23.09 79.25 -51.74
C10 SIA BA . 27.89 76.96 -53.76
C11 SIA BA . 27.65 75.54 -54.29
N5 SIA BA . 27.90 77.10 -52.40
O1A SIA BA . 26.54 78.31 -47.91
O1B SIA BA . 28.68 78.38 -47.15
O4 SIA BA . 30.47 78.00 -51.49
O6 SIA BA . 27.04 79.84 -50.06
O7 SIA BA . 25.83 80.19 -52.63
O8 SIA BA . 24.32 78.36 -49.78
O9 SIA BA . 21.95 79.57 -50.95
O10 SIA BA . 28.04 77.89 -54.53
C1 NAG CA . -49.28 -62.96 79.72
C2 NAG CA . -48.44 -62.20 78.61
C3 NAG CA . -48.59 -60.65 78.61
C4 NAG CA . -48.87 -60.02 79.98
C5 NAG CA . -48.66 -61.06 81.06
C6 NAG CA . -48.96 -60.53 82.44
C7 NAG CA . -46.48 -63.25 77.58
C8 NAG CA . -45.02 -63.59 77.73
N2 NAG CA . -47.03 -62.60 78.60
O1 NAG CA . -50.41 -63.51 79.15
O3 NAG CA . -49.59 -60.26 77.67
O4 NAG CA . -48.05 -58.88 80.21
O5 NAG CA . -49.61 -62.08 80.79
O6 NAG CA . -50.04 -59.60 82.44
O7 NAG CA . -47.11 -63.56 76.57
C1 GAL CA . -48.39 -57.92 79.17
C2 GAL CA . -48.58 -56.54 79.87
C3 GAL CA . -48.71 -55.40 78.85
C4 GAL CA . -47.53 -55.43 77.89
C5 GAL CA . -47.46 -56.81 77.25
C6 GAL CA . -46.27 -57.01 76.33
O2 GAL CA . -49.74 -56.51 80.69
O3 GAL CA . -48.71 -54.12 79.46
O4 GAL CA . -46.32 -55.18 78.60
O5 GAL CA . -47.31 -57.82 78.25
O6 GAL CA . -45.96 -58.39 76.14
C1 SIA CA . -44.65 -57.96 74.20
C2 SIA CA . -45.02 -58.98 75.36
C3 SIA CA . -45.46 -60.35 74.83
C4 SIA CA . -44.32 -61.03 74.09
C5 SIA CA . -43.17 -61.25 75.06
C6 SIA CA . -42.73 -59.89 75.65
C7 SIA CA . -41.65 -59.92 76.77
C8 SIA CA . -41.23 -58.50 77.21
C9 SIA CA . -39.96 -58.49 78.05
C10 SIA CA . -41.28 -62.86 74.95
C11 SIA CA . -40.17 -63.44 74.08
N5 SIA CA . -42.05 -61.91 74.38
O1A SIA CA . -45.38 -58.02 73.17
O1B SIA CA . -43.67 -57.21 74.47
O4 SIA CA . -44.68 -62.28 73.46
O6 SIA CA . -43.85 -59.20 76.22
O7 SIA CA . -42.09 -60.70 77.87
O8 SIA CA . -41.09 -57.65 76.07
O9 SIA CA . -39.75 -57.17 78.57
O10 SIA CA . -41.44 -63.23 76.11
C1 GAL DA . 23.86 4.29 -6.09
C2 GAL DA . 25.29 3.75 -6.32
C3 GAL DA . 26.19 4.78 -7.02
C4 GAL DA . 25.50 5.39 -8.26
C5 GAL DA . 24.10 5.86 -7.87
C6 GAL DA . 23.26 6.37 -9.03
O1 GAL DA . 22.98 3.29 -5.58
O2 GAL DA . 25.95 3.42 -5.12
O3 GAL DA . 27.42 4.19 -7.44
O4 GAL DA . 25.43 4.44 -9.32
O5 GAL DA . 23.34 4.79 -7.30
O6 GAL DA . 21.93 6.64 -8.61
C1 SIA DA . 21.54 8.45 -10.08
C2 SIA DA . 20.92 7.18 -9.34
C3 SIA DA . 19.69 7.56 -8.51
C4 SIA DA . 18.47 7.91 -9.36
C5 SIA DA . 18.15 6.82 -10.38
C6 SIA DA . 19.44 6.47 -11.16
C7 SIA DA . 19.33 5.28 -12.17
C8 SIA DA . 20.67 5.08 -12.91
C9 SIA DA . 20.51 4.12 -14.08
C10 SIA DA . 16.00 6.64 -11.61
C11 SIA DA . 15.08 7.33 -12.61
N5 SIA DA . 17.15 7.31 -11.32
O1A SIA DA . 21.69 9.47 -9.38
O1B SIA DA . 21.83 8.26 -11.30
O4 SIA DA . 17.30 8.12 -8.55
O6 SIA DA . 20.52 6.14 -10.29
O7 SIA DA . 18.87 4.09 -11.53
O8 SIA DA . 21.24 6.34 -13.33
O9 SIA DA . 21.78 3.96 -14.69
O10 SIA DA . 15.70 5.56 -11.12
C1 NAG EA . 13.14 -11.74 9.67
C2 NAG EA . 14.44 -11.53 10.45
C3 NAG EA . 15.21 -10.35 9.89
C4 NAG EA . 15.48 -10.55 8.40
C5 NAG EA . 14.16 -10.80 7.66
C6 NAG EA . 14.34 -11.12 6.19
C7 NAG EA . 13.48 -10.42 12.44
C8 NAG EA . 13.36 -10.47 13.94
N2 NAG EA . 14.20 -11.39 11.88
O3 NAG EA . 16.45 -10.18 10.58
O4 NAG EA . 16.14 -9.43 7.85
O5 NAG EA . 13.43 -11.90 8.25
O6 NAG EA . 15.04 -12.35 6.00
O7 NAG EA . 12.94 -9.53 11.78
C1 NAG FA . -37.49 -79.13 65.14
C2 NAG FA . -37.10 -78.09 66.23
C3 NAG FA . -37.67 -78.47 67.61
C4 NAG FA . -39.15 -78.83 67.51
C5 NAG FA . -39.34 -79.90 66.44
C6 NAG FA . -40.79 -80.31 66.25
C7 NAG FA . -34.91 -77.27 65.46
C8 NAG FA . -33.42 -77.26 65.72
N2 NAG FA . -35.65 -77.97 66.32
O3 NAG FA . -37.51 -77.36 68.48
O4 NAG FA . -39.61 -79.31 68.78
O5 NAG FA . -38.89 -79.37 65.20
O6 NAG FA . -41.59 -79.25 65.74
O7 NAG FA . -35.40 -76.66 64.51
O1 PG4 GA . -12.32 -60.98 30.11
C1 PG4 GA . -13.69 -61.22 29.78
C2 PG4 GA . -14.64 -60.45 30.67
O2 PG4 GA . -15.88 -60.22 29.98
C3 PG4 GA . -17.02 -60.64 30.73
C4 PG4 GA . -16.79 -62.00 31.32
O3 PG4 GA . -18.01 -62.56 31.85
C5 PG4 GA . -17.84 -63.97 31.89
C6 PG4 GA . -17.36 -64.41 33.24
O4 PG4 GA . -16.91 -65.76 33.25
C7 PG4 GA . -17.95 -66.55 32.68
C8 PG4 GA . -18.89 -66.96 33.76
O5 PG4 GA . -18.17 -67.07 34.98
C5 PG0 HA . -52.51 -74.88 49.45
O2 PG0 HA . -52.41 -76.18 48.95
C4 PG0 HA . -51.39 -76.94 49.53
C3 PG0 HA . -51.98 -78.11 50.32
O1 PG0 HA . -51.02 -79.13 50.45
C2 PG0 HA . -51.52 -80.43 50.45
C1 PG0 HA . -52.62 -80.55 49.38
OTT PG0 HA . -52.09 -81.01 48.17
C1 NAG IA . -9.96 1.20 -1.08
C2 NAG IA . -8.61 0.56 -1.43
C3 NAG IA . -8.49 -0.82 -0.79
C4 NAG IA . -8.72 -0.72 0.72
C5 NAG IA . -10.05 -0.05 1.03
C6 NAG IA . -10.25 0.23 2.51
C7 NAG IA . -9.05 -0.34 -3.72
C8 NAG IA . -8.67 -0.21 -5.18
N2 NAG IA . -8.40 0.48 -2.88
O3 NAG IA . -7.21 -1.37 -1.05
O4 NAG IA . -8.68 -2.01 1.31
O5 NAG IA . -10.13 1.22 0.35
O6 NAG IA . -9.44 1.32 2.96
O7 NAG IA . -9.90 -1.14 -3.35
C1 NAG JA . -24.90 -77.56 70.11
C2 NAG JA . -24.22 -78.80 69.49
C3 NAG JA . -24.50 -80.05 70.33
C4 NAG JA . -24.19 -79.81 71.80
C5 NAG JA . -24.99 -78.61 72.28
C6 NAG JA . -24.78 -78.28 73.75
C7 NAG JA . -23.81 -79.06 67.07
C8 NAG JA . -24.44 -79.27 65.73
N2 NAG JA . -24.65 -78.99 68.12
O3 NAG JA . -23.69 -81.13 69.84
O4 NAG JA . -24.55 -80.96 72.57
O5 NAG JA . -24.59 -77.45 71.51
O6 NAG JA . -23.46 -77.82 74.02
O7 NAG JA . -22.59 -78.97 67.21
C1 PEG KA . -13.50 -5.05 31.10
O1 PEG KA . -12.64 -5.12 29.97
C2 PEG KA . -12.73 -4.84 32.38
O2 PEG KA . -11.86 -5.95 32.65
C3 PEG KA . -12.45 -7.22 32.39
C4 PEG KA . -11.76 -8.29 33.18
O4 PEG KA . -12.59 -9.43 33.38
C1 NAG LA . 3.98 -1.33 10.37
C2 NAG LA . 3.90 -2.49 9.34
C3 NAG LA . 4.24 -2.01 7.93
C4 NAG LA . 3.48 -0.75 7.57
C5 NAG LA . 3.72 0.32 8.64
C6 NAG LA . 3.01 1.63 8.39
C7 NAG LA . 4.52 -4.47 10.69
C8 NAG LA . 5.55 -5.52 10.93
N2 NAG LA . 4.78 -3.59 9.72
O3 NAG LA . 3.92 -3.04 7.01
O4 NAG LA . 3.91 -0.26 6.31
O5 NAG LA . 3.25 -0.20 9.90
O6 NAG LA . 1.63 1.58 8.71
O7 NAG LA . 3.47 -4.42 11.34
O1 PG4 MA . -0.47 -19.46 43.24
C1 PG4 MA . -1.15 -18.66 44.19
C2 PG4 MA . -1.46 -19.42 45.43
O2 PG4 MA . -0.97 -20.75 45.28
C3 PG4 MA . -2.00 -21.71 45.06
C4 PG4 MA . -3.18 -21.46 45.93
O3 PG4 MA . -4.23 -22.39 45.66
C5 PG4 MA . -4.07 -23.49 46.55
C6 PG4 MA . -5.34 -24.25 46.73
O4 PG4 MA . -5.30 -25.00 47.93
C7 PG4 MA . -4.19 -25.90 47.80
C8 PG4 MA . -3.37 -25.90 49.04
O5 PG4 MA . -2.44 -26.98 49.04
C1 PEG NA . -9.46 -10.68 32.27
O1 PEG NA . -9.85 -10.96 30.92
C2 PEG NA . -9.00 -11.90 33.00
O2 PEG NA . -10.07 -12.85 33.15
C3 PEG NA . -11.33 -12.25 33.45
C4 PEG NA . -11.93 -12.92 34.64
O4 PEG NA . -12.46 -14.20 34.31
C1 PEG OA . -29.76 -34.58 65.08
O1 PEG OA . -29.94 -35.91 65.53
C2 PEG OA . -28.37 -34.07 65.38
O2 PEG OA . -28.29 -32.67 65.11
C3 PEG OA . -29.48 -31.96 65.42
C4 PEG OA . -29.33 -30.51 65.06
O4 PEG OA . -28.27 -29.92 65.78
C1 NAG PA . -3.85 7.24 -22.50
C2 NAG PA . -5.32 7.34 -22.97
C3 NAG PA . -6.21 6.31 -22.23
C4 NAG PA . -5.61 4.92 -22.36
C5 NAG PA . -4.18 4.92 -21.84
C6 NAG PA . -3.50 3.57 -21.94
C7 NAG PA . -6.00 9.55 -23.79
C8 NAG PA . -6.56 10.89 -23.43
N2 NAG PA . -5.85 8.68 -22.78
O3 NAG PA . -7.51 6.36 -22.78
O4 NAG PA . -6.39 3.98 -21.62
O5 NAG PA . -3.40 5.85 -22.60
O6 NAG PA . -3.72 2.93 -23.18
O7 NAG PA . -5.68 9.27 -24.94
C1 NAG QA . 44.81 76.56 -77.01
C2 NAG QA . 43.59 77.43 -76.61
C3 NAG QA . 43.78 78.90 -77.05
C4 NAG QA . 45.14 79.43 -76.66
C5 NAG QA . 46.23 78.51 -77.20
C6 NAG QA . 47.64 78.95 -76.87
C7 NAG QA . 41.58 76.01 -76.57
C8 NAG QA . 40.37 75.58 -77.34
N2 NAG QA . 42.37 76.89 -77.19
O3 NAG QA . 42.76 79.70 -76.47
O4 NAG QA . 45.34 80.75 -77.16
O5 NAG QA . 46.04 77.21 -76.64
O6 NAG QA . 47.92 78.79 -75.49
O7 NAG QA . 41.85 75.55 -75.46
C5 PG0 RA . 41.49 20.38 -33.57
O2 PG0 RA . 40.34 20.96 -34.16
C4 PG0 RA . 39.23 20.11 -34.12
C3 PG0 RA . 37.90 20.79 -34.42
O1 PG0 RA . 36.90 20.15 -33.64
C2 PG0 RA . 36.97 20.45 -32.27
C1 PG0 RA . 35.99 19.60 -31.46
OTT PG0 RA . 35.65 20.24 -30.24
#